data_2JO1
#
_entry.id   2JO1
#
_entity_poly.entity_id   1
_entity_poly.type   'polypeptide(L)'
_entity_poly.pdbx_seq_one_letter_code
;ESPKEHDPFTYDYQSLQIGGLVIAGILFILGILIVLSRRCRCKFNQQQRTGEPDEEEGTFRSSIRRLSTRRR
;
_entity_poly.pdbx_strand_id   A
#
# COMPACT_ATOMS: atom_id res chain seq x y z
N GLU A 1 -20.53 32.00 -24.33
CA GLU A 1 -19.88 30.67 -24.28
C GLU A 1 -19.88 30.17 -22.83
N SER A 2 -19.39 28.94 -22.64
CA SER A 2 -19.33 28.36 -21.30
C SER A 2 -17.97 27.73 -21.06
N PRO A 3 -16.92 28.50 -21.14
CA PRO A 3 -15.53 28.02 -20.92
C PRO A 3 -15.27 27.68 -19.44
N LYS A 4 -16.11 28.22 -18.57
CA LYS A 4 -15.96 27.98 -17.13
C LYS A 4 -16.41 26.56 -16.78
N GLU A 5 -17.38 26.04 -17.54
CA GLU A 5 -17.89 24.70 -17.29
C GLU A 5 -16.75 23.68 -17.33
N HIS A 6 -15.77 23.93 -18.20
CA HIS A 6 -14.63 23.02 -18.34
C HIS A 6 -13.83 22.97 -17.04
N ASP A 7 -13.71 24.10 -16.36
CA ASP A 7 -12.97 24.16 -15.11
C ASP A 7 -13.84 23.66 -13.95
N PRO A 8 -13.22 23.29 -12.84
CA PRO A 8 -13.95 22.79 -11.65
C PRO A 8 -14.73 23.90 -10.95
N PHE A 9 -14.43 25.15 -11.30
CA PHE A 9 -15.11 26.28 -10.68
C PHE A 9 -16.62 26.08 -10.69
N THR A 10 -17.14 25.58 -11.80
CA THR A 10 -18.58 25.35 -11.93
C THR A 10 -19.03 24.26 -10.95
N TYR A 11 -18.12 23.37 -10.60
CA TYR A 11 -18.44 22.27 -9.69
C TYR A 11 -17.89 22.56 -8.29
N ASP A 12 -18.71 22.27 -7.27
CA ASP A 12 -18.29 22.50 -5.89
C ASP A 12 -17.52 21.29 -5.37
N TYR A 13 -17.37 20.29 -6.23
CA TYR A 13 -16.64 19.07 -5.87
C TYR A 13 -15.14 19.26 -6.07
N GLN A 14 -14.67 20.48 -5.86
CA GLN A 14 -13.25 20.78 -6.04
C GLN A 14 -12.39 19.80 -5.24
N SER A 15 -12.75 19.60 -3.97
CA SER A 15 -11.99 18.69 -3.12
C SER A 15 -12.43 17.24 -3.29
N LEU A 16 -13.70 17.03 -3.58
CA LEU A 16 -14.23 15.67 -3.73
C LEU A 16 -13.93 15.09 -5.11
N GLN A 17 -13.33 15.90 -5.98
CA GLN A 17 -13.01 15.44 -7.33
C GLN A 17 -11.82 14.48 -7.33
N ILE A 18 -10.75 14.84 -6.63
CA ILE A 18 -9.56 13.99 -6.57
C ILE A 18 -9.56 13.11 -5.34
N GLY A 19 -10.22 13.56 -4.29
CA GLY A 19 -10.28 12.82 -3.03
C GLY A 19 -10.39 11.31 -3.26
N GLY A 20 -11.61 10.85 -3.52
CA GLY A 20 -11.86 9.43 -3.74
C GLY A 20 -10.79 8.78 -4.63
N LEU A 21 -10.32 9.52 -5.63
CA LEU A 21 -9.31 8.99 -6.55
C LEU A 21 -7.97 8.71 -5.85
N VAL A 22 -7.53 9.64 -5.02
CA VAL A 22 -6.25 9.49 -4.33
C VAL A 22 -6.28 8.37 -3.29
N ILE A 23 -7.29 8.37 -2.44
CA ILE A 23 -7.40 7.35 -1.40
C ILE A 23 -7.61 5.96 -1.99
N ALA A 24 -8.44 5.85 -3.01
CA ALA A 24 -8.69 4.57 -3.65
C ALA A 24 -7.39 3.99 -4.21
N GLY A 25 -6.62 4.85 -4.88
CA GLY A 25 -5.36 4.43 -5.46
C GLY A 25 -4.36 3.98 -4.41
N ILE A 26 -4.38 4.64 -3.25
CA ILE A 26 -3.45 4.27 -2.19
C ILE A 26 -3.74 2.86 -1.66
N LEU A 27 -5.03 2.50 -1.59
CA LEU A 27 -5.41 1.18 -1.11
C LEU A 27 -4.88 0.10 -2.06
N PHE A 28 -5.10 0.30 -3.35
CA PHE A 28 -4.65 -0.65 -4.37
C PHE A 28 -3.13 -0.64 -4.52
N ILE A 29 -2.52 0.54 -4.40
CA ILE A 29 -1.06 0.66 -4.51
C ILE A 29 -0.42 -0.09 -3.37
N LEU A 30 -0.96 0.13 -2.17
CA LEU A 30 -0.52 -0.55 -0.99
C LEU A 30 -0.83 -2.00 -1.23
N GLY A 31 -1.95 -2.17 -1.92
CA GLY A 31 -2.43 -3.52 -2.25
C GLY A 31 -1.39 -4.31 -3.06
N ILE A 32 -0.93 -3.71 -4.16
CA ILE A 32 0.05 -4.36 -5.03
C ILE A 32 1.36 -4.59 -4.29
N LEU A 33 1.83 -3.58 -3.57
CA LEU A 33 3.08 -3.72 -2.82
C LEU A 33 2.91 -4.80 -1.76
N ILE A 34 1.78 -4.76 -1.07
CA ILE A 34 1.50 -5.74 -0.02
C ILE A 34 1.46 -7.16 -0.59
N VAL A 35 0.77 -7.33 -1.71
CA VAL A 35 0.65 -8.65 -2.32
C VAL A 35 2.03 -9.25 -2.63
N LEU A 36 2.86 -8.47 -3.32
CA LEU A 36 4.20 -8.95 -3.66
C LEU A 36 5.05 -9.10 -2.41
N SER A 37 4.80 -8.25 -1.41
CA SER A 37 5.55 -8.29 -0.16
C SER A 37 5.38 -9.63 0.55
N ARG A 38 4.19 -10.21 0.46
CA ARG A 38 3.93 -11.48 1.13
C ARG A 38 4.92 -12.55 0.66
N ARG A 39 5.31 -12.47 -0.61
CA ARG A 39 6.26 -13.43 -1.17
C ARG A 39 7.60 -13.32 -0.45
N CYS A 40 7.94 -12.11 0.00
CA CYS A 40 9.20 -11.89 0.69
C CYS A 40 9.29 -12.76 1.94
N ARG A 41 8.17 -12.89 2.64
CA ARG A 41 8.13 -13.69 3.86
C ARG A 41 8.44 -15.16 3.56
N CYS A 42 7.83 -15.69 2.51
CA CYS A 42 8.04 -17.08 2.14
C CYS A 42 9.37 -17.25 1.39
N LYS A 43 9.74 -16.24 0.62
CA LYS A 43 10.98 -16.30 -0.14
C LYS A 43 12.20 -16.14 0.76
N PHE A 44 12.04 -15.41 1.85
CA PHE A 44 13.14 -15.17 2.77
C PHE A 44 13.60 -16.45 3.46
N ASN A 45 12.66 -17.23 3.97
CA ASN A 45 13.02 -18.48 4.67
C ASN A 45 13.40 -19.56 3.66
N GLN A 46 14.68 -19.89 3.61
CA GLN A 46 15.16 -20.92 2.71
C GLN A 46 14.45 -22.24 3.01
N GLN A 47 14.11 -22.43 4.28
CA GLN A 47 13.42 -23.66 4.70
C GLN A 47 12.07 -23.77 3.99
N GLN A 48 11.38 -22.64 3.88
CA GLN A 48 10.07 -22.62 3.23
C GLN A 48 10.21 -22.85 1.73
N ARG A 49 11.16 -22.15 1.12
CA ARG A 49 11.39 -22.28 -0.32
C ARG A 49 12.88 -22.44 -0.62
N THR A 50 13.19 -23.14 -1.70
CA THR A 50 14.57 -23.36 -2.10
C THR A 50 15.29 -22.03 -2.32
N GLY A 51 14.54 -21.04 -2.79
CA GLY A 51 15.11 -19.72 -3.04
C GLY A 51 15.88 -19.21 -1.83
N GLU A 52 16.93 -18.44 -2.09
CA GLU A 52 17.74 -17.89 -1.01
C GLU A 52 17.30 -16.46 -0.67
N PRO A 53 17.59 -15.99 0.52
CA PRO A 53 17.20 -14.62 0.95
C PRO A 53 17.30 -13.61 -0.18
N ASP A 54 16.47 -12.57 -0.11
CA ASP A 54 16.48 -11.53 -1.14
C ASP A 54 15.74 -10.29 -0.65
N GLU A 55 15.86 -9.21 -1.42
CA GLU A 55 15.19 -7.95 -1.06
C GLU A 55 15.81 -7.36 0.20
N GLU A 56 16.72 -8.11 0.82
CA GLU A 56 17.38 -7.65 2.04
C GLU A 56 16.34 -7.31 3.11
N GLU A 57 15.07 -7.57 2.81
CA GLU A 57 14.00 -7.30 3.76
C GLU A 57 14.01 -8.34 4.88
N GLY A 58 13.73 -9.58 4.53
CA GLY A 58 13.70 -10.65 5.52
C GLY A 58 12.48 -10.54 6.40
N THR A 59 12.56 -11.12 7.60
CA THR A 59 11.44 -11.06 8.54
C THR A 59 11.34 -9.66 9.13
N PHE A 60 11.54 -8.65 8.30
CA PHE A 60 11.46 -7.26 8.75
C PHE A 60 10.03 -6.92 9.12
N ARG A 61 9.11 -7.33 8.27
CA ARG A 61 7.69 -7.09 8.50
C ARG A 61 7.27 -7.76 9.80
N SER A 62 7.91 -8.89 10.11
CA SER A 62 7.61 -9.63 11.31
C SER A 62 7.88 -8.77 12.55
N SER A 63 8.87 -7.89 12.46
CA SER A 63 9.19 -7.02 13.59
C SER A 63 8.01 -6.09 13.86
N ILE A 64 7.25 -5.79 12.81
CA ILE A 64 6.09 -4.92 12.94
C ILE A 64 5.00 -5.62 13.74
N ARG A 65 4.91 -6.95 13.61
CA ARG A 65 3.90 -7.70 14.35
C ARG A 65 4.08 -7.46 15.83
N ARG A 66 5.31 -7.22 16.25
CA ARG A 66 5.59 -6.93 17.64
C ARG A 66 4.74 -5.75 18.06
N LEU A 67 4.54 -4.84 17.11
CA LEU A 67 3.74 -3.64 17.34
C LEU A 67 2.34 -4.01 17.82
N SER A 68 1.90 -5.23 17.51
CA SER A 68 0.57 -5.68 17.89
C SER A 68 0.48 -5.93 19.40
N THR A 69 1.45 -6.66 19.96
CA THR A 69 1.43 -6.97 21.39
C THR A 69 2.49 -6.15 22.13
N ARG A 70 3.65 -5.99 21.52
CA ARG A 70 4.74 -5.22 22.11
C ARG A 70 5.11 -5.73 23.50
N ARG A 71 5.11 -4.84 24.48
CA ARG A 71 5.48 -5.19 25.85
C ARG A 71 4.65 -6.37 26.36
N ARG A 72 5.31 -7.25 27.11
CA ARG A 72 4.65 -8.41 27.68
C ARG A 72 3.26 -8.05 28.18
N GLU A 1 -21.99 29.77 -19.38
CA GLU A 1 -22.04 31.10 -20.05
C GLU A 1 -23.49 31.56 -20.15
N SER A 2 -24.42 30.60 -20.09
CA SER A 2 -25.84 30.92 -20.18
C SER A 2 -26.63 30.12 -19.14
N PRO A 3 -27.83 30.53 -18.85
CA PRO A 3 -28.70 29.84 -17.85
C PRO A 3 -29.18 28.48 -18.35
N LYS A 4 -29.18 28.31 -19.67
CA LYS A 4 -29.62 27.05 -20.26
C LYS A 4 -28.57 25.96 -20.07
N GLU A 5 -27.32 26.38 -19.83
CA GLU A 5 -26.23 25.43 -19.63
C GLU A 5 -25.95 25.25 -18.15
N HIS A 6 -25.45 24.06 -17.79
CA HIS A 6 -25.14 23.75 -16.40
C HIS A 6 -23.62 23.65 -16.21
N ASP A 7 -23.15 24.01 -15.01
CA ASP A 7 -21.73 23.97 -14.70
C ASP A 7 -21.49 23.24 -13.37
N PRO A 8 -20.29 22.79 -13.14
CA PRO A 8 -19.94 22.07 -11.88
C PRO A 8 -19.93 22.98 -10.67
N PHE A 9 -20.08 24.27 -10.91
CA PHE A 9 -20.09 25.25 -9.83
C PHE A 9 -21.03 24.81 -8.71
N THR A 10 -22.11 24.13 -9.08
CA THR A 10 -23.08 23.65 -8.10
C THR A 10 -22.37 22.90 -6.97
N TYR A 11 -21.39 22.10 -7.33
CA TYR A 11 -20.62 21.33 -6.34
C TYR A 11 -19.14 21.53 -6.55
N ASP A 12 -18.40 21.67 -5.44
CA ASP A 12 -16.96 21.88 -5.49
C ASP A 12 -16.23 20.64 -4.98
N TYR A 13 -15.91 19.73 -5.90
CA TYR A 13 -15.20 18.50 -5.54
C TYR A 13 -13.70 18.70 -5.70
N GLN A 14 -13.24 19.92 -5.48
CA GLN A 14 -11.81 20.22 -5.63
C GLN A 14 -10.96 19.26 -4.81
N SER A 15 -11.31 19.09 -3.53
CA SER A 15 -10.56 18.19 -2.67
C SER A 15 -11.03 16.75 -2.82
N LEU A 16 -12.32 16.57 -3.09
CA LEU A 16 -12.89 15.23 -3.24
C LEU A 16 -12.57 14.65 -4.62
N GLN A 17 -11.96 15.46 -5.48
CA GLN A 17 -11.63 15.00 -6.83
C GLN A 17 -10.46 14.01 -6.82
N ILE A 18 -9.36 14.42 -6.20
CA ILE A 18 -8.17 13.57 -6.12
C ILE A 18 -8.19 12.70 -4.86
N GLY A 19 -9.18 12.92 -4.01
CA GLY A 19 -9.28 12.16 -2.77
C GLY A 19 -9.21 10.66 -3.01
N GLY A 20 -10.36 10.00 -2.92
CA GLY A 20 -10.44 8.55 -3.10
C GLY A 20 -9.44 8.01 -4.13
N LEU A 21 -9.14 8.82 -5.14
CA LEU A 21 -8.19 8.39 -6.18
C LEU A 21 -6.81 8.17 -5.59
N VAL A 22 -6.31 9.16 -4.85
CA VAL A 22 -4.98 9.05 -4.26
C VAL A 22 -4.96 8.00 -3.16
N ILE A 23 -5.92 8.06 -2.25
CA ILE A 23 -5.99 7.09 -1.16
C ILE A 23 -6.08 5.67 -1.70
N ALA A 24 -6.95 5.48 -2.69
CA ALA A 24 -7.11 4.16 -3.30
C ALA A 24 -5.78 3.67 -3.84
N GLY A 25 -5.01 4.59 -4.40
CA GLY A 25 -3.71 4.25 -4.96
C GLY A 25 -2.78 3.67 -3.90
N ILE A 26 -2.79 4.27 -2.71
CA ILE A 26 -1.91 3.80 -1.64
C ILE A 26 -2.28 2.36 -1.21
N LEU A 27 -3.57 2.09 -1.05
CA LEU A 27 -4.02 0.76 -0.62
C LEU A 27 -3.53 -0.33 -1.59
N PHE A 28 -3.73 -0.10 -2.88
CA PHE A 28 -3.32 -1.06 -3.90
C PHE A 28 -1.80 -1.10 -4.02
N ILE A 29 -1.17 0.07 -3.96
CA ILE A 29 0.29 0.14 -4.04
C ILE A 29 0.89 -0.68 -2.92
N LEU A 30 0.32 -0.51 -1.73
CA LEU A 30 0.72 -1.30 -0.61
C LEU A 30 0.35 -2.71 -0.98
N GLY A 31 -0.74 -2.78 -1.73
CA GLY A 31 -1.26 -4.08 -2.17
C GLY A 31 -0.21 -4.88 -2.95
N ILE A 32 0.40 -4.25 -3.96
CA ILE A 32 1.40 -4.93 -4.77
C ILE A 32 2.69 -5.17 -3.99
N LEU A 33 3.13 -4.15 -3.26
CA LEU A 33 4.36 -4.28 -2.48
C LEU A 33 4.19 -5.37 -1.43
N ILE A 34 3.06 -5.35 -0.75
CA ILE A 34 2.78 -6.33 0.28
C ILE A 34 2.76 -7.76 -0.28
N VAL A 35 2.12 -7.95 -1.43
CA VAL A 35 2.02 -9.29 -2.02
C VAL A 35 3.40 -9.89 -2.33
N LEU A 36 4.23 -9.15 -3.05
CA LEU A 36 5.56 -9.65 -3.39
C LEU A 36 6.42 -9.77 -2.13
N SER A 37 6.16 -8.88 -1.18
CA SER A 37 6.92 -8.89 0.08
C SER A 37 6.75 -10.21 0.82
N ARG A 38 5.56 -10.78 0.75
CA ARG A 38 5.29 -12.04 1.44
C ARG A 38 6.28 -13.11 1.00
N ARG A 39 6.63 -13.10 -0.28
CA ARG A 39 7.56 -14.07 -0.83
C ARG A 39 8.90 -13.95 -0.12
N CYS A 40 9.23 -12.75 0.34
CA CYS A 40 10.49 -12.50 1.03
C CYS A 40 10.61 -13.38 2.28
N ARG A 41 9.50 -13.50 3.01
CA ARG A 41 9.49 -14.31 4.23
C ARG A 41 9.83 -15.76 3.91
N CYS A 42 9.21 -16.28 2.86
CA CYS A 42 9.45 -17.67 2.45
C CYS A 42 10.83 -17.81 1.82
N LYS A 43 11.17 -16.89 0.92
CA LYS A 43 12.46 -16.92 0.24
C LYS A 43 13.59 -16.64 1.21
N PHE A 44 13.31 -15.90 2.28
CA PHE A 44 14.32 -15.55 3.26
C PHE A 44 14.81 -16.80 4.01
N ASN A 45 13.87 -17.64 4.45
CA ASN A 45 14.24 -18.84 5.18
C ASN A 45 14.71 -19.93 4.21
N GLN A 46 16.00 -20.23 4.25
CA GLN A 46 16.57 -21.26 3.39
C GLN A 46 15.88 -22.60 3.63
N GLN A 47 15.51 -22.85 4.87
CA GLN A 47 14.86 -24.10 5.23
C GLN A 47 13.57 -24.28 4.43
N GLN A 48 12.81 -23.20 4.29
CA GLN A 48 11.55 -23.26 3.56
C GLN A 48 11.82 -23.47 2.07
N ARG A 49 12.74 -22.71 1.51
CA ARG A 49 13.09 -22.83 0.10
C ARG A 49 14.57 -22.55 -0.11
N THR A 50 15.20 -23.31 -1.00
CA THR A 50 16.61 -23.12 -1.29
C THR A 50 16.80 -22.13 -2.43
N GLY A 51 17.90 -21.38 -2.40
CA GLY A 51 18.18 -20.40 -3.44
C GLY A 51 19.05 -19.27 -2.90
N GLU A 52 18.93 -18.09 -3.51
CA GLU A 52 19.70 -16.93 -3.08
C GLU A 52 18.79 -15.90 -2.41
N PRO A 53 18.77 -15.79 -1.09
CA PRO A 53 17.90 -14.80 -0.40
C PRO A 53 18.15 -13.37 -0.91
N ASP A 54 17.10 -12.55 -0.86
CA ASP A 54 17.22 -11.16 -1.32
C ASP A 54 18.14 -10.38 -0.40
N GLU A 55 18.90 -9.45 -0.98
CA GLU A 55 19.82 -8.63 -0.21
C GLU A 55 19.08 -7.90 0.90
N GLU A 56 19.74 -7.76 2.06
CA GLU A 56 19.14 -7.08 3.20
C GLU A 56 18.10 -7.97 3.86
N GLU A 57 18.18 -9.27 3.62
CA GLU A 57 17.24 -10.22 4.20
C GLU A 57 15.80 -9.80 3.89
N GLY A 58 14.86 -10.71 4.16
CA GLY A 58 13.44 -10.44 3.90
C GLY A 58 12.64 -10.41 5.21
N THR A 59 13.23 -10.96 6.26
CA THR A 59 12.56 -11.00 7.56
C THR A 59 12.58 -9.61 8.21
N PHE A 60 12.82 -8.59 7.41
CA PHE A 60 12.84 -7.22 7.92
C PHE A 60 11.45 -6.81 8.33
N ARG A 61 10.49 -7.14 7.48
CA ARG A 61 9.09 -6.84 7.72
C ARG A 61 8.60 -7.59 8.95
N SER A 62 9.16 -8.78 9.18
CA SER A 62 8.76 -9.59 10.32
C SER A 62 9.00 -8.84 11.62
N SER A 63 10.03 -7.99 11.63
CA SER A 63 10.34 -7.21 12.82
C SER A 63 9.19 -6.25 13.11
N ILE A 64 8.45 -5.90 12.07
CA ILE A 64 7.31 -5.00 12.22
C ILE A 64 6.25 -5.61 13.12
N ARG A 65 6.13 -6.94 13.09
CA ARG A 65 5.15 -7.63 13.92
C ARG A 65 5.39 -7.28 15.37
N ARG A 66 6.64 -7.02 15.72
CA ARG A 66 6.96 -6.64 17.08
C ARG A 66 6.13 -5.43 17.45
N LEU A 67 5.91 -4.57 16.47
CA LEU A 67 5.10 -3.38 16.68
C LEU A 67 3.71 -3.76 17.19
N SER A 68 3.31 -5.00 16.92
CA SER A 68 2.00 -5.47 17.35
C SER A 68 1.92 -5.70 18.86
N THR A 69 2.92 -6.40 19.40
CA THR A 69 2.95 -6.68 20.83
C THR A 69 4.01 -5.84 21.53
N ARG A 70 5.17 -5.67 20.89
CA ARG A 70 6.24 -4.88 21.48
C ARG A 70 5.77 -3.46 21.80
N ARG A 71 5.53 -2.68 20.74
CA ARG A 71 5.09 -1.29 20.92
C ARG A 71 4.06 -1.21 22.05
N ARG A 72 3.20 -2.22 22.14
CA ARG A 72 2.18 -2.24 23.17
C ARG A 72 1.91 -3.67 23.64
N GLU A 1 -17.51 32.52 -13.79
CA GLU A 1 -18.64 31.70 -13.25
C GLU A 1 -19.44 31.12 -14.41
N SER A 2 -18.95 31.33 -15.63
CA SER A 2 -19.64 30.83 -16.82
C SER A 2 -18.96 29.56 -17.33
N PRO A 3 -19.65 28.80 -18.15
CA PRO A 3 -19.11 27.54 -18.72
C PRO A 3 -17.98 27.79 -19.72
N LYS A 4 -17.77 29.06 -20.06
CA LYS A 4 -16.73 29.42 -21.01
C LYS A 4 -15.35 29.33 -20.36
N GLU A 5 -15.33 29.14 -19.05
CA GLU A 5 -14.07 29.02 -18.32
C GLU A 5 -13.41 27.68 -18.60
N HIS A 6 -12.10 27.68 -18.78
CA HIS A 6 -11.36 26.46 -19.06
C HIS A 6 -10.72 25.91 -17.80
N ASP A 7 -10.96 26.59 -16.68
CA ASP A 7 -10.40 26.16 -15.40
C ASP A 7 -11.38 25.24 -14.67
N PRO A 8 -10.91 24.48 -13.71
CA PRO A 8 -11.77 23.55 -12.92
C PRO A 8 -12.68 24.29 -11.95
N PHE A 9 -12.29 25.51 -11.58
CA PHE A 9 -13.08 26.31 -10.66
C PHE A 9 -14.55 26.33 -11.07
N THR A 10 -14.80 26.04 -12.36
CA THR A 10 -16.16 26.03 -12.87
C THR A 10 -17.02 25.05 -12.08
N TYR A 11 -16.40 23.97 -11.58
CA TYR A 11 -17.11 22.97 -10.82
C TYR A 11 -16.76 23.07 -9.33
N ASP A 12 -17.78 22.93 -8.49
CA ASP A 12 -17.57 23.00 -7.04
C ASP A 12 -16.78 21.79 -6.55
N TYR A 13 -16.78 20.72 -7.34
CA TYR A 13 -16.05 19.51 -6.98
C TYR A 13 -14.55 19.71 -7.14
N GLN A 14 -14.09 20.93 -6.91
CA GLN A 14 -12.66 21.22 -7.05
C GLN A 14 -11.81 20.23 -6.27
N SER A 15 -12.12 20.05 -4.99
CA SER A 15 -11.37 19.13 -4.15
C SER A 15 -11.87 17.70 -4.31
N LEU A 16 -13.15 17.54 -4.60
CA LEU A 16 -13.75 16.22 -4.75
C LEU A 16 -13.49 15.65 -6.16
N GLN A 17 -12.87 16.46 -7.02
CA GLN A 17 -12.59 16.02 -8.38
C GLN A 17 -11.40 15.05 -8.42
N ILE A 18 -10.32 15.40 -7.71
CA ILE A 18 -9.13 14.57 -7.70
C ILE A 18 -9.06 13.72 -6.42
N GLY A 19 -10.00 13.94 -5.51
CA GLY A 19 -10.04 13.21 -4.26
C GLY A 19 -9.93 11.70 -4.47
N GLY A 20 -11.07 11.02 -4.43
CA GLY A 20 -11.12 9.57 -4.61
C GLY A 20 -10.10 9.09 -5.63
N LEU A 21 -9.77 9.93 -6.59
CA LEU A 21 -8.79 9.56 -7.61
C LEU A 21 -7.43 9.29 -7.01
N VAL A 22 -6.94 10.22 -6.21
CA VAL A 22 -5.64 10.05 -5.57
C VAL A 22 -5.67 8.96 -4.51
N ILE A 23 -6.66 9.02 -3.63
CA ILE A 23 -6.79 8.02 -2.57
C ILE A 23 -6.92 6.62 -3.16
N ALA A 24 -7.77 6.48 -4.16
CA ALA A 24 -8.00 5.19 -4.79
C ALA A 24 -6.69 4.61 -5.33
N GLY A 25 -5.90 5.44 -6.00
CA GLY A 25 -4.63 5.00 -6.56
C GLY A 25 -3.68 4.54 -5.46
N ILE A 26 -3.73 5.19 -4.30
CA ILE A 26 -2.84 4.82 -3.20
C ILE A 26 -3.12 3.40 -2.68
N LEU A 27 -4.38 3.06 -2.51
CA LEU A 27 -4.74 1.73 -2.02
C LEU A 27 -4.30 0.65 -3.00
N PHE A 28 -4.61 0.86 -4.28
CA PHE A 28 -4.25 -0.08 -5.33
C PHE A 28 -2.73 -0.14 -5.52
N ILE A 29 -2.09 1.02 -5.43
CA ILE A 29 -0.64 1.10 -5.58
C ILE A 29 0.01 0.33 -4.44
N LEU A 30 -0.55 0.48 -3.25
CA LEU A 30 -0.10 -0.26 -2.11
C LEU A 30 -0.41 -1.69 -2.43
N GLY A 31 -1.51 -1.83 -3.15
CA GLY A 31 -1.98 -3.17 -3.56
C GLY A 31 -0.92 -3.91 -4.37
N ILE A 32 -0.39 -3.27 -5.40
CA ILE A 32 0.63 -3.91 -6.25
C ILE A 32 1.92 -4.16 -5.47
N LEU A 33 2.36 -3.16 -4.71
CA LEU A 33 3.59 -3.31 -3.93
C LEU A 33 3.42 -4.39 -2.88
N ILE A 34 2.27 -4.37 -2.21
CA ILE A 34 1.97 -5.35 -1.18
C ILE A 34 1.96 -6.77 -1.74
N VAL A 35 1.27 -6.96 -2.86
CA VAL A 35 1.19 -8.28 -3.48
C VAL A 35 2.57 -8.85 -3.78
N LEU A 36 3.38 -8.07 -4.49
CA LEU A 36 4.72 -8.50 -4.83
C LEU A 36 5.59 -8.64 -3.59
N SER A 37 5.35 -7.77 -2.60
CA SER A 37 6.11 -7.79 -1.36
C SER A 37 5.93 -9.12 -0.62
N ARG A 38 4.73 -9.68 -0.69
CA ARG A 38 4.45 -10.94 -0.02
C ARG A 38 5.40 -12.03 -0.50
N ARG A 39 5.72 -12.01 -1.78
CA ARG A 39 6.61 -13.01 -2.36
C ARG A 39 7.97 -12.96 -1.68
N CYS A 40 8.33 -11.79 -1.15
CA CYS A 40 9.62 -11.62 -0.48
C CYS A 40 9.73 -12.55 0.72
N ARG A 41 8.66 -12.61 1.52
CA ARG A 41 8.65 -13.46 2.70
C ARG A 41 8.95 -14.91 2.33
N CYS A 42 8.36 -15.36 1.22
CA CYS A 42 8.57 -16.73 0.76
C CYS A 42 9.94 -16.87 0.10
N LYS A 43 10.36 -15.84 -0.62
CA LYS A 43 11.65 -15.86 -1.30
C LYS A 43 12.81 -15.65 -0.33
N PHE A 44 12.56 -14.89 0.73
CA PHE A 44 13.61 -14.61 1.70
C PHE A 44 14.06 -15.88 2.43
N ASN A 45 13.12 -16.66 2.92
CA ASN A 45 13.45 -17.89 3.62
C ASN A 45 12.39 -18.96 3.37
N GLN A 46 12.56 -19.71 2.28
CA GLN A 46 11.62 -20.77 1.95
C GLN A 46 11.70 -21.90 2.98
N GLN A 47 12.82 -21.95 3.68
CA GLN A 47 13.02 -22.99 4.70
C GLN A 47 11.96 -22.90 5.78
N GLN A 48 11.59 -21.67 6.16
CA GLN A 48 10.58 -21.48 7.18
C GLN A 48 9.28 -22.18 6.78
N ARG A 49 8.95 -22.10 5.51
CA ARG A 49 7.73 -22.74 5.00
C ARG A 49 7.85 -24.26 5.14
N THR A 50 9.07 -24.76 5.05
CA THR A 50 9.30 -26.20 5.16
C THR A 50 9.31 -26.63 6.63
N GLY A 51 8.90 -27.87 6.87
CA GLY A 51 8.87 -28.40 8.23
C GLY A 51 7.64 -27.90 8.97
N GLU A 52 7.86 -27.33 10.14
CA GLU A 52 6.77 -26.80 10.95
C GLU A 52 6.80 -25.26 10.97
N PRO A 53 5.97 -24.58 10.21
CA PRO A 53 5.95 -23.09 10.19
C PRO A 53 5.77 -22.50 11.60
N ASP A 54 6.42 -21.38 11.86
CA ASP A 54 6.32 -20.73 13.16
C ASP A 54 6.79 -19.28 13.08
N GLU A 55 6.75 -18.58 14.21
CA GLU A 55 7.16 -17.19 14.25
C GLU A 55 8.58 -17.04 13.69
N GLU A 56 9.57 -17.06 14.59
CA GLU A 56 10.97 -16.93 14.17
C GLU A 56 11.10 -15.88 13.07
N GLU A 57 10.82 -14.63 13.41
CA GLU A 57 10.91 -13.54 12.44
C GLU A 57 12.30 -13.51 11.80
N GLY A 58 12.36 -13.08 10.55
CA GLY A 58 13.63 -13.00 9.84
C GLY A 58 13.55 -12.02 8.67
N THR A 59 12.41 -12.01 7.98
CA THR A 59 12.23 -11.11 6.85
C THR A 59 12.21 -9.66 7.32
N PHE A 60 12.41 -8.74 6.39
CA PHE A 60 12.39 -7.33 6.76
C PHE A 60 10.97 -6.92 7.11
N ARG A 61 10.02 -7.47 6.35
CA ARG A 61 8.62 -7.20 6.58
C ARG A 61 8.14 -7.88 7.85
N SER A 62 8.74 -9.04 8.16
CA SER A 62 8.35 -9.80 9.35
C SER A 62 8.58 -8.98 10.62
N SER A 63 9.61 -8.13 10.62
CA SER A 63 9.89 -7.31 11.78
C SER A 63 8.74 -6.35 12.05
N ILE A 64 8.00 -6.04 10.99
CA ILE A 64 6.85 -5.14 11.10
C ILE A 64 5.79 -5.76 12.01
N ARG A 65 5.70 -7.09 12.00
CA ARG A 65 4.72 -7.78 12.84
C ARG A 65 4.94 -7.42 14.30
N ARG A 66 6.19 -7.12 14.64
CA ARG A 66 6.51 -6.76 16.01
C ARG A 66 5.65 -5.59 16.48
N LEU A 67 5.33 -4.68 15.55
CA LEU A 67 4.49 -3.54 15.90
C LEU A 67 3.11 -3.99 16.35
N SER A 68 2.72 -5.19 15.94
CA SER A 68 1.40 -5.72 16.32
C SER A 68 1.31 -6.00 17.81
N THR A 69 2.31 -6.70 18.34
CA THR A 69 2.32 -7.04 19.76
C THR A 69 3.32 -6.16 20.51
N ARG A 70 4.44 -5.89 19.87
CA ARG A 70 5.48 -5.06 20.46
C ARG A 70 5.53 -3.69 19.77
N ARG A 71 4.94 -2.68 20.42
CA ARG A 71 4.93 -1.33 19.85
C ARG A 71 6.14 -0.54 20.33
N ARG A 72 5.89 0.64 20.91
CA ARG A 72 6.97 1.49 21.41
C ARG A 72 7.70 0.80 22.56
N GLU A 1 -10.36 36.85 1.42
CA GLU A 1 -10.20 35.37 1.31
C GLU A 1 -11.49 34.69 1.76
N SER A 2 -12.43 34.55 0.82
CA SER A 2 -13.71 33.91 1.14
C SER A 2 -14.12 32.96 0.02
N PRO A 3 -15.04 32.07 0.29
CA PRO A 3 -15.54 31.09 -0.74
C PRO A 3 -16.36 31.76 -1.82
N LYS A 4 -16.78 33.00 -1.57
CA LYS A 4 -17.59 33.74 -2.54
C LYS A 4 -16.71 34.22 -3.69
N GLU A 5 -15.43 34.46 -3.42
CA GLU A 5 -14.52 34.93 -4.45
C GLU A 5 -14.41 33.89 -5.56
N HIS A 6 -14.51 32.62 -5.18
CA HIS A 6 -14.42 31.54 -6.16
C HIS A 6 -15.77 31.33 -6.84
N ASP A 7 -16.61 32.36 -6.82
CA ASP A 7 -17.93 32.29 -7.43
C ASP A 7 -17.86 31.71 -8.84
N PRO A 8 -17.01 32.24 -9.70
CA PRO A 8 -16.88 31.75 -11.09
C PRO A 8 -16.04 30.47 -11.18
N PHE A 9 -16.67 29.33 -10.90
CA PHE A 9 -15.98 28.05 -10.95
C PHE A 9 -16.48 27.23 -12.12
N THR A 10 -15.55 26.59 -12.84
CA THR A 10 -15.92 25.77 -13.99
C THR A 10 -16.52 24.45 -13.53
N TYR A 11 -15.90 23.84 -12.52
CA TYR A 11 -16.39 22.56 -11.99
C TYR A 11 -16.40 22.59 -10.46
N ASP A 12 -17.28 21.79 -9.87
CA ASP A 12 -17.39 21.73 -8.42
C ASP A 12 -16.63 20.50 -7.88
N TYR A 13 -16.38 19.55 -8.75
CA TYR A 13 -15.67 18.33 -8.37
C TYR A 13 -14.17 18.52 -8.53
N GLN A 14 -13.69 19.74 -8.30
CA GLN A 14 -12.27 20.03 -8.44
C GLN A 14 -11.43 19.05 -7.63
N SER A 15 -11.77 18.87 -6.36
CA SER A 15 -11.02 17.96 -5.51
C SER A 15 -11.48 16.52 -5.66
N LEU A 16 -12.78 16.33 -5.89
CA LEU A 16 -13.34 14.99 -6.05
C LEU A 16 -13.05 14.41 -7.43
N GLN A 17 -12.62 15.26 -8.36
CA GLN A 17 -12.32 14.80 -9.71
C GLN A 17 -11.12 13.84 -9.72
N ILE A 18 -10.03 14.24 -9.08
CA ILE A 18 -8.83 13.42 -9.04
C ILE A 18 -8.79 12.53 -7.79
N GLY A 19 -9.67 12.83 -6.85
CA GLY A 19 -9.73 12.08 -5.60
C GLY A 19 -9.64 10.57 -5.85
N GLY A 20 -10.80 9.92 -5.89
CA GLY A 20 -10.87 8.48 -6.10
C GLY A 20 -9.79 7.99 -7.07
N LEU A 21 -9.49 8.79 -8.09
CA LEU A 21 -8.50 8.39 -9.08
C LEU A 21 -7.14 8.11 -8.43
N VAL A 22 -6.67 9.06 -7.63
CA VAL A 22 -5.36 8.90 -6.97
C VAL A 22 -5.39 7.80 -5.92
N ILE A 23 -6.41 7.82 -5.07
CA ILE A 23 -6.53 6.82 -4.01
C ILE A 23 -6.67 5.41 -4.56
N ALA A 24 -7.52 5.25 -5.56
CA ALA A 24 -7.74 3.93 -6.17
C ALA A 24 -6.45 3.39 -6.76
N GLY A 25 -5.72 4.25 -7.46
CA GLY A 25 -4.46 3.84 -8.08
C GLY A 25 -3.47 3.36 -7.02
N ILE A 26 -3.49 4.01 -5.87
CA ILE A 26 -2.58 3.64 -4.79
C ILE A 26 -2.86 2.22 -4.28
N LEU A 27 -4.13 1.89 -4.10
CA LEU A 27 -4.51 0.55 -3.62
C LEU A 27 -4.02 -0.53 -4.57
N PHE A 28 -4.27 -0.33 -5.87
CA PHE A 28 -3.85 -1.28 -6.89
C PHE A 28 -2.32 -1.31 -7.02
N ILE A 29 -1.70 -0.14 -6.89
CA ILE A 29 -0.24 -0.05 -6.98
C ILE A 29 0.38 -0.82 -5.83
N LEU A 30 -0.18 -0.64 -4.64
CA LEU A 30 0.25 -1.36 -3.48
C LEU A 30 -0.09 -2.78 -3.78
N GLY A 31 -1.20 -2.93 -4.50
CA GLY A 31 -1.70 -4.24 -4.89
C GLY A 31 -0.65 -5.02 -5.69
N ILE A 32 -0.11 -4.40 -6.75
CA ILE A 32 0.87 -5.06 -7.60
C ILE A 32 2.17 -5.30 -6.85
N LEU A 33 2.63 -4.30 -6.11
CA LEU A 33 3.86 -4.43 -5.35
C LEU A 33 3.71 -5.51 -4.29
N ILE A 34 2.57 -5.48 -3.60
CA ILE A 34 2.30 -6.46 -2.54
C ILE A 34 2.29 -7.88 -3.10
N VAL A 35 1.60 -8.09 -4.22
CA VAL A 35 1.51 -9.40 -4.82
C VAL A 35 2.89 -9.97 -5.12
N LEU A 36 3.71 -9.17 -5.81
CA LEU A 36 5.06 -9.60 -6.16
C LEU A 36 5.93 -9.78 -4.92
N SER A 37 5.71 -8.92 -3.93
CA SER A 37 6.49 -8.97 -2.69
C SER A 37 6.31 -10.30 -1.98
N ARG A 38 5.10 -10.85 -2.06
CA ARG A 38 4.81 -12.13 -1.40
C ARG A 38 5.77 -13.21 -1.89
N ARG A 39 6.12 -13.16 -3.17
CA ARG A 39 7.03 -14.14 -3.74
C ARG A 39 8.38 -14.10 -3.04
N CYS A 40 8.73 -12.93 -2.53
CA CYS A 40 10.01 -12.75 -1.84
C CYS A 40 10.10 -13.69 -0.63
N ARG A 41 9.05 -13.71 0.19
CA ARG A 41 9.03 -14.56 1.37
C ARG A 41 9.32 -16.00 1.00
N CYS A 42 8.74 -16.43 -0.12
CA CYS A 42 8.93 -17.81 -0.59
C CYS A 42 10.31 -17.97 -1.21
N LYS A 43 10.78 -16.94 -1.91
CA LYS A 43 12.08 -16.98 -2.55
C LYS A 43 13.21 -16.74 -1.55
N PHE A 44 12.91 -16.02 -0.47
CA PHE A 44 13.93 -15.73 0.55
C PHE A 44 14.37 -17.00 1.26
N ASN A 45 13.40 -17.81 1.68
CA ASN A 45 13.71 -19.06 2.39
C ASN A 45 13.15 -20.26 1.63
N GLN A 46 13.63 -20.43 0.39
CA GLN A 46 13.18 -21.55 -0.42
C GLN A 46 13.58 -22.88 0.22
N GLN A 47 14.71 -22.87 0.91
CA GLN A 47 15.21 -24.08 1.56
C GLN A 47 14.15 -24.64 2.49
N GLN A 48 13.50 -23.77 3.26
CA GLN A 48 12.47 -24.20 4.19
C GLN A 48 11.29 -24.81 3.43
N ARG A 49 11.03 -24.28 2.24
CA ARG A 49 9.94 -24.77 1.41
C ARG A 49 8.71 -25.09 2.26
N THR A 50 8.60 -24.40 3.40
CA THR A 50 7.47 -24.60 4.31
C THR A 50 6.79 -23.28 4.61
N GLY A 51 5.49 -23.35 4.91
CA GLY A 51 4.71 -22.15 5.21
C GLY A 51 4.23 -22.17 6.67
N GLU A 52 5.18 -22.11 7.59
CA GLU A 52 4.85 -22.12 9.01
C GLU A 52 5.10 -20.73 9.64
N PRO A 53 4.08 -19.92 9.88
CA PRO A 53 4.29 -18.58 10.49
C PRO A 53 5.09 -18.64 11.78
N ASP A 54 6.01 -17.71 11.94
CA ASP A 54 6.85 -17.67 13.14
C ASP A 54 7.54 -16.31 13.28
N GLU A 55 6.89 -15.38 13.98
CA GLU A 55 7.44 -14.06 14.17
C GLU A 55 8.07 -13.54 12.89
N GLU A 56 9.39 -13.37 12.91
CA GLU A 56 10.10 -12.89 11.72
C GLU A 56 10.65 -14.06 10.92
N GLU A 57 10.18 -14.21 9.69
CA GLU A 57 10.62 -15.30 8.83
C GLU A 57 12.01 -15.00 8.26
N GLY A 58 12.26 -13.73 7.94
CA GLY A 58 13.56 -13.34 7.40
C GLY A 58 13.40 -12.28 6.32
N THR A 59 12.24 -12.27 5.67
CA THR A 59 11.96 -11.29 4.62
C THR A 59 11.94 -9.88 5.20
N PHE A 60 12.19 -8.88 4.36
CA PHE A 60 12.17 -7.49 4.84
C PHE A 60 10.74 -7.12 5.17
N ARG A 61 9.84 -7.61 4.34
CA ARG A 61 8.41 -7.38 4.51
C ARG A 61 7.94 -8.04 5.81
N SER A 62 8.57 -9.16 6.15
CA SER A 62 8.22 -9.90 7.35
C SER A 62 8.41 -9.04 8.59
N SER A 63 9.40 -8.15 8.57
CA SER A 63 9.64 -7.28 9.71
C SER A 63 8.44 -6.37 9.95
N ILE A 64 7.71 -6.08 8.88
CA ILE A 64 6.53 -5.22 8.99
C ILE A 64 5.47 -5.87 9.87
N ARG A 65 5.39 -7.19 9.84
CA ARG A 65 4.40 -7.90 10.64
C ARG A 65 4.59 -7.57 12.12
N ARG A 66 5.82 -7.31 12.50
CA ARG A 66 6.12 -6.99 13.88
C ARG A 66 5.28 -5.82 14.36
N LEU A 67 5.02 -4.87 13.46
CA LEU A 67 4.22 -3.71 13.82
C LEU A 67 2.83 -4.14 14.29
N SER A 68 2.41 -5.33 13.89
CA SER A 68 1.09 -5.83 14.27
C SER A 68 1.03 -6.16 15.76
N THR A 69 2.04 -6.89 16.26
CA THR A 69 2.07 -7.26 17.67
C THR A 69 3.10 -6.45 18.44
N ARG A 70 4.25 -6.20 17.82
CA ARG A 70 5.31 -5.42 18.45
C ARG A 70 4.87 -3.98 18.68
N ARG A 71 3.94 -3.51 17.85
CA ARG A 71 3.45 -2.15 17.96
C ARG A 71 1.94 -2.11 17.78
N ARG A 72 1.39 -0.90 17.68
CA ARG A 72 -0.06 -0.74 17.50
C ARG A 72 -0.44 -0.97 16.05
N GLU A 1 -28.88 29.20 -17.36
CA GLU A 1 -29.37 30.60 -17.23
C GLU A 1 -28.62 31.51 -18.20
N SER A 2 -28.68 32.81 -17.95
CA SER A 2 -27.99 33.77 -18.81
C SER A 2 -26.48 33.73 -18.56
N PRO A 3 -25.70 34.25 -19.47
CA PRO A 3 -24.21 34.27 -19.33
C PRO A 3 -23.75 35.23 -18.24
N LYS A 4 -24.60 36.20 -17.91
CA LYS A 4 -24.26 37.17 -16.88
C LYS A 4 -24.37 36.55 -15.49
N GLU A 5 -24.88 35.32 -15.44
CA GLU A 5 -25.05 34.63 -14.17
C GLU A 5 -23.87 33.69 -13.92
N HIS A 6 -23.59 33.41 -12.65
CA HIS A 6 -22.49 32.53 -12.29
C HIS A 6 -23.03 31.18 -11.84
N ASP A 7 -22.34 30.10 -12.23
CA ASP A 7 -22.75 28.75 -11.86
C ASP A 7 -21.57 27.95 -11.34
N PRO A 8 -20.95 28.41 -10.29
CA PRO A 8 -19.77 27.72 -9.68
C PRO A 8 -20.17 26.44 -8.96
N PHE A 9 -21.46 26.33 -8.61
CA PHE A 9 -21.96 25.15 -7.92
C PHE A 9 -21.65 23.88 -8.71
N THR A 10 -21.53 24.04 -10.03
CA THR A 10 -21.25 22.91 -10.89
C THR A 10 -20.01 22.15 -10.41
N TYR A 11 -19.04 22.91 -9.88
CA TYR A 11 -17.81 22.31 -9.37
C TYR A 11 -17.66 22.53 -7.87
N ASP A 12 -17.34 21.45 -7.16
CA ASP A 12 -17.17 21.52 -5.71
C ASP A 12 -16.38 20.32 -5.21
N TYR A 13 -16.24 19.31 -6.06
CA TYR A 13 -15.51 18.09 -5.71
C TYR A 13 -14.02 18.29 -5.92
N GLN A 14 -13.54 19.53 -5.74
CA GLN A 14 -12.13 19.82 -5.93
C GLN A 14 -11.23 18.85 -5.15
N SER A 15 -11.51 18.70 -3.86
CA SER A 15 -10.71 17.82 -3.02
C SER A 15 -11.19 16.37 -3.14
N LEU A 16 -12.48 16.18 -3.37
CA LEU A 16 -13.05 14.85 -3.49
C LEU A 16 -12.79 14.25 -4.87
N GLN A 17 -12.28 15.08 -5.78
CA GLN A 17 -11.98 14.61 -7.14
C GLN A 17 -10.79 13.67 -7.15
N ILE A 18 -9.72 14.08 -6.49
CA ILE A 18 -8.50 13.26 -6.44
C ILE A 18 -8.45 12.45 -5.15
N GLY A 19 -9.40 12.69 -4.26
CA GLY A 19 -9.43 11.97 -2.99
C GLY A 19 -9.36 10.45 -3.19
N GLY A 20 -10.53 9.81 -3.21
CA GLY A 20 -10.60 8.36 -3.38
C GLY A 20 -9.57 7.84 -4.38
N LEU A 21 -9.23 8.65 -5.36
CA LEU A 21 -8.26 8.24 -6.38
C LEU A 21 -6.89 7.94 -5.76
N VAL A 22 -6.39 8.89 -4.98
CA VAL A 22 -5.08 8.72 -4.35
C VAL A 22 -5.11 7.61 -3.29
N ILE A 23 -6.15 7.62 -2.45
CA ILE A 23 -6.27 6.63 -1.38
C ILE A 23 -6.39 5.22 -1.97
N ALA A 24 -7.25 5.06 -2.97
CA ALA A 24 -7.46 3.76 -3.59
C ALA A 24 -6.15 3.21 -4.14
N GLY A 25 -5.37 4.07 -4.79
CA GLY A 25 -4.10 3.65 -5.36
C GLY A 25 -3.14 3.16 -4.28
N ILE A 26 -3.16 3.82 -3.13
CA ILE A 26 -2.28 3.46 -2.03
C ILE A 26 -2.56 2.04 -1.52
N LEU A 27 -3.84 1.70 -1.39
CA LEU A 27 -4.21 0.37 -0.90
C LEU A 27 -3.75 -0.71 -1.88
N PHE A 28 -4.03 -0.51 -3.16
CA PHE A 28 -3.64 -1.46 -4.19
C PHE A 28 -2.12 -1.48 -4.33
N ILE A 29 -1.49 -0.32 -4.19
CA ILE A 29 -0.04 -0.22 -4.30
C ILE A 29 0.61 -0.98 -3.14
N LEU A 30 0.05 -0.80 -1.95
CA LEU A 30 0.52 -1.53 -0.80
C LEU A 30 0.20 -2.96 -1.12
N GLY A 31 -0.92 -3.09 -1.82
CA GLY A 31 -1.42 -4.40 -2.23
C GLY A 31 -0.39 -5.15 -3.07
N ILE A 32 0.13 -4.50 -4.11
CA ILE A 32 1.10 -5.13 -5.00
C ILE A 32 2.42 -5.41 -4.26
N LEU A 33 2.88 -4.44 -3.49
CA LEU A 33 4.14 -4.60 -2.76
C LEU A 33 3.99 -5.69 -1.71
N ILE A 34 2.86 -5.66 -1.00
CA ILE A 34 2.60 -6.64 0.05
C ILE A 34 2.57 -8.06 -0.52
N VAL A 35 1.86 -8.24 -1.62
CA VAL A 35 1.75 -9.56 -2.24
C VAL A 35 3.13 -10.14 -2.55
N LEU A 36 3.94 -9.37 -3.25
CA LEU A 36 5.29 -9.81 -3.60
C LEU A 36 6.16 -9.94 -2.36
N SER A 37 5.94 -9.08 -1.38
CA SER A 37 6.72 -9.10 -0.15
C SER A 37 6.55 -10.42 0.60
N ARG A 38 5.35 -10.98 0.54
CA ARG A 38 5.07 -12.24 1.23
C ARG A 38 6.02 -13.34 0.76
N ARG A 39 6.38 -13.30 -0.52
CA ARG A 39 7.28 -14.31 -1.06
C ARG A 39 8.63 -14.28 -0.37
N CYS A 40 9.03 -13.09 0.10
CA CYS A 40 10.30 -12.92 0.78
C CYS A 40 10.39 -13.83 2.00
N ARG A 41 9.33 -13.86 2.80
CA ARG A 41 9.32 -14.68 3.99
C ARG A 41 9.62 -16.14 3.66
N CYS A 42 9.01 -16.64 2.59
CA CYS A 42 9.21 -18.04 2.18
C CYS A 42 10.53 -18.22 1.45
N LYS A 43 10.95 -17.21 0.71
CA LYS A 43 12.19 -17.29 -0.05
C LYS A 43 13.42 -17.20 0.86
N PHE A 44 13.30 -16.44 1.95
CA PHE A 44 14.42 -16.26 2.88
C PHE A 44 14.80 -17.56 3.58
N ASN A 45 13.81 -18.26 4.11
CA ASN A 45 14.07 -19.51 4.80
C ASN A 45 14.45 -20.60 3.81
N GLN A 46 15.73 -20.69 3.50
CA GLN A 46 16.22 -21.68 2.57
C GLN A 46 15.87 -23.09 3.04
N GLN A 47 15.88 -23.28 4.36
CA GLN A 47 15.56 -24.58 4.94
C GLN A 47 14.14 -25.00 4.56
N GLN A 48 13.20 -24.07 4.66
CA GLN A 48 11.81 -24.37 4.33
C GLN A 48 11.65 -24.60 2.83
N ARG A 49 12.23 -23.70 2.03
CA ARG A 49 12.16 -23.81 0.58
C ARG A 49 13.42 -23.23 -0.06
N THR A 50 13.97 -23.96 -1.02
CA THR A 50 15.18 -23.52 -1.70
C THR A 50 14.84 -22.75 -2.97
N GLY A 51 15.70 -21.80 -3.33
CA GLY A 51 15.48 -20.99 -4.53
C GLY A 51 16.76 -20.30 -4.98
N GLU A 52 16.68 -18.98 -5.16
CA GLU A 52 17.84 -18.21 -5.60
C GLU A 52 18.86 -18.05 -4.46
N PRO A 53 20.11 -17.80 -4.77
CA PRO A 53 21.17 -17.63 -3.73
C PRO A 53 20.67 -16.85 -2.51
N ASP A 54 21.45 -16.89 -1.43
CA ASP A 54 21.08 -16.18 -0.21
C ASP A 54 21.41 -14.70 -0.33
N GLU A 55 20.38 -13.87 -0.29
CA GLU A 55 20.55 -12.42 -0.39
C GLU A 55 20.00 -11.73 0.85
N GLU A 56 19.57 -10.47 0.69
CA GLU A 56 19.03 -9.73 1.82
C GLU A 56 18.06 -10.60 2.61
N GLU A 57 18.08 -10.46 3.93
CA GLU A 57 17.21 -11.25 4.77
C GLU A 57 15.75 -10.86 4.58
N GLY A 58 14.93 -11.82 4.17
CA GLY A 58 13.51 -11.55 3.96
C GLY A 58 12.75 -11.67 5.28
N THR A 59 13.41 -12.24 6.28
CA THR A 59 12.79 -12.40 7.59
C THR A 59 12.69 -11.05 8.30
N PHE A 60 12.90 -9.98 7.55
CA PHE A 60 12.82 -8.64 8.11
C PHE A 60 11.37 -8.33 8.45
N ARG A 61 10.48 -8.79 7.58
CA ARG A 61 9.05 -8.60 7.78
C ARG A 61 8.62 -9.22 9.09
N SER A 62 9.29 -10.30 9.47
CA SER A 62 8.99 -11.00 10.71
C SER A 62 9.19 -10.11 11.93
N SER A 63 10.16 -9.21 11.85
CA SER A 63 10.46 -8.32 12.98
C SER A 63 9.27 -7.40 13.29
N ILE A 64 8.53 -7.00 12.27
CA ILE A 64 7.38 -6.12 12.45
C ILE A 64 6.31 -6.79 13.32
N ARG A 65 6.19 -8.11 13.23
CA ARG A 65 5.20 -8.83 14.02
C ARG A 65 5.37 -8.51 15.50
N ARG A 66 6.61 -8.25 15.88
CA ARG A 66 6.89 -7.92 17.27
C ARG A 66 6.01 -6.78 17.73
N LEU A 67 5.76 -5.83 16.82
CA LEU A 67 4.91 -4.69 17.14
C LEU A 67 3.55 -5.15 17.63
N SER A 68 3.17 -6.37 17.25
CA SER A 68 1.88 -6.93 17.65
C SER A 68 1.85 -7.29 19.14
N THR A 69 2.90 -7.97 19.61
CA THR A 69 2.95 -8.41 21.00
C THR A 69 3.90 -7.56 21.84
N ARG A 70 5.06 -7.20 21.27
CA ARG A 70 6.04 -6.41 22.03
C ARG A 70 5.42 -5.16 22.63
N ARG A 71 4.34 -4.68 22.02
CA ARG A 71 3.67 -3.47 22.50
C ARG A 71 2.19 -3.48 22.14
N ARG A 72 1.39 -2.74 22.89
CA ARG A 72 -0.05 -2.65 22.63
C ARG A 72 -0.64 -4.04 22.47
N GLU A 1 -26.97 33.22 -18.34
CA GLU A 1 -25.99 34.00 -17.53
C GLU A 1 -24.58 33.73 -18.04
N SER A 2 -24.48 32.99 -19.14
CA SER A 2 -23.19 32.67 -19.72
C SER A 2 -22.31 31.95 -18.70
N PRO A 3 -22.76 30.85 -18.18
CA PRO A 3 -21.99 30.06 -17.17
C PRO A 3 -20.78 29.36 -17.79
N LYS A 4 -20.71 29.40 -19.12
CA LYS A 4 -19.60 28.76 -19.82
C LYS A 4 -18.32 29.60 -19.69
N GLU A 5 -18.46 30.79 -19.13
CA GLU A 5 -17.30 31.66 -18.94
C GLU A 5 -16.23 30.97 -18.10
N HIS A 6 -16.68 30.21 -17.11
CA HIS A 6 -15.77 29.48 -16.23
C HIS A 6 -15.78 27.99 -16.57
N ASP A 7 -14.60 27.42 -16.71
CA ASP A 7 -14.48 26.01 -17.04
C ASP A 7 -14.33 25.15 -15.78
N PRO A 8 -13.53 25.58 -14.83
CA PRO A 8 -13.30 24.84 -13.57
C PRO A 8 -14.34 25.18 -12.50
N PHE A 9 -14.59 26.48 -12.30
CA PHE A 9 -15.56 26.90 -11.30
C PHE A 9 -16.92 26.23 -11.54
N THR A 10 -17.08 25.65 -12.72
CA THR A 10 -18.33 24.98 -13.06
C THR A 10 -18.63 23.86 -12.08
N TYR A 11 -17.57 23.18 -11.64
CA TYR A 11 -17.72 22.07 -10.70
C TYR A 11 -17.05 22.39 -9.37
N ASP A 12 -17.73 22.08 -8.27
CA ASP A 12 -17.19 22.34 -6.94
C ASP A 12 -16.40 21.12 -6.46
N TYR A 13 -16.34 20.10 -7.31
CA TYR A 13 -15.61 18.88 -6.96
C TYR A 13 -14.11 19.08 -7.15
N GLN A 14 -13.66 20.32 -6.99
CA GLN A 14 -12.25 20.65 -7.15
C GLN A 14 -11.35 19.71 -6.35
N SER A 15 -11.65 19.58 -5.06
CA SER A 15 -10.85 18.72 -4.19
C SER A 15 -11.28 17.26 -4.31
N LEU A 16 -12.55 17.03 -4.56
CA LEU A 16 -13.08 15.67 -4.68
C LEU A 16 -12.83 15.10 -6.07
N GLN A 17 -12.26 15.91 -6.96
CA GLN A 17 -11.98 15.46 -8.32
C GLN A 17 -10.80 14.50 -8.36
N ILE A 18 -9.71 14.88 -7.68
CA ILE A 18 -8.51 14.04 -7.66
C ILE A 18 -8.43 13.21 -6.38
N GLY A 19 -9.47 13.28 -5.57
CA GLY A 19 -9.48 12.53 -4.31
C GLY A 19 -9.52 11.02 -4.56
N GLY A 20 -10.73 10.48 -4.66
CA GLY A 20 -10.92 9.05 -4.89
C GLY A 20 -9.87 8.49 -5.85
N LEU A 21 -9.38 9.33 -6.75
CA LEU A 21 -8.38 8.89 -7.73
C LEU A 21 -7.03 8.65 -7.08
N VAL A 22 -6.54 9.62 -6.31
CA VAL A 22 -5.22 9.48 -5.67
C VAL A 22 -5.23 8.41 -4.59
N ILE A 23 -6.19 8.47 -3.66
CA ILE A 23 -6.24 7.49 -2.59
C ILE A 23 -6.39 6.09 -3.16
N ALA A 24 -7.19 5.95 -4.20
CA ALA A 24 -7.40 4.65 -4.82
C ALA A 24 -6.08 4.12 -5.37
N GLY A 25 -5.27 5.02 -5.91
CA GLY A 25 -3.99 4.64 -6.48
C GLY A 25 -3.06 4.04 -5.41
N ILE A 26 -3.04 4.64 -4.23
CA ILE A 26 -2.18 4.15 -3.16
C ILE A 26 -2.59 2.74 -2.73
N LEU A 27 -3.90 2.51 -2.57
CA LEU A 27 -4.38 1.20 -2.15
C LEU A 27 -3.88 0.10 -3.10
N PHE A 28 -4.03 0.35 -4.40
CA PHE A 28 -3.59 -0.61 -5.41
C PHE A 28 -2.08 -0.68 -5.49
N ILE A 29 -1.42 0.48 -5.50
CA ILE A 29 0.03 0.53 -5.59
C ILE A 29 0.63 -0.24 -4.42
N LEU A 30 0.07 -0.03 -3.25
CA LEU A 30 0.49 -0.77 -2.08
C LEU A 30 0.12 -2.19 -2.36
N GLY A 31 -0.99 -2.31 -3.07
CA GLY A 31 -1.52 -3.63 -3.44
C GLY A 31 -0.49 -4.44 -4.24
N ILE A 32 0.04 -3.85 -5.31
CA ILE A 32 1.02 -4.54 -6.15
C ILE A 32 2.34 -4.74 -5.40
N LEU A 33 2.81 -3.70 -4.73
CA LEU A 33 4.05 -3.80 -3.97
C LEU A 33 3.93 -4.91 -2.93
N ILE A 34 2.80 -4.89 -2.23
CA ILE A 34 2.55 -5.90 -1.19
C ILE A 34 2.54 -7.32 -1.77
N VAL A 35 1.86 -7.49 -2.91
CA VAL A 35 1.77 -8.81 -3.53
C VAL A 35 3.15 -9.40 -3.82
N LEU A 36 4.00 -8.64 -4.51
CA LEU A 36 5.34 -9.12 -4.84
C LEU A 36 6.17 -9.25 -3.56
N SER A 37 5.92 -8.37 -2.61
CA SER A 37 6.66 -8.38 -1.35
C SER A 37 6.45 -9.71 -0.61
N ARG A 38 5.24 -10.25 -0.70
CA ARG A 38 4.93 -11.51 -0.04
C ARG A 38 5.89 -12.61 -0.50
N ARG A 39 6.20 -12.61 -1.79
CA ARG A 39 7.10 -13.61 -2.35
C ARG A 39 8.45 -13.58 -1.65
N CYS A 40 8.85 -12.39 -1.19
CA CYS A 40 10.12 -12.23 -0.51
C CYS A 40 10.20 -13.14 0.71
N ARG A 41 9.09 -13.27 1.42
CA ARG A 41 9.05 -14.12 2.60
C ARG A 41 9.38 -15.56 2.25
N CYS A 42 8.88 -16.00 1.10
CA CYS A 42 9.13 -17.37 0.64
C CYS A 42 10.53 -17.49 0.04
N LYS A 43 10.95 -16.44 -0.68
CA LYS A 43 12.27 -16.45 -1.31
C LYS A 43 13.38 -16.20 -0.29
N PHE A 44 13.05 -15.49 0.78
CA PHE A 44 14.06 -15.17 1.80
C PHE A 44 14.55 -16.44 2.51
N ASN A 45 13.63 -17.28 2.93
CA ASN A 45 14.00 -18.52 3.62
C ASN A 45 12.89 -19.55 3.54
N GLN A 46 13.05 -20.52 2.65
CA GLN A 46 12.06 -21.58 2.49
C GLN A 46 11.98 -22.44 3.75
N GLN A 47 13.11 -22.56 4.44
CA GLN A 47 13.18 -23.36 5.66
C GLN A 47 12.24 -22.78 6.73
N GLN A 48 12.00 -21.48 6.66
CA GLN A 48 11.12 -20.83 7.63
C GLN A 48 9.75 -21.50 7.65
N ARG A 49 9.24 -21.82 6.46
CA ARG A 49 7.93 -22.46 6.35
C ARG A 49 7.99 -23.90 6.84
N THR A 50 9.15 -24.54 6.67
CA THR A 50 9.32 -25.92 7.10
C THR A 50 8.94 -26.07 8.57
N GLY A 51 9.29 -25.07 9.37
CA GLY A 51 8.99 -25.08 10.80
C GLY A 51 10.25 -24.82 11.63
N GLU A 52 10.79 -23.62 11.50
CA GLU A 52 12.00 -23.25 12.24
C GLU A 52 11.63 -22.39 13.45
N PRO A 53 12.46 -22.35 14.47
CA PRO A 53 12.20 -21.55 15.69
C PRO A 53 11.57 -20.19 15.37
N ASP A 54 11.98 -19.61 14.24
CA ASP A 54 11.45 -18.32 13.84
C ASP A 54 11.47 -17.33 15.01
N GLU A 55 12.36 -17.58 15.96
CA GLU A 55 12.48 -16.71 17.13
C GLU A 55 13.00 -15.34 16.74
N GLU A 56 13.92 -15.31 15.77
CA GLU A 56 14.50 -14.07 15.31
C GLU A 56 13.72 -13.51 14.11
N GLU A 57 13.92 -12.23 13.84
CA GLU A 57 13.23 -11.59 12.71
C GLU A 57 13.62 -12.26 11.40
N GLY A 58 12.67 -12.34 10.47
CA GLY A 58 12.93 -12.97 9.19
C GLY A 58 13.17 -11.93 8.10
N THR A 59 12.49 -12.09 6.97
CA THR A 59 12.62 -11.16 5.86
C THR A 59 12.50 -9.72 6.34
N PHE A 60 12.60 -8.77 5.41
CA PHE A 60 12.48 -7.37 5.77
C PHE A 60 11.05 -7.06 6.17
N ARG A 61 10.11 -7.58 5.38
CA ARG A 61 8.69 -7.39 5.63
C ARG A 61 8.31 -8.10 6.93
N SER A 62 9.01 -9.19 7.21
CA SER A 62 8.74 -9.96 8.42
C SER A 62 8.96 -9.10 9.66
N SER A 63 9.94 -8.20 9.58
CA SER A 63 10.23 -7.33 10.72
C SER A 63 9.05 -6.39 10.98
N ILE A 64 8.33 -6.03 9.92
CA ILE A 64 7.17 -5.14 10.03
C ILE A 64 6.07 -5.77 10.88
N ARG A 65 5.95 -7.09 10.80
CA ARG A 65 4.92 -7.80 11.57
C ARG A 65 5.08 -7.50 13.06
N ARG A 66 6.32 -7.25 13.48
CA ARG A 66 6.58 -6.95 14.87
C ARG A 66 5.71 -5.77 15.33
N LEU A 67 5.49 -4.83 14.43
CA LEU A 67 4.68 -3.65 14.74
C LEU A 67 3.29 -4.10 15.21
N SER A 68 2.88 -5.29 14.78
CA SER A 68 1.58 -5.81 15.16
C SER A 68 1.50 -6.12 16.66
N THR A 69 2.53 -6.81 17.18
CA THR A 69 2.54 -7.18 18.60
C THR A 69 3.54 -6.33 19.39
N ARG A 70 4.69 -6.07 18.81
CA ARG A 70 5.73 -5.28 19.50
C ARG A 70 5.19 -3.91 19.89
N ARG A 71 4.52 -3.24 18.95
CA ARG A 71 3.97 -1.92 19.21
C ARG A 71 2.47 -1.89 18.91
N ARG A 72 1.76 -0.98 19.54
CA ARG A 72 0.32 -0.87 19.33
C ARG A 72 0.01 -0.65 17.86
N GLU A 1 -27.04 26.33 -13.30
CA GLU A 1 -26.94 27.35 -14.39
C GLU A 1 -27.87 28.52 -14.07
N SER A 2 -28.50 28.47 -12.90
CA SER A 2 -29.42 29.52 -12.49
C SER A 2 -28.64 30.72 -11.95
N PRO A 3 -29.27 31.87 -11.86
CA PRO A 3 -28.61 33.10 -11.35
C PRO A 3 -28.32 33.01 -9.85
N LYS A 4 -29.07 32.16 -9.16
CA LYS A 4 -28.90 31.99 -7.72
C LYS A 4 -27.67 31.15 -7.43
N GLU A 5 -27.04 30.64 -8.48
CA GLU A 5 -25.85 29.82 -8.33
C GLU A 5 -24.63 30.70 -8.00
N HIS A 6 -23.67 30.13 -7.29
CA HIS A 6 -22.47 30.87 -6.92
C HIS A 6 -21.40 30.72 -8.00
N ASP A 7 -20.19 31.18 -7.70
CA ASP A 7 -19.09 31.11 -8.65
C ASP A 7 -18.63 29.66 -8.89
N PRO A 8 -18.21 28.94 -7.87
CA PRO A 8 -17.75 27.52 -8.04
C PRO A 8 -18.89 26.58 -8.44
N PHE A 9 -19.83 27.11 -9.23
CA PHE A 9 -20.97 26.31 -9.68
C PHE A 9 -20.51 25.21 -10.64
N THR A 10 -19.64 25.57 -11.58
CA THR A 10 -19.14 24.62 -12.56
C THR A 10 -18.23 23.59 -11.90
N TYR A 11 -17.37 24.05 -11.00
CA TYR A 11 -16.42 23.18 -10.30
C TYR A 11 -16.77 23.07 -8.82
N ASP A 12 -16.81 21.84 -8.31
CA ASP A 12 -17.11 21.61 -6.91
C ASP A 12 -16.33 20.40 -6.39
N TYR A 13 -16.23 19.36 -7.22
CA TYR A 13 -15.51 18.15 -6.84
C TYR A 13 -14.01 18.34 -7.06
N GLN A 14 -13.54 19.57 -6.88
CA GLN A 14 -12.12 19.87 -7.08
C GLN A 14 -11.25 18.91 -6.29
N SER A 15 -11.52 18.78 -5.00
CA SER A 15 -10.73 17.89 -4.14
C SER A 15 -11.21 16.45 -4.28
N LEU A 16 -12.50 16.27 -4.53
CA LEU A 16 -13.07 14.93 -4.66
C LEU A 16 -12.81 14.36 -6.06
N GLN A 17 -12.19 15.16 -6.93
CA GLN A 17 -11.91 14.72 -8.28
C GLN A 17 -10.74 13.74 -8.32
N ILE A 18 -9.63 14.11 -7.69
CA ILE A 18 -8.44 13.25 -7.66
C ILE A 18 -8.41 12.40 -6.39
N GLY A 19 -9.34 12.67 -5.48
CA GLY A 19 -9.40 11.93 -4.21
C GLY A 19 -9.32 10.43 -4.44
N GLY A 20 -10.48 9.77 -4.34
CA GLY A 20 -10.55 8.31 -4.52
C GLY A 20 -9.56 7.80 -5.56
N LEU A 21 -9.26 8.62 -6.56
CA LEU A 21 -8.33 8.22 -7.60
C LEU A 21 -6.94 7.95 -7.01
N VAL A 22 -6.42 8.92 -6.25
CA VAL A 22 -5.11 8.76 -5.65
C VAL A 22 -5.12 7.68 -4.59
N ILE A 23 -6.07 7.76 -3.67
CA ILE A 23 -6.18 6.79 -2.59
C ILE A 23 -6.30 5.39 -3.17
N ALA A 24 -7.16 5.23 -4.17
CA ALA A 24 -7.36 3.94 -4.80
C ALA A 24 -6.02 3.41 -5.32
N GLY A 25 -5.21 4.33 -5.84
CA GLY A 25 -3.91 3.95 -6.38
C GLY A 25 -3.00 3.37 -5.31
N ILE A 26 -3.04 3.95 -4.10
CA ILE A 26 -2.18 3.47 -3.02
C ILE A 26 -2.54 2.04 -2.61
N LEU A 27 -3.83 1.76 -2.47
CA LEU A 27 -4.26 0.42 -2.06
C LEU A 27 -3.81 -0.64 -3.07
N PHE A 28 -4.04 -0.38 -4.35
CA PHE A 28 -3.65 -1.30 -5.41
C PHE A 28 -2.13 -1.35 -5.56
N ILE A 29 -1.48 -0.21 -5.38
CA ILE A 29 -0.02 -0.14 -5.49
C ILE A 29 0.59 -0.95 -4.37
N LEU A 30 0.04 -0.79 -3.18
CA LEU A 30 0.48 -1.55 -2.04
C LEU A 30 0.13 -2.97 -2.38
N GLY A 31 -0.99 -3.08 -3.08
CA GLY A 31 -1.49 -4.39 -3.49
C GLY A 31 -0.45 -5.14 -4.33
N ILE A 32 0.05 -4.48 -5.38
CA ILE A 32 1.04 -5.09 -6.26
C ILE A 32 2.35 -5.37 -5.53
N LEU A 33 2.83 -4.40 -4.75
CA LEU A 33 4.07 -4.56 -4.01
C LEU A 33 3.91 -5.67 -2.98
N ILE A 34 2.81 -5.64 -2.25
CA ILE A 34 2.55 -6.63 -1.22
C ILE A 34 2.49 -8.04 -1.80
N VAL A 35 1.78 -8.20 -2.92
CA VAL A 35 1.65 -9.51 -3.54
C VAL A 35 3.01 -10.10 -3.86
N LEU A 36 3.85 -9.33 -4.56
CA LEU A 36 5.18 -9.79 -4.91
C LEU A 36 6.05 -9.97 -3.67
N SER A 37 5.82 -9.11 -2.67
CA SER A 37 6.58 -9.15 -1.43
C SER A 37 6.38 -10.49 -0.71
N ARG A 38 5.17 -11.03 -0.80
CA ARG A 38 4.87 -12.30 -0.13
C ARG A 38 5.84 -13.39 -0.58
N ARG A 39 6.28 -13.32 -1.82
CA ARG A 39 7.22 -14.30 -2.35
C ARG A 39 8.57 -14.20 -1.66
N CYS A 40 8.92 -12.99 -1.23
CA CYS A 40 10.20 -12.78 -0.56
C CYS A 40 10.33 -13.63 0.70
N ARG A 41 9.25 -13.71 1.48
CA ARG A 41 9.29 -14.50 2.70
C ARG A 41 9.63 -15.96 2.40
N CYS A 42 9.01 -16.49 1.36
CA CYS A 42 9.25 -17.88 0.97
C CYS A 42 10.63 -18.03 0.33
N LYS A 43 11.02 -17.05 -0.47
CA LYS A 43 12.31 -17.08 -1.15
C LYS A 43 13.45 -16.81 -0.17
N PHE A 44 13.15 -16.10 0.92
CA PHE A 44 14.17 -15.77 1.90
C PHE A 44 14.69 -17.02 2.60
N ASN A 45 13.79 -17.88 3.04
CA ASN A 45 14.18 -19.10 3.73
C ASN A 45 14.42 -20.24 2.73
N GLN A 46 15.63 -20.80 2.76
CA GLN A 46 15.98 -21.89 1.87
C GLN A 46 15.12 -23.12 2.14
N GLN A 47 14.62 -23.21 3.37
CA GLN A 47 13.79 -24.33 3.77
C GLN A 47 12.63 -24.51 2.79
N GLN A 48 12.01 -23.40 2.39
CA GLN A 48 10.90 -23.44 1.45
C GLN A 48 11.36 -23.92 0.08
N ARG A 49 12.50 -23.40 -0.37
CA ARG A 49 13.04 -23.78 -1.67
C ARG A 49 14.49 -23.32 -1.81
N THR A 50 14.69 -22.20 -2.52
CA THR A 50 16.02 -21.67 -2.73
C THR A 50 16.26 -20.42 -1.90
N GLY A 51 17.52 -19.99 -1.81
CA GLY A 51 17.87 -18.81 -1.03
C GLY A 51 19.37 -18.74 -0.81
N GLU A 52 19.90 -17.52 -0.75
CA GLU A 52 21.34 -17.34 -0.54
C GLU A 52 21.63 -17.00 0.92
N PRO A 53 22.83 -17.24 1.38
CA PRO A 53 23.22 -16.93 2.79
C PRO A 53 22.61 -15.64 3.30
N ASP A 54 22.46 -15.54 4.62
CA ASP A 54 21.87 -14.34 5.23
C ASP A 54 22.47 -14.11 6.61
N GLU A 55 22.26 -12.91 7.14
CA GLU A 55 22.79 -12.57 8.46
C GLU A 55 21.89 -13.14 9.56
N GLU A 56 20.84 -12.39 9.89
CA GLU A 56 19.90 -12.83 10.92
C GLU A 56 18.64 -13.41 10.29
N GLU A 57 17.85 -14.12 11.09
CA GLU A 57 16.62 -14.72 10.61
C GLU A 57 15.48 -13.71 10.66
N GLY A 58 14.50 -13.90 9.78
CA GLY A 58 13.35 -13.01 9.73
C GLY A 58 13.48 -12.01 8.58
N THR A 59 12.38 -11.78 7.89
CA THR A 59 12.37 -10.84 6.77
C THR A 59 12.29 -9.42 7.29
N PHE A 60 12.50 -8.45 6.41
CA PHE A 60 12.43 -7.05 6.81
C PHE A 60 10.98 -6.70 7.11
N ARG A 61 10.09 -7.14 6.23
CA ARG A 61 8.66 -6.91 6.39
C ARG A 61 8.17 -7.61 7.65
N SER A 62 8.80 -8.73 7.98
CA SER A 62 8.42 -9.50 9.16
C SER A 62 8.58 -8.67 10.42
N SER A 63 9.56 -7.78 10.44
CA SER A 63 9.82 -6.95 11.60
C SER A 63 8.65 -6.00 11.90
N ILE A 64 7.90 -5.64 10.86
CA ILE A 64 6.76 -4.73 11.05
C ILE A 64 5.70 -5.39 11.94
N ARG A 65 5.62 -6.72 11.88
CA ARG A 65 4.63 -7.45 12.66
C ARG A 65 4.81 -7.18 14.16
N ARG A 66 6.05 -6.95 14.60
CA ARG A 66 6.29 -6.65 16.00
C ARG A 66 5.43 -5.47 16.43
N LEU A 67 5.24 -4.54 15.51
CA LEU A 67 4.43 -3.36 15.79
C LEU A 67 3.02 -3.75 16.25
N SER A 68 2.61 -4.97 15.90
CA SER A 68 1.28 -5.43 16.28
C SER A 68 1.17 -5.64 17.79
N THR A 69 2.15 -6.36 18.36
CA THR A 69 2.15 -6.64 19.80
C THR A 69 3.23 -5.83 20.52
N ARG A 70 4.39 -5.72 19.89
CA ARG A 70 5.52 -4.99 20.48
C ARG A 70 5.21 -3.50 20.62
N ARG A 71 4.12 -3.04 20.01
CA ARG A 71 3.74 -1.63 20.09
C ARG A 71 2.24 -1.48 20.34
N ARG A 72 1.88 -0.45 21.09
CA ARG A 72 0.47 -0.21 21.41
C ARG A 72 -0.24 0.44 20.23
N GLU A 1 -33.48 27.79 -16.60
CA GLU A 1 -32.35 28.31 -15.77
C GLU A 1 -32.62 29.78 -15.42
N SER A 2 -31.91 30.27 -14.41
CA SER A 2 -32.08 31.66 -13.98
C SER A 2 -30.71 32.31 -13.72
N PRO A 3 -30.66 33.61 -13.66
CA PRO A 3 -29.39 34.35 -13.42
C PRO A 3 -28.89 34.16 -11.99
N LYS A 4 -29.76 33.68 -11.12
CA LYS A 4 -29.38 33.46 -9.73
C LYS A 4 -28.51 32.21 -9.60
N GLU A 5 -28.51 31.40 -10.64
CA GLU A 5 -27.71 30.18 -10.63
C GLU A 5 -26.33 30.43 -11.23
N HIS A 6 -25.31 29.82 -10.64
CA HIS A 6 -23.95 29.99 -11.13
C HIS A 6 -23.53 28.80 -11.98
N ASP A 7 -22.70 29.06 -12.99
CA ASP A 7 -22.23 28.01 -13.87
C ASP A 7 -21.18 27.12 -13.19
N PRO A 8 -20.13 27.70 -12.62
CA PRO A 8 -19.06 26.91 -11.95
C PRO A 8 -19.48 26.40 -10.58
N PHE A 9 -20.45 27.08 -9.95
CA PHE A 9 -20.91 26.67 -8.64
C PHE A 9 -21.36 25.21 -8.65
N THR A 10 -21.95 24.79 -9.77
CA THR A 10 -22.43 23.42 -9.91
C THR A 10 -21.29 22.43 -9.68
N TYR A 11 -20.09 22.82 -10.08
CA TYR A 11 -18.92 21.96 -9.91
C TYR A 11 -18.04 22.46 -8.77
N ASP A 12 -17.65 21.54 -7.89
CA ASP A 12 -16.79 21.90 -6.76
C ASP A 12 -16.01 20.68 -6.29
N TYR A 13 -15.91 19.68 -7.15
CA TYR A 13 -15.18 18.46 -6.82
C TYR A 13 -13.68 18.68 -7.01
N GLN A 14 -13.24 19.92 -6.82
CA GLN A 14 -11.83 20.26 -6.99
C GLN A 14 -10.94 19.32 -6.17
N SER A 15 -11.24 19.17 -4.89
CA SER A 15 -10.44 18.32 -4.02
C SER A 15 -10.86 16.85 -4.12
N LEU A 16 -12.15 16.63 -4.39
CA LEU A 16 -12.66 15.27 -4.49
C LEU A 16 -12.38 14.67 -5.88
N GLN A 17 -11.83 15.49 -6.77
CA GLN A 17 -11.53 15.03 -8.13
C GLN A 17 -10.35 14.04 -8.13
N ILE A 18 -9.25 14.44 -7.50
CA ILE A 18 -8.06 13.58 -7.44
C ILE A 18 -8.05 12.77 -6.16
N GLY A 19 -9.05 12.97 -5.31
CA GLY A 19 -9.12 12.25 -4.03
C GLY A 19 -9.04 10.74 -4.23
N GLY A 20 -10.19 10.09 -4.28
CA GLY A 20 -10.25 8.64 -4.45
C GLY A 20 -9.20 8.14 -5.43
N LEU A 21 -8.91 8.93 -6.46
CA LEU A 21 -7.93 8.54 -7.46
C LEU A 21 -6.56 8.27 -6.85
N VAL A 22 -6.07 9.22 -6.06
CA VAL A 22 -4.77 9.08 -5.42
C VAL A 22 -4.78 7.98 -4.36
N ILE A 23 -5.77 8.00 -3.49
CA ILE A 23 -5.87 7.01 -2.42
C ILE A 23 -5.99 5.59 -2.99
N ALA A 24 -6.86 5.43 -3.98
CA ALA A 24 -7.07 4.14 -4.60
C ALA A 24 -5.77 3.57 -5.15
N GLY A 25 -5.02 4.43 -5.86
CA GLY A 25 -3.75 4.01 -6.44
C GLY A 25 -2.78 3.51 -5.37
N ILE A 26 -2.80 4.17 -4.21
CA ILE A 26 -1.91 3.78 -3.11
C ILE A 26 -2.21 2.36 -2.62
N LEU A 27 -3.50 2.04 -2.49
CA LEU A 27 -3.89 0.71 -2.02
C LEU A 27 -3.39 -0.37 -2.99
N PHE A 28 -3.61 -0.15 -4.28
CA PHE A 28 -3.18 -1.11 -5.31
C PHE A 28 -1.66 -1.11 -5.45
N ILE A 29 -1.04 0.06 -5.31
CA ILE A 29 0.41 0.17 -5.43
C ILE A 29 1.05 -0.59 -4.27
N LEU A 30 0.49 -0.37 -3.09
CA LEU A 30 0.91 -1.07 -1.90
C LEU A 30 0.59 -2.51 -2.17
N GLY A 31 -0.52 -2.67 -2.89
CA GLY A 31 -1.02 -3.99 -3.25
C GLY A 31 0.00 -4.79 -4.08
N ILE A 32 0.50 -4.18 -5.15
CA ILE A 32 1.46 -4.84 -6.02
C ILE A 32 2.78 -5.08 -5.29
N LEU A 33 3.24 -4.06 -4.58
CA LEU A 33 4.49 -4.18 -3.83
C LEU A 33 4.36 -5.27 -2.77
N ILE A 34 3.24 -5.25 -2.07
CA ILE A 34 3.00 -6.25 -1.02
C ILE A 34 2.97 -7.66 -1.59
N VAL A 35 2.29 -7.85 -2.72
CA VAL A 35 2.19 -9.17 -3.32
C VAL A 35 3.57 -9.74 -3.62
N LEU A 36 4.40 -8.96 -4.31
CA LEU A 36 5.75 -9.40 -4.64
C LEU A 36 6.60 -9.56 -3.38
N SER A 37 6.31 -8.72 -2.39
CA SER A 37 7.05 -8.75 -1.14
C SER A 37 6.88 -10.09 -0.42
N ARG A 38 5.68 -10.67 -0.54
CA ARG A 38 5.39 -11.94 0.12
C ARG A 38 6.37 -13.02 -0.34
N ARG A 39 6.75 -12.95 -1.61
CA ARG A 39 7.69 -13.93 -2.17
C ARG A 39 9.03 -13.86 -1.43
N CYS A 40 9.38 -12.67 -0.97
CA CYS A 40 10.65 -12.48 -0.26
C CYS A 40 10.69 -13.35 0.99
N ARG A 41 9.56 -13.46 1.69
CA ARG A 41 9.51 -14.26 2.91
C ARG A 41 9.89 -15.71 2.61
N CYS A 42 9.32 -16.25 1.55
CA CYS A 42 9.59 -17.65 1.18
C CYS A 42 10.92 -17.79 0.45
N LYS A 43 11.32 -16.75 -0.27
CA LYS A 43 12.58 -16.79 -1.02
C LYS A 43 13.78 -16.55 -0.10
N PHE A 44 13.57 -15.82 0.98
CA PHE A 44 14.66 -15.52 1.91
C PHE A 44 15.17 -16.79 2.59
N ASN A 45 14.24 -17.61 3.08
CA ASN A 45 14.62 -18.84 3.76
C ASN A 45 14.96 -19.94 2.77
N GLN A 46 16.25 -20.26 2.69
CA GLN A 46 16.71 -21.31 1.77
C GLN A 46 16.16 -22.66 2.20
N GLN A 47 16.00 -22.84 3.50
CA GLN A 47 15.48 -24.10 4.02
C GLN A 47 14.01 -24.26 3.66
N GLN A 48 13.27 -23.16 3.67
CA GLN A 48 11.85 -23.18 3.34
C GLN A 48 11.63 -23.69 1.92
N ARG A 49 12.49 -23.24 0.99
CA ARG A 49 12.37 -23.66 -0.40
C ARG A 49 13.74 -23.60 -1.09
N THR A 50 13.81 -22.91 -2.22
CA THR A 50 15.07 -22.79 -2.95
C THR A 50 15.95 -21.72 -2.31
N GLY A 51 17.26 -21.88 -2.47
CA GLY A 51 18.22 -20.93 -1.91
C GLY A 51 18.84 -20.06 -3.00
N GLU A 52 18.06 -19.11 -3.52
CA GLU A 52 18.56 -18.22 -4.57
C GLU A 52 18.93 -16.86 -3.97
N PRO A 53 19.79 -16.11 -4.63
CA PRO A 53 20.22 -14.78 -4.14
C PRO A 53 19.07 -14.00 -3.50
N ASP A 54 19.37 -13.31 -2.40
CA ASP A 54 18.36 -12.53 -1.69
C ASP A 54 18.58 -11.03 -1.93
N GLU A 55 17.50 -10.26 -1.81
CA GLU A 55 17.58 -8.81 -2.00
C GLU A 55 17.77 -8.10 -0.67
N GLU A 56 18.20 -8.86 0.34
CA GLU A 56 18.42 -8.30 1.67
C GLU A 56 17.09 -8.09 2.38
N GLU A 57 16.01 -8.49 1.71
CA GLU A 57 14.67 -8.35 2.29
C GLU A 57 14.11 -9.72 2.65
N GLY A 58 13.02 -9.70 3.42
CA GLY A 58 12.38 -10.94 3.85
C GLY A 58 12.22 -10.95 5.37
N THR A 59 13.17 -11.60 6.05
CA THR A 59 13.13 -11.67 7.50
C THR A 59 13.01 -10.27 8.08
N PHE A 60 13.20 -9.27 7.21
CA PHE A 60 13.10 -7.88 7.63
C PHE A 60 11.65 -7.56 7.97
N ARG A 61 10.76 -8.03 7.12
CA ARG A 61 9.33 -7.83 7.32
C ARG A 61 8.92 -8.49 8.64
N SER A 62 9.59 -9.59 8.97
CA SER A 62 9.30 -10.32 10.20
C SER A 62 9.54 -9.45 11.43
N SER A 63 10.52 -8.55 11.34
CA SER A 63 10.84 -7.68 12.48
C SER A 63 9.66 -6.76 12.78
N ILE A 64 8.90 -6.44 11.74
CA ILE A 64 7.74 -5.58 11.89
C ILE A 64 6.70 -6.24 12.79
N ARG A 65 6.62 -7.57 12.73
CA ARG A 65 5.65 -8.30 13.56
C ARG A 65 5.91 -7.98 15.03
N ARG A 66 7.17 -7.69 15.33
CA ARG A 66 7.56 -7.34 16.69
C ARG A 66 6.70 -6.18 17.17
N LEU A 67 6.38 -5.28 16.26
CA LEU A 67 5.56 -4.11 16.59
C LEU A 67 4.16 -4.53 17.06
N SER A 68 3.74 -5.74 16.67
CA SER A 68 2.42 -6.22 17.06
C SER A 68 2.31 -6.46 18.56
N THR A 69 3.30 -7.17 19.11
CA THR A 69 3.31 -7.46 20.55
C THR A 69 4.36 -6.59 21.24
N ARG A 70 5.48 -6.41 20.56
CA ARG A 70 6.57 -5.59 21.09
C ARG A 70 6.94 -6.02 22.52
N ARG A 71 6.53 -5.23 23.51
CA ARG A 71 6.86 -5.56 24.90
C ARG A 71 5.88 -6.59 25.45
N ARG A 72 4.65 -6.17 25.73
CA ARG A 72 3.65 -7.07 26.26
C ARG A 72 2.71 -7.54 25.15
N GLU A 1 -29.46 30.23 -17.36
CA GLU A 1 -29.96 31.14 -16.30
C GLU A 1 -28.93 31.22 -15.16
N SER A 2 -29.33 31.86 -14.07
CA SER A 2 -28.44 32.00 -12.92
C SER A 2 -27.14 32.72 -13.33
N PRO A 3 -27.25 33.89 -13.88
CA PRO A 3 -26.08 34.69 -14.33
C PRO A 3 -25.25 35.19 -13.15
N LYS A 4 -25.84 35.17 -11.96
CA LYS A 4 -25.15 35.63 -10.76
C LYS A 4 -24.12 34.59 -10.31
N GLU A 5 -24.10 33.45 -10.99
CA GLU A 5 -23.15 32.39 -10.65
C GLU A 5 -21.91 32.49 -11.53
N HIS A 6 -20.84 31.82 -11.09
CA HIS A 6 -19.59 31.84 -11.85
C HIS A 6 -19.48 30.59 -12.72
N ASP A 7 -18.66 30.68 -13.76
CA ASP A 7 -18.46 29.56 -14.67
C ASP A 7 -18.12 28.27 -13.92
N PRO A 8 -17.11 28.28 -13.08
CA PRO A 8 -16.70 27.06 -12.33
C PRO A 8 -17.63 26.74 -11.16
N PHE A 9 -18.50 27.68 -10.83
CA PHE A 9 -19.45 27.49 -9.73
C PHE A 9 -20.21 26.17 -9.90
N THR A 10 -20.51 25.84 -11.15
CA THR A 10 -21.25 24.61 -11.44
C THR A 10 -20.55 23.40 -10.83
N TYR A 11 -19.23 23.44 -10.77
CA TYR A 11 -18.45 22.34 -10.21
C TYR A 11 -17.76 22.76 -8.92
N ASP A 12 -17.87 21.91 -7.90
CA ASP A 12 -17.26 22.18 -6.61
C ASP A 12 -16.46 20.97 -6.14
N TYR A 13 -16.40 19.95 -6.99
CA TYR A 13 -15.67 18.73 -6.67
C TYR A 13 -14.17 18.94 -6.87
N GLN A 14 -13.72 20.17 -6.69
CA GLN A 14 -12.30 20.50 -6.87
C GLN A 14 -11.40 19.55 -6.08
N SER A 15 -11.69 19.39 -4.79
CA SER A 15 -10.89 18.52 -3.95
C SER A 15 -11.31 17.06 -4.07
N LEU A 16 -12.60 16.84 -4.28
CA LEU A 16 -13.13 15.48 -4.41
C LEU A 16 -12.87 14.92 -5.80
N GLN A 17 -12.31 15.74 -6.67
CA GLN A 17 -12.04 15.29 -8.04
C GLN A 17 -10.86 14.32 -8.09
N ILE A 18 -9.76 14.68 -7.45
CA ILE A 18 -8.57 13.84 -7.43
C ILE A 18 -8.53 12.95 -6.19
N GLY A 19 -9.35 13.27 -5.20
CA GLY A 19 -9.39 12.50 -3.96
C GLY A 19 -9.47 11.00 -4.23
N GLY A 20 -10.69 10.48 -4.31
CA GLY A 20 -10.92 9.06 -4.54
C GLY A 20 -9.90 8.45 -5.49
N LEU A 21 -9.42 9.25 -6.44
CA LEU A 21 -8.43 8.76 -7.40
C LEU A 21 -7.08 8.47 -6.76
N VAL A 22 -6.56 9.44 -6.01
CA VAL A 22 -5.25 9.29 -5.37
C VAL A 22 -5.27 8.20 -4.30
N ILE A 23 -6.24 8.26 -3.40
CA ILE A 23 -6.32 7.26 -2.33
C ILE A 23 -6.44 5.85 -2.91
N ALA A 24 -7.30 5.69 -3.91
CA ALA A 24 -7.47 4.39 -4.54
C ALA A 24 -6.13 3.89 -5.07
N GLY A 25 -5.32 4.83 -5.58
CA GLY A 25 -4.01 4.48 -6.13
C GLY A 25 -3.10 3.88 -5.06
N ILE A 26 -3.10 4.48 -3.87
CA ILE A 26 -2.24 3.98 -2.79
C ILE A 26 -2.62 2.56 -2.40
N LEU A 27 -3.91 2.28 -2.29
CA LEU A 27 -4.37 0.95 -1.89
C LEU A 27 -3.89 -0.13 -2.87
N PHE A 28 -4.09 0.12 -4.16
CA PHE A 28 -3.67 -0.83 -5.20
C PHE A 28 -2.15 -0.85 -5.34
N ILE A 29 -1.51 0.31 -5.19
CA ILE A 29 -0.06 0.40 -5.29
C ILE A 29 0.58 -0.37 -4.15
N LEU A 30 0.05 -0.15 -2.97
CA LEU A 30 0.49 -0.86 -1.79
C LEU A 30 0.13 -2.29 -2.05
N GLY A 31 -0.99 -2.44 -2.74
CA GLY A 31 -1.52 -3.76 -3.09
C GLY A 31 -0.50 -4.57 -3.90
N ILE A 32 0.00 -3.96 -4.98
CA ILE A 32 0.97 -4.64 -5.84
C ILE A 32 2.28 -4.86 -5.12
N LEU A 33 2.76 -3.84 -4.42
CA LEU A 33 4.00 -3.94 -3.69
C LEU A 33 3.90 -5.05 -2.64
N ILE A 34 2.79 -5.03 -1.93
CA ILE A 34 2.54 -6.03 -0.88
C ILE A 34 2.51 -7.44 -1.46
N VAL A 35 1.81 -7.62 -2.58
CA VAL A 35 1.71 -8.95 -3.20
C VAL A 35 3.10 -9.50 -3.51
N LEU A 36 3.91 -8.70 -4.19
CA LEU A 36 5.27 -9.13 -4.54
C LEU A 36 6.13 -9.28 -3.28
N SER A 37 5.88 -8.42 -2.30
CA SER A 37 6.64 -8.47 -1.04
C SER A 37 6.45 -9.80 -0.32
N ARG A 38 5.25 -10.36 -0.41
CA ARG A 38 4.95 -11.63 0.25
C ARG A 38 5.90 -12.71 -0.24
N ARG A 39 6.25 -12.66 -1.52
CA ARG A 39 7.15 -13.65 -2.08
C ARG A 39 8.51 -13.60 -1.40
N CYS A 40 8.86 -12.42 -0.89
CA CYS A 40 10.15 -12.25 -0.21
C CYS A 40 10.25 -13.14 1.02
N ARG A 41 9.18 -13.19 1.81
CA ARG A 41 9.17 -14.01 3.02
C ARG A 41 9.45 -15.48 2.68
N CYS A 42 8.80 -15.97 1.64
CA CYS A 42 8.98 -17.36 1.23
C CYS A 42 10.34 -17.55 0.56
N LYS A 43 10.78 -16.52 -0.18
CA LYS A 43 12.05 -16.59 -0.88
C LYS A 43 13.24 -16.37 0.05
N PHE A 44 13.03 -15.60 1.12
CA PHE A 44 14.11 -15.32 2.06
C PHE A 44 14.55 -16.59 2.79
N ASN A 45 13.58 -17.36 3.29
CA ASN A 45 13.89 -18.59 4.00
C ASN A 45 14.01 -19.76 3.02
N GLN A 46 15.23 -20.24 2.82
CA GLN A 46 15.44 -21.37 1.92
C GLN A 46 14.84 -22.64 2.50
N GLN A 47 14.89 -22.76 3.82
CA GLN A 47 14.33 -23.94 4.49
C GLN A 47 12.84 -24.06 4.20
N GLN A 48 12.16 -22.92 4.12
CA GLN A 48 10.73 -22.91 3.84
C GLN A 48 10.45 -23.50 2.47
N ARG A 49 11.25 -23.11 1.48
CA ARG A 49 11.08 -23.61 0.13
C ARG A 49 12.44 -23.80 -0.55
N THR A 50 12.56 -24.85 -1.35
CA THR A 50 13.81 -25.13 -2.05
C THR A 50 13.89 -24.33 -3.33
N GLY A 51 15.05 -23.72 -3.58
CA GLY A 51 15.25 -22.92 -4.79
C GLY A 51 16.73 -22.66 -5.03
N GLU A 52 17.02 -21.74 -5.95
CA GLU A 52 18.40 -21.41 -6.27
C GLU A 52 19.03 -20.61 -5.13
N PRO A 53 20.34 -20.62 -5.03
CA PRO A 53 21.06 -19.86 -3.97
C PRO A 53 20.42 -18.51 -3.68
N ASP A 54 20.38 -18.12 -2.42
CA ASP A 54 19.79 -16.85 -2.03
C ASP A 54 20.63 -16.17 -0.95
N GLU A 55 20.41 -14.88 -0.76
CA GLU A 55 21.15 -14.12 0.25
C GLU A 55 20.76 -14.58 1.65
N GLU A 56 21.50 -14.13 2.65
CA GLU A 56 21.21 -14.51 4.03
C GLU A 56 19.71 -14.39 4.30
N GLU A 57 19.20 -15.29 5.14
CA GLU A 57 17.78 -15.27 5.47
C GLU A 57 17.37 -13.87 5.92
N GLY A 58 16.18 -13.45 5.49
CA GLY A 58 15.68 -12.13 5.85
C GLY A 58 14.26 -12.22 6.39
N THR A 59 14.00 -11.44 7.42
CA THR A 59 12.69 -11.40 8.05
C THR A 59 12.43 -10.00 8.60
N PHE A 60 12.56 -9.01 7.71
CA PHE A 60 12.37 -7.61 8.11
C PHE A 60 10.90 -7.33 8.43
N ARG A 61 10.01 -7.82 7.58
CA ARG A 61 8.59 -7.63 7.78
C ARG A 61 8.15 -8.28 9.08
N SER A 62 8.80 -9.38 9.43
CA SER A 62 8.46 -10.11 10.65
C SER A 62 8.67 -9.22 11.87
N SER A 63 9.65 -8.34 11.82
CA SER A 63 9.92 -7.45 12.94
C SER A 63 8.72 -6.55 13.22
N ILE A 64 7.99 -6.22 12.16
CA ILE A 64 6.80 -5.37 12.30
C ILE A 64 5.75 -6.08 13.14
N ARG A 65 5.68 -7.41 13.03
CA ARG A 65 4.70 -8.17 13.81
C ARG A 65 4.93 -7.89 15.29
N ARG A 66 6.18 -7.67 15.66
CA ARG A 66 6.50 -7.37 17.03
C ARG A 66 5.70 -6.16 17.47
N LEU A 67 5.50 -5.24 16.53
CA LEU A 67 4.73 -4.04 16.79
C LEU A 67 3.31 -4.38 17.27
N SER A 68 2.86 -5.58 16.94
CA SER A 68 1.51 -6.00 17.32
C SER A 68 1.37 -6.21 18.83
N THR A 69 2.32 -6.94 19.42
CA THR A 69 2.29 -7.21 20.86
C THR A 69 3.33 -6.37 21.57
N ARG A 70 4.46 -6.18 20.87
CA ARG A 70 5.61 -5.39 21.35
C ARG A 70 5.59 -5.15 22.86
N ARG A 71 5.57 -6.24 23.63
CA ARG A 71 5.57 -6.14 25.07
C ARG A 71 6.99 -5.90 25.59
N ARG A 72 7.10 -5.25 26.74
CA ARG A 72 8.40 -4.96 27.32
C ARG A 72 9.36 -6.14 27.15
N GLU A 1 -22.65 25.57 -21.44
CA GLU A 1 -21.89 26.84 -21.44
C GLU A 1 -22.85 28.02 -21.60
N SER A 2 -23.33 28.53 -20.46
CA SER A 2 -24.27 29.65 -20.49
C SER A 2 -23.90 30.67 -19.40
N PRO A 3 -24.41 31.87 -19.50
CA PRO A 3 -24.13 32.95 -18.50
C PRO A 3 -24.79 32.67 -17.16
N LYS A 4 -25.71 31.72 -17.14
CA LYS A 4 -26.42 31.36 -15.92
C LYS A 4 -25.52 30.55 -15.00
N GLU A 5 -24.34 30.21 -15.49
CA GLU A 5 -23.38 29.42 -14.70
C GLU A 5 -22.36 30.34 -14.04
N HIS A 6 -21.84 29.89 -12.89
CA HIS A 6 -20.84 30.67 -12.15
C HIS A 6 -19.58 29.84 -11.91
N ASP A 7 -18.43 30.48 -12.04
CA ASP A 7 -17.16 29.80 -11.83
C ASP A 7 -17.17 28.43 -12.48
N PRO A 8 -17.44 28.37 -13.76
CA PRO A 8 -17.48 27.09 -14.52
C PRO A 8 -16.10 26.46 -14.66
N PHE A 9 -15.07 27.28 -14.53
CA PHE A 9 -13.70 26.80 -14.65
C PHE A 9 -13.41 25.69 -13.64
N THR A 10 -13.96 25.84 -12.43
CA THR A 10 -13.76 24.86 -11.37
C THR A 10 -15.06 24.09 -11.12
N TYR A 11 -14.91 22.86 -10.62
CA TYR A 11 -16.07 22.02 -10.32
C TYR A 11 -16.21 21.80 -8.82
N ASP A 12 -17.44 21.71 -8.33
CA ASP A 12 -17.68 21.51 -6.92
C ASP A 12 -16.91 20.29 -6.42
N TYR A 13 -16.80 19.29 -7.28
CA TYR A 13 -16.08 18.06 -6.93
C TYR A 13 -14.58 18.27 -7.13
N GLN A 14 -14.13 19.50 -6.95
CA GLN A 14 -12.71 19.83 -7.12
C GLN A 14 -11.82 18.87 -6.32
N SER A 15 -12.11 18.71 -5.04
CA SER A 15 -11.31 17.82 -4.19
C SER A 15 -11.77 16.38 -4.32
N LEU A 16 -13.05 16.18 -4.58
CA LEU A 16 -13.61 14.84 -4.71
C LEU A 16 -13.36 14.26 -6.10
N GLN A 17 -12.78 15.07 -6.98
CA GLN A 17 -12.50 14.61 -8.35
C GLN A 17 -11.32 13.66 -8.39
N ILE A 18 -10.22 14.03 -7.73
CA ILE A 18 -9.02 13.19 -7.71
C ILE A 18 -9.00 12.29 -6.47
N GLY A 19 -9.81 12.63 -5.48
CA GLY A 19 -9.85 11.85 -4.24
C GLY A 19 -9.89 10.35 -4.52
N GLY A 20 -11.11 9.81 -4.60
CA GLY A 20 -11.30 8.38 -4.86
C GLY A 20 -10.25 7.81 -5.80
N LEU A 21 -9.75 8.65 -6.70
CA LEU A 21 -8.74 8.21 -7.66
C LEU A 21 -7.40 7.94 -7.01
N VAL A 22 -6.93 8.88 -6.19
CA VAL A 22 -5.64 8.74 -5.54
C VAL A 22 -5.64 7.62 -4.48
N ILE A 23 -6.64 7.64 -3.60
CA ILE A 23 -6.73 6.64 -2.55
C ILE A 23 -6.95 5.24 -3.12
N ALA A 24 -7.76 5.14 -4.17
CA ALA A 24 -8.03 3.84 -4.78
C ALA A 24 -6.76 3.22 -5.33
N GLY A 25 -6.00 4.01 -6.08
CA GLY A 25 -4.74 3.54 -6.65
C GLY A 25 -3.77 3.09 -5.56
N ILE A 26 -3.79 3.80 -4.44
CA ILE A 26 -2.90 3.46 -3.34
C ILE A 26 -3.18 2.07 -2.78
N LEU A 27 -4.45 1.72 -2.64
CA LEU A 27 -4.83 0.41 -2.10
C LEU A 27 -4.36 -0.72 -3.02
N PHE A 28 -4.63 -0.59 -4.31
CA PHE A 28 -4.22 -1.59 -5.28
C PHE A 28 -2.71 -1.59 -5.46
N ILE A 29 -2.11 -0.40 -5.41
CA ILE A 29 -0.66 -0.28 -5.55
C ILE A 29 0.00 -1.04 -4.42
N LEU A 30 -0.56 -0.86 -3.23
CA LEU A 30 -0.10 -1.57 -2.08
C LEU A 30 -0.39 -3.01 -2.37
N GLY A 31 -1.50 -3.20 -3.08
CA GLY A 31 -1.94 -4.54 -3.45
C GLY A 31 -0.89 -5.29 -4.28
N ILE A 32 -0.42 -4.66 -5.36
CA ILE A 32 0.57 -5.28 -6.23
C ILE A 32 1.89 -5.52 -5.50
N LEU A 33 2.34 -4.53 -4.74
CA LEU A 33 3.59 -4.68 -4.00
C LEU A 33 3.44 -5.76 -2.94
N ILE A 34 2.32 -5.71 -2.22
CA ILE A 34 2.05 -6.69 -1.18
C ILE A 34 1.99 -8.11 -1.75
N VAL A 35 1.30 -8.28 -2.87
CA VAL A 35 1.17 -9.60 -3.48
C VAL A 35 2.54 -10.20 -3.75
N LEU A 36 3.38 -9.45 -4.44
CA LEU A 36 4.73 -9.92 -4.75
C LEU A 36 5.56 -10.07 -3.49
N SER A 37 5.28 -9.23 -2.50
CA SER A 37 6.02 -9.27 -1.24
C SER A 37 5.88 -10.63 -0.55
N ARG A 38 4.70 -11.24 -0.66
CA ARG A 38 4.49 -12.54 -0.01
C ARG A 38 5.51 -13.55 -0.50
N ARG A 39 5.87 -13.47 -1.78
CA ARG A 39 6.84 -14.38 -2.36
C ARG A 39 8.17 -14.29 -1.62
N CYS A 40 8.49 -13.09 -1.15
CA CYS A 40 9.74 -12.86 -0.42
C CYS A 40 9.83 -13.76 0.81
N ARG A 41 8.74 -13.81 1.56
CA ARG A 41 8.70 -14.64 2.77
C ARG A 41 9.03 -16.09 2.43
N CYS A 42 8.42 -16.60 1.37
CA CYS A 42 8.65 -17.99 0.97
C CYS A 42 10.00 -18.14 0.28
N LYS A 43 10.39 -17.13 -0.49
CA LYS A 43 11.66 -17.16 -1.20
C LYS A 43 12.84 -16.88 -0.27
N PHE A 44 12.59 -16.18 0.83
CA PHE A 44 13.66 -15.86 1.76
C PHE A 44 14.23 -17.11 2.41
N ASN A 45 13.32 -17.94 2.95
CA ASN A 45 13.65 -19.22 3.62
C ASN A 45 12.75 -19.42 4.83
N GLN A 46 11.66 -18.65 4.89
CA GLN A 46 10.73 -18.75 6.01
C GLN A 46 10.20 -20.17 6.15
N GLN A 47 9.92 -20.81 5.02
CA GLN A 47 9.42 -22.17 5.04
C GLN A 47 10.42 -23.09 5.71
N GLN A 48 11.70 -22.79 5.52
CA GLN A 48 12.77 -23.60 6.11
C GLN A 48 12.97 -23.23 7.58
N ARG A 49 12.51 -22.04 7.96
CA ARG A 49 12.64 -21.58 9.34
C ARG A 49 14.05 -21.04 9.58
N THR A 50 14.20 -20.24 10.63
CA THR A 50 15.50 -19.66 10.97
C THR A 50 16.37 -20.69 11.67
N GLY A 51 17.68 -20.56 11.50
CA GLY A 51 18.63 -21.48 12.13
C GLY A 51 19.87 -21.66 11.27
N GLU A 52 19.98 -20.84 10.22
CA GLU A 52 21.11 -20.91 9.31
C GLU A 52 22.04 -19.70 9.51
N PRO A 53 23.29 -19.79 9.12
CA PRO A 53 24.27 -18.68 9.26
C PRO A 53 23.69 -17.33 8.83
N ASP A 54 24.52 -16.30 8.90
CA ASP A 54 24.11 -14.95 8.50
C ASP A 54 23.19 -15.00 7.29
N GLU A 55 22.19 -14.12 7.28
CA GLU A 55 21.23 -14.08 6.17
C GLU A 55 20.97 -12.64 5.73
N GLU A 56 20.16 -12.48 4.68
CA GLU A 56 19.84 -11.16 4.16
C GLU A 56 18.43 -10.75 4.60
N GLU A 57 17.86 -9.78 3.90
CA GLU A 57 16.53 -9.29 4.22
C GLU A 57 15.46 -10.29 3.78
N GLY A 58 14.26 -10.14 4.31
CA GLY A 58 13.16 -11.04 3.97
C GLY A 58 12.18 -11.10 5.14
N THR A 59 12.70 -10.96 6.35
CA THR A 59 11.86 -10.99 7.55
C THR A 59 11.70 -9.58 8.10
N PHE A 60 11.89 -8.59 7.23
CA PHE A 60 11.74 -7.20 7.65
C PHE A 60 10.29 -6.93 7.99
N ARG A 61 9.41 -7.43 7.14
CA ARG A 61 7.98 -7.27 7.35
C ARG A 61 7.58 -7.91 8.67
N SER A 62 8.28 -8.98 9.02
CA SER A 62 8.01 -9.70 10.26
C SER A 62 8.22 -8.78 11.46
N SER A 63 9.18 -7.87 11.35
CA SER A 63 9.45 -6.94 12.44
C SER A 63 8.24 -6.03 12.68
N ILE A 64 7.51 -5.74 11.62
CA ILE A 64 6.32 -4.89 11.73
C ILE A 64 5.27 -5.57 12.61
N ARG A 65 5.21 -6.90 12.54
CA ARG A 65 4.24 -7.64 13.34
C ARG A 65 4.46 -7.35 14.82
N ARG A 66 5.70 -7.08 15.20
CA ARG A 66 6.01 -6.77 16.59
C ARG A 66 5.17 -5.59 17.05
N LEU A 67 4.94 -4.66 16.15
CA LEU A 67 4.14 -3.48 16.47
C LEU A 67 2.75 -3.89 16.93
N SER A 68 2.33 -5.10 16.55
CA SER A 68 1.00 -5.58 16.91
C SER A 68 0.91 -5.85 18.41
N THR A 69 1.89 -6.56 18.97
CA THR A 69 1.90 -6.88 20.39
C THR A 69 2.93 -6.04 21.14
N ARG A 70 4.07 -5.82 20.51
CA ARG A 70 5.14 -5.03 21.14
C ARG A 70 4.81 -3.54 21.14
N ARG A 71 3.66 -3.18 20.57
CA ARG A 71 3.27 -1.78 20.53
C ARG A 71 1.75 -1.64 20.47
N ARG A 72 1.17 -1.00 21.48
CA ARG A 72 -0.27 -0.80 21.52
C ARG A 72 -1.00 -2.14 21.40
N GLU A 1 -34.41 29.97 -14.29
CA GLU A 1 -33.40 29.09 -14.95
C GLU A 1 -32.07 29.84 -15.06
N SER A 2 -32.07 30.92 -15.84
CA SER A 2 -30.86 31.71 -16.02
C SER A 2 -29.72 30.84 -16.53
N PRO A 3 -29.90 30.19 -17.65
CA PRO A 3 -28.88 29.31 -18.25
C PRO A 3 -27.68 30.09 -18.80
N LYS A 4 -27.92 31.37 -19.11
CA LYS A 4 -26.86 32.23 -19.63
C LYS A 4 -25.90 32.62 -18.51
N GLU A 5 -26.27 32.32 -17.28
CA GLU A 5 -25.43 32.66 -16.13
C GLU A 5 -24.70 31.42 -15.63
N HIS A 6 -23.62 31.65 -14.88
CA HIS A 6 -22.83 30.56 -14.33
C HIS A 6 -22.70 30.70 -12.81
N ASP A 7 -22.58 29.57 -12.13
CA ASP A 7 -22.45 29.58 -10.67
C ASP A 7 -21.35 28.62 -10.22
N PRO A 8 -20.86 28.77 -9.02
CA PRO A 8 -19.78 27.89 -8.47
C PRO A 8 -20.28 26.47 -8.20
N PHE A 9 -21.58 26.33 -7.99
CA PHE A 9 -22.17 25.03 -7.72
C PHE A 9 -21.77 24.03 -8.80
N THR A 10 -21.54 24.53 -10.01
CA THR A 10 -21.17 23.68 -11.13
C THR A 10 -19.96 22.80 -10.75
N TYR A 11 -19.01 23.38 -10.04
CA TYR A 11 -17.83 22.65 -9.62
C TYR A 11 -17.47 22.96 -8.17
N ASP A 12 -17.22 21.91 -7.39
CA ASP A 12 -16.86 22.08 -5.99
C ASP A 12 -16.08 20.87 -5.49
N TYR A 13 -16.00 19.84 -6.33
CA TYR A 13 -15.28 18.63 -5.96
C TYR A 13 -13.78 18.81 -6.15
N GLN A 14 -13.31 20.05 -5.98
CA GLN A 14 -11.90 20.35 -6.16
C GLN A 14 -11.01 19.40 -5.34
N SER A 15 -11.31 19.27 -4.06
CA SER A 15 -10.53 18.39 -3.19
C SER A 15 -10.95 16.92 -3.34
N LEU A 16 -12.24 16.69 -3.57
CA LEU A 16 -12.74 15.33 -3.72
C LEU A 16 -12.48 14.78 -5.12
N GLN A 17 -11.92 15.62 -6.00
CA GLN A 17 -11.64 15.20 -7.36
C GLN A 17 -10.46 14.23 -7.42
N ILE A 18 -9.39 14.57 -6.70
CA ILE A 18 -8.19 13.73 -6.70
C ILE A 18 -8.16 12.80 -5.47
N GLY A 19 -8.94 13.15 -4.45
CA GLY A 19 -8.97 12.35 -3.23
C GLY A 19 -9.04 10.86 -3.54
N GLY A 20 -10.26 10.32 -3.59
CA GLY A 20 -10.49 8.90 -3.86
C GLY A 20 -9.45 8.31 -4.81
N LEU A 21 -8.95 9.13 -5.73
CA LEU A 21 -7.97 8.67 -6.69
C LEU A 21 -6.61 8.41 -6.03
N VAL A 22 -6.11 9.39 -5.28
CA VAL A 22 -4.80 9.23 -4.65
C VAL A 22 -4.81 8.14 -3.57
N ILE A 23 -5.78 8.21 -2.65
CA ILE A 23 -5.85 7.22 -1.59
C ILE A 23 -6.00 5.82 -2.17
N ALA A 24 -6.80 5.70 -3.22
CA ALA A 24 -7.02 4.42 -3.86
C ALA A 24 -5.69 3.87 -4.37
N GLY A 25 -4.85 4.77 -4.89
CA GLY A 25 -3.55 4.38 -5.41
C GLY A 25 -2.66 3.80 -4.33
N ILE A 26 -2.67 4.39 -3.14
CA ILE A 26 -1.83 3.90 -2.05
C ILE A 26 -2.22 2.48 -1.64
N LEU A 27 -3.52 2.21 -1.58
CA LEU A 27 -3.98 0.89 -1.17
C LEU A 27 -3.50 -0.19 -2.15
N PHE A 28 -3.68 0.06 -3.44
CA PHE A 28 -3.25 -0.88 -4.48
C PHE A 28 -1.73 -0.90 -4.62
N ILE A 29 -1.09 0.26 -4.47
CA ILE A 29 0.36 0.35 -4.58
C ILE A 29 1.01 -0.39 -3.43
N LEU A 30 0.46 -0.18 -2.24
CA LEU A 30 0.91 -0.85 -1.07
C LEU A 30 0.59 -2.30 -1.30
N GLY A 31 -0.53 -2.49 -1.98
CA GLY A 31 -1.01 -3.83 -2.31
C GLY A 31 0.00 -4.61 -3.15
N ILE A 32 0.44 -4.01 -4.26
CA ILE A 32 1.40 -4.66 -5.15
C ILE A 32 2.72 -4.91 -4.43
N LEU A 33 3.19 -3.90 -3.71
CA LEU A 33 4.45 -4.04 -2.98
C LEU A 33 4.31 -5.12 -1.93
N ILE A 34 3.20 -5.08 -1.22
CA ILE A 34 2.94 -6.07 -0.17
C ILE A 34 2.90 -7.49 -0.73
N VAL A 35 2.21 -7.67 -1.86
CA VAL A 35 2.10 -8.99 -2.46
C VAL A 35 3.48 -9.57 -2.76
N LEU A 36 4.31 -8.80 -3.44
CA LEU A 36 5.66 -9.25 -3.78
C LEU A 36 6.50 -9.41 -2.51
N SER A 37 6.25 -8.55 -1.53
CA SER A 37 6.99 -8.60 -0.28
C SER A 37 6.81 -9.93 0.44
N ARG A 38 5.61 -10.50 0.35
CA ARG A 38 5.33 -11.77 1.00
C ARG A 38 6.30 -12.86 0.52
N ARG A 39 6.59 -12.86 -0.76
CA ARG A 39 7.49 -13.86 -1.34
C ARG A 39 8.86 -13.79 -0.67
N CYS A 40 9.26 -12.60 -0.23
CA CYS A 40 10.56 -12.43 0.41
C CYS A 40 10.70 -13.31 1.64
N ARG A 41 9.66 -13.33 2.47
CA ARG A 41 9.69 -14.14 3.70
C ARG A 41 9.96 -15.60 3.38
N CYS A 42 9.37 -16.10 2.30
CA CYS A 42 9.56 -17.49 1.91
C CYS A 42 10.90 -17.70 1.23
N LYS A 43 11.22 -16.82 0.28
CA LYS A 43 12.49 -16.91 -0.45
C LYS A 43 13.69 -16.80 0.48
N PHE A 44 13.56 -15.98 1.51
CA PHE A 44 14.66 -15.77 2.45
C PHE A 44 15.00 -17.03 3.23
N ASN A 45 13.98 -17.68 3.77
CA ASN A 45 14.21 -18.90 4.55
C ASN A 45 14.62 -20.05 3.63
N GLN A 46 15.89 -20.46 3.74
CA GLN A 46 16.38 -21.56 2.92
C GLN A 46 15.59 -22.83 3.21
N GLN A 47 15.18 -22.98 4.47
CA GLN A 47 14.41 -24.16 4.86
C GLN A 47 13.16 -24.27 4.00
N GLN A 48 12.46 -23.16 3.83
CA GLN A 48 11.25 -23.14 3.01
C GLN A 48 11.60 -23.33 1.55
N ARG A 49 12.67 -22.67 1.11
CA ARG A 49 13.12 -22.77 -0.28
C ARG A 49 14.60 -22.43 -0.37
N THR A 50 15.41 -23.41 -0.75
CA THR A 50 16.85 -23.20 -0.87
C THR A 50 17.25 -23.08 -2.34
N GLY A 51 18.14 -22.14 -2.63
CA GLY A 51 18.60 -21.93 -4.00
C GLY A 51 18.81 -20.45 -4.29
N GLU A 52 17.83 -19.63 -3.94
CA GLU A 52 17.92 -18.20 -4.19
C GLU A 52 18.90 -17.54 -3.20
N PRO A 53 19.50 -16.43 -3.55
CA PRO A 53 20.45 -15.71 -2.64
C PRO A 53 19.94 -15.64 -1.21
N ASP A 54 20.86 -15.36 -0.28
CA ASP A 54 20.48 -15.26 1.12
C ASP A 54 19.57 -14.05 1.34
N GLU A 55 19.70 -13.06 0.47
CA GLU A 55 18.88 -11.85 0.55
C GLU A 55 19.17 -11.10 1.85
N GLU A 56 19.55 -9.83 1.72
CA GLU A 56 19.85 -9.02 2.89
C GLU A 56 18.61 -8.89 3.76
N GLU A 57 17.46 -8.70 3.13
CA GLU A 57 16.21 -8.57 3.86
C GLU A 57 15.41 -9.86 3.78
N GLY A 58 14.60 -10.11 4.80
CA GLY A 58 13.79 -11.32 4.83
C GLY A 58 13.10 -11.45 6.19
N THR A 59 13.82 -11.94 7.18
CA THR A 59 13.26 -12.09 8.51
C THR A 59 13.08 -10.73 9.15
N PHE A 60 13.27 -9.68 8.34
CA PHE A 60 13.11 -8.31 8.82
C PHE A 60 11.64 -8.08 9.15
N ARG A 61 10.78 -8.58 8.27
CA ARG A 61 9.35 -8.47 8.49
C ARG A 61 8.98 -9.15 9.79
N SER A 62 9.72 -10.22 10.11
CA SER A 62 9.48 -10.96 11.33
C SER A 62 9.70 -10.06 12.55
N SER A 63 10.65 -9.14 12.43
CA SER A 63 10.93 -8.22 13.53
C SER A 63 9.74 -7.30 13.76
N ILE A 64 9.05 -6.97 12.68
CA ILE A 64 7.88 -6.09 12.75
C ILE A 64 6.79 -6.74 13.60
N ARG A 65 6.70 -8.06 13.58
CA ARG A 65 5.69 -8.74 14.38
C ARG A 65 5.85 -8.38 15.85
N ARG A 66 7.10 -8.10 16.24
CA ARG A 66 7.36 -7.74 17.63
C ARG A 66 6.49 -6.57 18.05
N LEU A 67 6.22 -5.66 17.13
CA LEU A 67 5.38 -4.52 17.44
C LEU A 67 3.99 -4.98 17.90
N SER A 68 3.64 -6.22 17.54
CA SER A 68 2.32 -6.75 17.90
C SER A 68 2.23 -7.02 19.40
N THR A 69 3.23 -7.71 19.96
CA THR A 69 3.25 -8.03 21.38
C THR A 69 4.29 -7.19 22.11
N ARG A 70 5.44 -7.00 21.47
CA ARG A 70 6.53 -6.23 22.06
C ARG A 70 6.26 -4.72 21.98
N ARG A 71 5.02 -4.33 22.19
CA ARG A 71 4.66 -2.92 22.15
C ARG A 71 3.69 -2.58 23.27
N ARG A 72 2.57 -3.29 23.30
CA ARG A 72 1.56 -3.06 24.33
C ARG A 72 0.85 -4.36 24.68
N GLU A 1 -8.34 31.88 -26.82
CA GLU A 1 -9.46 31.78 -27.78
C GLU A 1 -10.49 30.77 -27.27
N SER A 2 -11.37 30.33 -28.15
CA SER A 2 -12.40 29.37 -27.76
C SER A 2 -13.22 29.89 -26.59
N PRO A 3 -13.82 31.04 -26.73
CA PRO A 3 -14.65 31.66 -25.66
C PRO A 3 -15.95 30.90 -25.43
N LYS A 4 -16.30 30.02 -26.36
CA LYS A 4 -17.52 29.25 -26.25
C LYS A 4 -17.36 28.14 -25.20
N GLU A 5 -16.16 28.00 -24.67
CA GLU A 5 -15.90 26.98 -23.67
C GLU A 5 -16.53 27.35 -22.34
N HIS A 6 -16.88 26.34 -21.55
CA HIS A 6 -17.50 26.59 -20.25
C HIS A 6 -16.43 26.69 -19.15
N ASP A 7 -16.66 27.59 -18.20
CA ASP A 7 -15.71 27.78 -17.11
C ASP A 7 -15.92 26.72 -16.03
N PRO A 8 -14.95 26.53 -15.17
CA PRO A 8 -15.03 25.53 -14.07
C PRO A 8 -16.05 25.91 -13.01
N PHE A 9 -16.42 27.19 -12.98
CA PHE A 9 -17.39 27.68 -12.01
C PHE A 9 -18.66 26.84 -12.03
N THR A 10 -19.02 26.36 -13.22
CA THR A 10 -20.22 25.54 -13.36
C THR A 10 -20.17 24.35 -12.41
N TYR A 11 -18.98 23.79 -12.21
CA TYR A 11 -18.81 22.65 -11.33
C TYR A 11 -18.05 23.03 -10.07
N ASP A 12 -18.56 22.62 -8.92
CA ASP A 12 -17.91 22.92 -7.64
C ASP A 12 -17.11 21.72 -7.16
N TYR A 13 -17.01 20.70 -8.01
CA TYR A 13 -16.28 19.49 -7.66
C TYR A 13 -14.78 19.70 -7.87
N GLN A 14 -14.33 20.94 -7.67
CA GLN A 14 -12.92 21.27 -7.85
C GLN A 14 -12.01 20.31 -7.08
N SER A 15 -12.30 20.16 -5.78
CA SER A 15 -11.49 19.28 -4.94
C SER A 15 -11.95 17.82 -5.04
N LEU A 16 -13.23 17.62 -5.27
CA LEU A 16 -13.78 16.26 -5.38
C LEU A 16 -13.55 15.67 -6.77
N GLN A 17 -12.96 16.45 -7.66
CA GLN A 17 -12.71 15.97 -9.02
C GLN A 17 -11.54 14.98 -9.06
N ILE A 18 -10.41 15.37 -8.45
CA ILE A 18 -9.23 14.51 -8.45
C ILE A 18 -9.22 13.58 -7.22
N GLY A 19 -9.94 13.97 -6.18
CA GLY A 19 -9.99 13.17 -4.96
C GLY A 19 -10.06 11.67 -5.26
N GLY A 20 -11.29 11.14 -5.29
CA GLY A 20 -11.52 9.72 -5.55
C GLY A 20 -10.49 9.12 -6.49
N LEU A 21 -9.99 9.91 -7.43
CA LEU A 21 -9.02 9.41 -8.39
C LEU A 21 -7.66 9.16 -7.74
N VAL A 22 -7.14 10.15 -7.01
CA VAL A 22 -5.83 10.01 -6.38
C VAL A 22 -5.84 8.93 -5.29
N ILE A 23 -6.80 9.02 -4.37
CA ILE A 23 -6.87 8.04 -3.29
C ILE A 23 -7.02 6.63 -3.84
N ALA A 24 -7.86 6.48 -4.85
CA ALA A 24 -8.09 5.18 -5.47
C ALA A 24 -6.77 4.63 -6.01
N GLY A 25 -5.94 5.53 -6.51
CA GLY A 25 -4.65 5.16 -7.06
C GLY A 25 -3.71 4.60 -5.98
N ILE A 26 -3.72 5.21 -4.79
CA ILE A 26 -2.84 4.76 -3.72
C ILE A 26 -3.18 3.33 -3.27
N LEU A 27 -4.47 3.05 -3.11
CA LEU A 27 -4.89 1.71 -2.66
C LEU A 27 -4.47 0.64 -3.67
N PHE A 28 -4.74 0.89 -4.94
CA PHE A 28 -4.40 -0.03 -6.01
C PHE A 28 -2.89 -0.08 -6.23
N ILE A 29 -2.23 1.07 -6.11
CA ILE A 29 -0.78 1.14 -6.28
C ILE A 29 -0.15 0.30 -5.18
N LEU A 30 -0.69 0.46 -3.98
CA LEU A 30 -0.25 -0.34 -2.87
C LEU A 30 -0.61 -1.74 -3.23
N GLY A 31 -1.73 -1.84 -3.95
CA GLY A 31 -2.22 -3.14 -4.38
C GLY A 31 -1.18 -3.91 -5.18
N ILE A 32 -0.60 -3.26 -6.19
CA ILE A 32 0.41 -3.91 -7.04
C ILE A 32 1.71 -4.15 -6.26
N LEU A 33 2.15 -3.14 -5.51
CA LEU A 33 3.38 -3.27 -4.75
C LEU A 33 3.24 -4.37 -3.70
N ILE A 34 2.13 -4.33 -2.97
CA ILE A 34 1.88 -5.32 -1.92
C ILE A 34 1.83 -6.73 -2.50
N VAL A 35 1.14 -6.90 -3.63
CA VAL A 35 1.00 -8.21 -4.24
C VAL A 35 2.38 -8.81 -4.52
N LEU A 36 3.22 -8.05 -5.21
CA LEU A 36 4.56 -8.52 -5.54
C LEU A 36 5.40 -8.67 -4.27
N SER A 37 5.15 -7.81 -3.29
CA SER A 37 5.90 -7.85 -2.04
C SER A 37 5.70 -9.17 -1.30
N ARG A 38 4.49 -9.71 -1.36
CA ARG A 38 4.20 -10.97 -0.68
C ARG A 38 5.13 -12.07 -1.18
N ARG A 39 5.52 -11.98 -2.44
CA ARG A 39 6.42 -12.97 -3.01
C ARG A 39 7.79 -12.91 -2.34
N CYS A 40 8.18 -11.71 -1.91
CA CYS A 40 9.47 -11.52 -1.27
C CYS A 40 9.60 -12.41 -0.03
N ARG A 41 8.60 -12.39 0.84
CA ARG A 41 8.63 -13.20 2.04
C ARG A 41 8.86 -14.67 1.70
N CYS A 42 8.25 -15.12 0.61
CA CYS A 42 8.39 -16.50 0.17
C CYS A 42 9.79 -16.76 -0.40
N LYS A 43 10.30 -15.80 -1.16
CA LYS A 43 11.63 -15.94 -1.77
C LYS A 43 12.76 -15.69 -0.76
N PHE A 44 12.46 -14.95 0.31
CA PHE A 44 13.50 -14.62 1.29
C PHE A 44 14.03 -15.88 1.99
N ASN A 45 13.13 -16.71 2.51
CA ASN A 45 13.51 -17.95 3.20
C ASN A 45 12.39 -18.43 4.12
N GLN A 46 11.20 -17.86 3.94
CA GLN A 46 10.07 -18.23 4.76
C GLN A 46 9.80 -19.73 4.67
N GLN A 47 10.02 -20.29 3.48
CA GLN A 47 9.82 -21.73 3.28
C GLN A 47 10.82 -22.52 4.11
N GLN A 48 11.99 -21.93 4.33
CA GLN A 48 13.03 -22.60 5.11
C GLN A 48 12.53 -22.97 6.49
N ARG A 49 11.71 -22.12 7.09
CA ARG A 49 11.18 -22.38 8.41
C ARG A 49 9.90 -21.57 8.64
N THR A 50 9.07 -22.03 9.59
CA THR A 50 7.83 -21.35 9.91
C THR A 50 7.95 -20.63 11.25
N GLY A 51 7.08 -19.66 11.47
CA GLY A 51 7.10 -18.91 12.72
C GLY A 51 6.99 -19.84 13.92
N GLU A 52 7.78 -19.56 14.95
CA GLU A 52 7.79 -20.38 16.17
C GLU A 52 7.19 -19.60 17.34
N PRO A 53 6.70 -20.27 18.36
CA PRO A 53 6.11 -19.61 19.55
C PRO A 53 6.93 -18.41 20.03
N ASP A 54 6.39 -17.70 21.02
CA ASP A 54 7.08 -16.53 21.57
C ASP A 54 7.37 -15.51 20.48
N GLU A 55 8.14 -14.48 20.83
CA GLU A 55 8.49 -13.42 19.89
C GLU A 55 9.09 -14.03 18.62
N GLU A 56 8.77 -13.41 17.49
CA GLU A 56 9.27 -13.88 16.19
C GLU A 56 10.33 -12.92 15.66
N GLU A 57 11.33 -13.47 14.97
CA GLU A 57 12.40 -12.67 14.41
C GLU A 57 12.81 -13.21 13.04
N GLY A 58 11.85 -13.26 12.13
CA GLY A 58 12.13 -13.76 10.78
C GLY A 58 12.65 -12.65 9.88
N THR A 59 12.13 -12.61 8.65
CA THR A 59 12.56 -11.60 7.69
C THR A 59 12.46 -10.20 8.30
N PHE A 60 12.66 -9.18 7.47
CA PHE A 60 12.60 -7.80 7.93
C PHE A 60 11.16 -7.45 8.30
N ARG A 61 10.24 -7.87 7.43
CA ARG A 61 8.82 -7.62 7.65
C ARG A 61 8.38 -8.32 8.93
N SER A 62 9.01 -9.45 9.22
CA SER A 62 8.67 -10.23 10.42
C SER A 62 8.91 -9.40 11.68
N SER A 63 9.92 -8.53 11.64
CA SER A 63 10.21 -7.68 12.80
C SER A 63 9.05 -6.74 13.06
N ILE A 64 8.35 -6.36 12.00
CA ILE A 64 7.21 -5.46 12.12
C ILE A 64 6.12 -6.11 12.96
N ARG A 65 6.00 -7.44 12.87
CA ARG A 65 4.99 -8.14 13.66
C ARG A 65 5.22 -7.84 15.14
N ARG A 66 6.48 -7.60 15.49
CA ARG A 66 6.83 -7.31 16.86
C ARG A 66 6.00 -6.14 17.38
N LEU A 67 5.71 -5.17 16.52
CA LEU A 67 4.91 -4.02 16.92
C LEU A 67 3.53 -4.45 17.41
N SER A 68 3.09 -5.64 16.98
CA SER A 68 1.78 -6.14 17.37
C SER A 68 1.70 -6.41 18.88
N THR A 69 2.70 -7.11 19.41
CA THR A 69 2.75 -7.41 20.84
C THR A 69 3.80 -6.55 21.52
N ARG A 70 4.91 -6.37 20.81
CA ARG A 70 6.01 -5.56 21.31
C ARG A 70 6.73 -6.22 22.49
N ARG A 71 6.12 -6.14 23.68
CA ARG A 71 6.72 -6.73 24.87
C ARG A 71 5.69 -7.54 25.65
N ARG A 72 6.19 -8.55 26.36
CA ARG A 72 5.31 -9.41 27.15
C ARG A 72 4.75 -8.65 28.35
N GLU A 1 -26.94 37.56 -17.06
CA GLU A 1 -27.58 37.03 -15.81
C GLU A 1 -26.52 36.90 -14.72
N SER A 2 -25.67 35.89 -14.83
CA SER A 2 -24.61 35.67 -13.86
C SER A 2 -23.28 35.39 -14.54
N PRO A 3 -22.83 36.31 -15.35
CA PRO A 3 -21.54 36.17 -16.09
C PRO A 3 -20.33 36.27 -15.16
N LYS A 4 -20.57 36.76 -13.94
CA LYS A 4 -19.50 36.92 -12.96
C LYS A 4 -19.09 35.56 -12.39
N GLU A 5 -19.84 34.52 -12.73
CA GLU A 5 -19.55 33.18 -12.24
C GLU A 5 -18.26 32.65 -12.87
N HIS A 6 -17.56 31.79 -12.15
CA HIS A 6 -16.31 31.22 -12.64
C HIS A 6 -16.58 29.94 -13.42
N ASP A 7 -15.70 29.63 -14.37
CA ASP A 7 -15.86 28.43 -15.19
C ASP A 7 -15.97 27.16 -14.34
N PRO A 8 -15.06 26.93 -13.41
CA PRO A 8 -15.10 25.70 -12.56
C PRO A 8 -16.16 25.76 -11.47
N PHE A 9 -16.76 26.94 -11.28
CA PHE A 9 -17.80 27.08 -10.26
C PHE A 9 -18.93 26.09 -10.48
N THR A 10 -19.14 25.71 -11.74
CA THR A 10 -20.19 24.77 -12.09
C THR A 10 -20.11 23.52 -11.22
N TYR A 11 -18.88 23.10 -10.90
CA TYR A 11 -18.67 21.90 -10.08
C TYR A 11 -18.02 22.26 -8.75
N ASP A 12 -18.54 21.68 -7.68
CA ASP A 12 -18.00 21.94 -6.34
C ASP A 12 -17.20 20.72 -5.86
N TYR A 13 -17.09 19.71 -6.73
CA TYR A 13 -16.36 18.50 -6.40
C TYR A 13 -14.87 18.70 -6.62
N GLN A 14 -14.40 19.93 -6.44
CA GLN A 14 -12.99 20.25 -6.64
C GLN A 14 -12.09 19.31 -5.84
N SER A 15 -12.38 19.15 -4.55
CA SER A 15 -11.57 18.29 -3.70
C SER A 15 -12.01 16.83 -3.80
N LEU A 16 -13.30 16.62 -4.07
CA LEU A 16 -13.82 15.25 -4.19
C LEU A 16 -13.54 14.67 -5.57
N GLN A 17 -13.08 15.51 -6.48
CA GLN A 17 -12.79 15.05 -7.85
C GLN A 17 -11.59 14.10 -7.88
N ILE A 18 -10.50 14.51 -7.23
CA ILE A 18 -9.29 13.69 -7.20
C ILE A 18 -9.22 12.85 -5.92
N GLY A 19 -10.12 13.12 -5.00
CA GLY A 19 -10.14 12.40 -3.72
C GLY A 19 -10.22 10.88 -3.93
N GLY A 20 -11.44 10.39 -4.10
CA GLY A 20 -11.67 8.95 -4.29
C GLY A 20 -10.63 8.32 -5.20
N LEU A 21 -10.13 9.08 -6.17
CA LEU A 21 -9.15 8.55 -7.11
C LEU A 21 -7.81 8.28 -6.45
N VAL A 22 -7.28 9.27 -5.74
CA VAL A 22 -5.97 9.12 -5.09
C VAL A 22 -5.97 8.02 -4.03
N ILE A 23 -6.96 8.04 -3.13
CA ILE A 23 -7.03 7.05 -2.07
C ILE A 23 -7.16 5.64 -2.64
N ALA A 24 -7.99 5.49 -3.67
CA ALA A 24 -8.17 4.18 -4.29
C ALA A 24 -6.84 3.67 -4.81
N GLY A 25 -6.02 4.60 -5.30
CA GLY A 25 -4.71 4.24 -5.84
C GLY A 25 -3.78 3.69 -4.76
N ILE A 26 -3.82 4.28 -3.57
CA ILE A 26 -2.95 3.81 -2.49
C ILE A 26 -3.28 2.38 -2.07
N LEU A 27 -4.57 2.09 -1.92
CA LEU A 27 -5.01 0.76 -1.49
C LEU A 27 -4.56 -0.31 -2.49
N PHE A 28 -4.82 -0.05 -3.77
CA PHE A 28 -4.47 -0.98 -4.83
C PHE A 28 -2.94 -1.03 -5.03
N ILE A 29 -2.29 0.13 -4.91
CA ILE A 29 -0.85 0.19 -5.06
C ILE A 29 -0.20 -0.64 -3.97
N LEU A 30 -0.73 -0.47 -2.76
CA LEU A 30 -0.30 -1.26 -1.64
C LEU A 30 -0.68 -2.67 -2.00
N GLY A 31 -1.79 -2.74 -2.72
CA GLY A 31 -2.31 -4.03 -3.15
C GLY A 31 -1.27 -4.82 -3.94
N ILE A 32 -0.67 -4.18 -4.96
CA ILE A 32 0.34 -4.85 -5.77
C ILE A 32 1.63 -5.07 -4.99
N LEU A 33 2.08 -4.04 -4.26
CA LEU A 33 3.31 -4.14 -3.48
C LEU A 33 3.20 -5.25 -2.43
N ILE A 34 2.09 -5.22 -1.70
CA ILE A 34 1.86 -6.21 -0.65
C ILE A 34 1.82 -7.64 -1.23
N VAL A 35 1.13 -7.81 -2.35
CA VAL A 35 1.02 -9.12 -2.97
C VAL A 35 2.41 -9.69 -3.27
N LEU A 36 3.24 -8.88 -3.94
CA LEU A 36 4.59 -9.32 -4.26
C LEU A 36 5.42 -9.49 -3.00
N SER A 37 5.14 -8.67 -2.00
CA SER A 37 5.86 -8.72 -0.73
C SER A 37 5.67 -10.06 -0.03
N ARG A 38 4.47 -10.64 -0.16
CA ARG A 38 4.18 -11.91 0.48
C ARG A 38 5.16 -12.99 0.03
N ARG A 39 5.55 -12.94 -1.24
CA ARG A 39 6.47 -13.93 -1.78
C ARG A 39 7.83 -13.85 -1.07
N CYS A 40 8.19 -12.65 -0.63
CA CYS A 40 9.46 -12.45 0.05
C CYS A 40 9.58 -13.34 1.29
N ARG A 41 8.48 -13.47 2.03
CA ARG A 41 8.48 -14.29 3.24
C ARG A 41 8.78 -15.76 2.93
N CYS A 42 8.13 -16.28 1.90
CA CYS A 42 8.33 -17.67 1.51
C CYS A 42 9.64 -17.85 0.75
N LYS A 43 10.03 -16.84 -0.01
CA LYS A 43 11.26 -16.91 -0.80
C LYS A 43 12.50 -16.75 0.08
N PHE A 44 12.39 -15.94 1.14
CA PHE A 44 13.53 -15.71 2.03
C PHE A 44 13.91 -16.98 2.79
N ASN A 45 12.93 -17.65 3.35
CA ASN A 45 13.19 -18.88 4.11
C ASN A 45 13.60 -20.01 3.17
N GLN A 46 14.89 -20.37 3.22
CA GLN A 46 15.41 -21.43 2.37
C GLN A 46 14.67 -22.75 2.65
N GLN A 47 14.31 -22.96 3.91
CA GLN A 47 13.61 -24.17 4.29
C GLN A 47 12.30 -24.31 3.53
N GLN A 48 11.53 -23.23 3.49
CA GLN A 48 10.26 -23.24 2.78
C GLN A 48 10.48 -23.39 1.28
N ARG A 49 11.47 -22.67 0.75
CA ARG A 49 11.77 -22.73 -0.66
C ARG A 49 13.18 -22.21 -0.93
N THR A 50 13.90 -22.91 -1.79
CA THR A 50 15.27 -22.53 -2.12
C THR A 50 15.31 -21.77 -3.45
N GLY A 51 16.08 -20.68 -3.48
CA GLY A 51 16.20 -19.88 -4.69
C GLY A 51 17.62 -19.35 -4.86
N GLU A 52 17.76 -18.04 -4.85
CA GLU A 52 19.08 -17.41 -5.02
C GLU A 52 19.56 -16.80 -3.68
N PRO A 53 20.45 -17.43 -2.95
CA PRO A 53 20.95 -16.87 -1.66
C PRO A 53 21.47 -15.44 -1.82
N ASP A 54 21.10 -14.57 -0.88
CA ASP A 54 21.54 -13.18 -0.93
C ASP A 54 21.16 -12.45 0.36
N GLU A 55 21.17 -11.12 0.30
CA GLU A 55 20.83 -10.31 1.47
C GLU A 55 19.36 -9.94 1.46
N GLU A 56 19.00 -8.90 2.21
CA GLU A 56 17.61 -8.46 2.27
C GLU A 56 16.72 -9.59 2.75
N GLU A 57 16.82 -9.91 4.03
CA GLU A 57 16.03 -10.98 4.62
C GLU A 57 14.54 -10.64 4.56
N GLY A 58 13.73 -11.60 4.11
CA GLY A 58 12.30 -11.39 4.02
C GLY A 58 11.67 -11.45 5.41
N THR A 59 12.42 -11.95 6.37
CA THR A 59 11.93 -12.05 7.74
C THR A 59 11.83 -10.66 8.36
N PHE A 60 12.05 -9.62 7.55
CA PHE A 60 11.96 -8.27 8.05
C PHE A 60 10.51 -7.94 8.37
N ARG A 61 9.62 -8.42 7.53
CA ARG A 61 8.19 -8.22 7.72
C ARG A 61 7.75 -8.85 9.05
N SER A 62 8.42 -9.93 9.42
CA SER A 62 8.11 -10.65 10.65
C SER A 62 8.31 -9.75 11.88
N SER A 63 9.28 -8.85 11.80
CA SER A 63 9.57 -7.98 12.93
C SER A 63 8.40 -7.05 13.22
N ILE A 64 7.65 -6.64 12.19
CA ILE A 64 6.51 -5.76 12.39
C ILE A 64 5.42 -6.45 13.23
N ARG A 65 5.31 -7.77 13.08
CA ARG A 65 4.30 -8.50 13.83
C ARG A 65 4.50 -8.28 15.32
N ARG A 66 5.74 -8.07 15.71
CA ARG A 66 6.05 -7.80 17.10
C ARG A 66 5.23 -6.61 17.54
N LEU A 67 5.00 -5.68 16.63
CA LEU A 67 4.23 -4.49 16.90
C LEU A 67 2.83 -4.87 17.42
N SER A 68 2.38 -6.07 17.11
CA SER A 68 1.05 -6.52 17.53
C SER A 68 0.98 -6.73 19.04
N THR A 69 1.94 -7.47 19.59
CA THR A 69 1.98 -7.73 21.03
C THR A 69 3.07 -6.90 21.68
N ARG A 70 4.20 -6.80 20.98
CA ARG A 70 5.34 -6.02 21.45
C ARG A 70 5.89 -6.55 22.77
N ARG A 71 5.31 -6.12 23.89
CA ARG A 71 5.79 -6.57 25.19
C ARG A 71 5.71 -8.09 25.31
N ARG A 72 6.66 -8.65 26.05
CA ARG A 72 6.70 -10.11 26.24
C ARG A 72 6.78 -10.81 24.89
N GLU A 1 -13.77 28.66 -24.11
CA GLU A 1 -13.48 29.18 -25.48
C GLU A 1 -14.67 28.88 -26.39
N SER A 2 -15.59 28.06 -25.90
CA SER A 2 -16.77 27.70 -26.68
C SER A 2 -18.03 27.73 -25.80
N PRO A 3 -19.19 27.78 -26.40
CA PRO A 3 -20.47 27.82 -25.64
C PRO A 3 -20.77 26.49 -24.95
N LYS A 4 -20.12 25.42 -25.41
CA LYS A 4 -20.32 24.11 -24.82
C LYS A 4 -19.62 24.00 -23.47
N GLU A 5 -18.88 25.05 -23.11
CA GLU A 5 -18.18 25.06 -21.83
C GLU A 5 -19.06 25.63 -20.73
N HIS A 6 -18.83 25.17 -19.51
CA HIS A 6 -19.61 25.64 -18.36
C HIS A 6 -18.79 26.61 -17.51
N ASP A 7 -19.48 27.53 -16.84
CA ASP A 7 -18.80 28.52 -16.01
C ASP A 7 -18.33 27.87 -14.70
N PRO A 8 -17.41 28.49 -14.01
CA PRO A 8 -16.87 27.97 -12.72
C PRO A 8 -17.91 28.01 -11.60
N PHE A 9 -18.85 28.94 -11.71
CA PHE A 9 -19.89 29.08 -10.69
C PHE A 9 -20.62 27.75 -10.49
N THR A 10 -20.91 27.07 -11.59
CA THR A 10 -21.60 25.79 -11.51
C THR A 10 -20.68 24.70 -10.97
N TYR A 11 -19.39 25.02 -10.89
CA TYR A 11 -18.40 24.06 -10.39
C TYR A 11 -17.88 24.47 -9.02
N ASP A 12 -17.83 23.51 -8.09
CA ASP A 12 -17.35 23.77 -6.74
C ASP A 12 -16.54 22.58 -6.24
N TYR A 13 -16.49 21.54 -7.06
CA TYR A 13 -15.76 20.32 -6.71
C TYR A 13 -14.27 20.54 -6.90
N GLN A 14 -13.81 21.76 -6.68
CA GLN A 14 -12.39 22.08 -6.86
C GLN A 14 -11.49 21.10 -6.10
N SER A 15 -11.79 20.89 -4.82
CA SER A 15 -10.99 19.98 -4.01
C SER A 15 -11.41 18.53 -4.17
N LEU A 16 -12.70 18.30 -4.43
CA LEU A 16 -13.21 16.94 -4.59
C LEU A 16 -12.90 16.36 -5.98
N GLN A 17 -12.29 17.16 -6.84
CA GLN A 17 -11.97 16.69 -8.19
C GLN A 17 -10.79 15.71 -8.17
N ILE A 18 -9.68 16.11 -7.55
CA ILE A 18 -8.50 15.26 -7.50
C ILE A 18 -8.53 14.36 -6.27
N GLY A 19 -9.37 14.70 -5.30
CA GLY A 19 -9.49 13.92 -4.08
C GLY A 19 -9.51 12.41 -4.37
N GLY A 20 -10.73 11.87 -4.45
CA GLY A 20 -10.92 10.44 -4.71
C GLY A 20 -9.86 9.87 -5.64
N LEU A 21 -9.34 10.72 -6.53
CA LEU A 21 -8.33 10.26 -7.49
C LEU A 21 -6.99 10.00 -6.82
N VAL A 22 -6.53 10.96 -6.00
CA VAL A 22 -5.24 10.82 -5.33
C VAL A 22 -5.27 9.71 -4.27
N ILE A 23 -6.26 9.75 -3.40
CA ILE A 23 -6.36 8.74 -2.34
C ILE A 23 -6.53 7.34 -2.92
N ALA A 24 -7.30 7.24 -4.00
CA ALA A 24 -7.53 5.95 -4.64
C ALA A 24 -6.23 5.37 -5.18
N GLY A 25 -5.42 6.23 -5.80
CA GLY A 25 -4.15 5.79 -6.37
C GLY A 25 -3.20 5.30 -5.29
N ILE A 26 -3.20 5.95 -4.14
CA ILE A 26 -2.31 5.56 -3.05
C ILE A 26 -2.64 4.16 -2.54
N LEU A 27 -3.92 3.86 -2.38
CA LEU A 27 -4.33 2.54 -1.89
C LEU A 27 -3.87 1.44 -2.86
N PHE A 28 -4.13 1.65 -4.14
CA PHE A 28 -3.74 0.69 -5.17
C PHE A 28 -2.23 0.62 -5.29
N ILE A 29 -1.58 1.78 -5.27
CA ILE A 29 -0.12 1.84 -5.38
C ILE A 29 0.48 1.08 -4.22
N LEU A 30 -0.11 1.24 -3.06
CA LEU A 30 0.30 0.50 -1.90
C LEU A 30 -0.02 -0.93 -2.23
N GLY A 31 -1.10 -1.08 -2.97
CA GLY A 31 -1.57 -2.40 -3.38
C GLY A 31 -0.52 -3.16 -4.18
N ILE A 32 0.01 -2.53 -5.22
CA ILE A 32 1.02 -3.18 -6.07
C ILE A 32 2.32 -3.41 -5.29
N LEU A 33 2.75 -2.40 -4.55
CA LEU A 33 3.97 -2.52 -3.76
C LEU A 33 3.82 -3.60 -2.71
N ILE A 34 2.70 -3.57 -2.01
CA ILE A 34 2.43 -4.56 -0.96
C ILE A 34 2.40 -5.98 -1.53
N VAL A 35 1.71 -6.16 -2.65
CA VAL A 35 1.60 -7.49 -3.26
C VAL A 35 2.98 -8.05 -3.57
N LEU A 36 3.80 -7.27 -4.27
CA LEU A 36 5.15 -7.71 -4.62
C LEU A 36 6.01 -7.85 -3.36
N SER A 37 5.78 -6.98 -2.39
CA SER A 37 6.54 -7.01 -1.14
C SER A 37 6.34 -8.34 -0.42
N ARG A 38 5.13 -8.88 -0.51
CA ARG A 38 4.83 -10.15 0.15
C ARG A 38 5.78 -11.24 -0.34
N ARG A 39 6.04 -11.25 -1.64
CA ARG A 39 6.93 -12.25 -2.22
C ARG A 39 8.30 -12.17 -1.54
N CYS A 40 8.64 -10.97 -1.05
CA CYS A 40 9.92 -10.77 -0.39
C CYS A 40 10.04 -11.65 0.84
N ARG A 41 8.99 -11.68 1.66
CA ARG A 41 8.99 -12.49 2.88
C ARG A 41 9.31 -13.94 2.57
N CYS A 42 8.76 -14.43 1.46
CA CYS A 42 8.99 -15.81 1.06
C CYS A 42 10.39 -15.98 0.45
N LYS A 43 10.80 -14.99 -0.34
CA LYS A 43 12.11 -15.03 -0.98
C LYS A 43 13.25 -14.80 0.00
N PHE A 44 12.97 -14.07 1.07
CA PHE A 44 14.01 -13.76 2.06
C PHE A 44 14.51 -15.02 2.76
N ASN A 45 13.57 -15.84 3.23
CA ASN A 45 13.92 -17.07 3.94
C ASN A 45 13.16 -18.25 3.36
N GLN A 46 13.86 -19.12 2.64
CA GLN A 46 13.24 -20.30 2.04
C GLN A 46 12.71 -21.22 3.14
N GLN A 47 13.43 -21.28 4.24
CA GLN A 47 13.05 -22.13 5.37
C GLN A 47 11.64 -21.76 5.83
N GLN A 48 11.21 -20.55 5.54
CA GLN A 48 9.89 -20.09 5.94
C GLN A 48 8.82 -21.04 5.42
N ARG A 49 9.01 -21.54 4.20
CA ARG A 49 8.06 -22.46 3.58
C ARG A 49 8.67 -23.85 3.44
N THR A 50 8.73 -24.59 4.55
CA THR A 50 9.28 -25.93 4.53
C THR A 50 8.44 -26.87 5.39
N GLY A 51 7.29 -26.39 5.84
CA GLY A 51 6.41 -27.20 6.66
C GLY A 51 6.76 -27.05 8.14
N GLU A 52 7.42 -25.95 8.48
CA GLU A 52 7.81 -25.70 9.87
C GLU A 52 6.94 -24.58 10.48
N PRO A 53 5.94 -24.89 11.29
CA PRO A 53 5.08 -23.85 11.91
C PRO A 53 5.90 -22.83 12.69
N ASP A 54 7.10 -23.22 13.11
CA ASP A 54 7.97 -22.32 13.87
C ASP A 54 8.64 -21.32 12.95
N GLU A 55 8.56 -20.04 13.30
CA GLU A 55 9.18 -19.00 12.49
C GLU A 55 10.64 -18.81 12.89
N GLU A 56 11.54 -18.98 11.93
CA GLU A 56 12.97 -18.83 12.17
C GLU A 56 13.53 -17.61 11.44
N GLU A 57 14.83 -17.40 11.57
CA GLU A 57 15.47 -16.26 10.92
C GLU A 57 14.71 -14.97 11.20
N GLY A 58 14.16 -14.36 10.15
CA GLY A 58 13.41 -13.13 10.30
C GLY A 58 13.73 -12.16 9.16
N THR A 59 12.69 -11.74 8.44
CA THR A 59 12.87 -10.81 7.33
C THR A 59 12.78 -9.37 7.81
N PHE A 60 12.99 -8.42 6.90
CA PHE A 60 12.91 -7.00 7.28
C PHE A 60 11.48 -6.64 7.59
N ARG A 61 10.58 -7.10 6.73
CA ARG A 61 9.16 -6.86 6.90
C ARG A 61 8.68 -7.56 8.16
N SER A 62 9.29 -8.69 8.46
CA SER A 62 8.93 -9.48 9.64
C SER A 62 9.17 -8.68 10.92
N SER A 63 10.19 -7.83 10.92
CA SER A 63 10.50 -7.02 12.11
C SER A 63 9.36 -6.06 12.43
N ILE A 64 8.63 -5.67 11.39
CA ILE A 64 7.50 -4.76 11.55
C ILE A 64 6.42 -5.38 12.44
N ARG A 65 6.28 -6.70 12.36
CA ARG A 65 5.26 -7.39 13.16
C ARG A 65 5.47 -7.10 14.64
N ARG A 66 6.71 -6.84 15.02
CA ARG A 66 7.03 -6.53 16.42
C ARG A 66 6.17 -5.38 16.90
N LEU A 67 5.89 -4.44 16.02
CA LEU A 67 5.08 -3.28 16.38
C LEU A 67 3.68 -3.70 16.88
N SER A 68 3.25 -4.89 16.48
CA SER A 68 1.93 -5.39 16.89
C SER A 68 1.85 -5.63 18.39
N THR A 69 2.85 -6.33 18.93
CA THR A 69 2.89 -6.61 20.37
C THR A 69 3.93 -5.72 21.04
N ARG A 70 5.02 -5.52 20.33
CA ARG A 70 6.12 -4.67 20.81
C ARG A 70 6.73 -5.21 22.09
N ARG A 71 7.56 -4.38 22.72
CA ARG A 71 8.23 -4.75 23.96
C ARG A 71 7.84 -3.80 25.08
N ARG A 72 7.91 -4.29 26.32
CA ARG A 72 7.57 -3.46 27.48
C ARG A 72 8.82 -2.83 28.07
N GLU A 1 -28.10 19.17 -14.47
CA GLU A 1 -27.73 19.65 -13.10
C GLU A 1 -26.21 19.74 -13.00
N SER A 2 -25.61 20.56 -13.85
CA SER A 2 -24.16 20.73 -13.84
C SER A 2 -23.70 21.72 -14.90
N PRO A 3 -24.09 21.55 -16.15
CA PRO A 3 -23.68 22.47 -17.24
C PRO A 3 -24.51 23.76 -17.25
N LYS A 4 -25.66 23.72 -16.59
CA LYS A 4 -26.54 24.88 -16.52
C LYS A 4 -25.98 25.92 -15.56
N GLU A 5 -24.89 25.57 -14.88
CA GLU A 5 -24.26 26.48 -13.94
C GLU A 5 -23.60 27.65 -14.66
N HIS A 6 -23.52 28.79 -13.99
CA HIS A 6 -22.92 29.98 -14.58
C HIS A 6 -21.40 29.93 -14.45
N ASP A 7 -20.91 28.99 -13.66
CA ASP A 7 -19.47 28.84 -13.45
C ASP A 7 -19.06 27.37 -13.59
N PRO A 8 -19.24 26.81 -14.76
CA PRO A 8 -18.88 25.39 -15.03
C PRO A 8 -17.37 25.19 -15.14
N PHE A 9 -16.64 26.29 -15.23
CA PHE A 9 -15.19 26.22 -15.34
C PHE A 9 -14.61 25.39 -14.20
N THR A 10 -15.22 25.49 -13.03
CA THR A 10 -14.76 24.74 -11.86
C THR A 10 -15.93 24.13 -11.12
N TYR A 11 -15.66 23.01 -10.44
CA TYR A 11 -16.71 22.32 -9.68
C TYR A 11 -16.38 22.35 -8.18
N ASP A 12 -17.40 22.60 -7.36
CA ASP A 12 -17.22 22.65 -5.92
C ASP A 12 -16.43 21.44 -5.44
N TYR A 13 -16.40 20.40 -6.27
CA TYR A 13 -15.68 19.18 -5.92
C TYR A 13 -14.18 19.37 -6.11
N GLN A 14 -13.73 20.61 -5.90
CA GLN A 14 -12.31 20.93 -6.07
C GLN A 14 -11.43 19.96 -5.28
N SER A 15 -11.71 19.80 -4.00
CA SER A 15 -10.91 18.92 -3.15
C SER A 15 -11.33 17.46 -3.30
N LEU A 16 -12.63 17.22 -3.48
CA LEU A 16 -13.14 15.86 -3.62
C LEU A 16 -12.84 15.28 -5.00
N GLN A 17 -12.38 16.13 -5.91
CA GLN A 17 -12.09 15.67 -7.27
C GLN A 17 -10.90 14.70 -7.29
N ILE A 18 -9.80 15.11 -6.67
CA ILE A 18 -8.60 14.25 -6.65
C ILE A 18 -8.55 13.41 -5.39
N GLY A 19 -9.43 13.70 -4.44
CA GLY A 19 -9.47 12.97 -3.18
C GLY A 19 -9.53 11.46 -3.40
N GLY A 20 -10.73 10.96 -3.68
CA GLY A 20 -10.94 9.53 -3.90
C GLY A 20 -9.87 8.91 -4.80
N LEU A 21 -9.32 9.70 -5.71
CA LEU A 21 -8.31 9.21 -6.63
C LEU A 21 -6.97 8.94 -5.93
N VAL A 22 -6.52 9.91 -5.13
CA VAL A 22 -5.24 9.77 -4.44
C VAL A 22 -5.27 8.65 -3.41
N ILE A 23 -6.28 8.64 -2.56
CA ILE A 23 -6.38 7.62 -1.51
C ILE A 23 -6.55 6.22 -2.11
N ALA A 24 -7.41 6.10 -3.11
CA ALA A 24 -7.65 4.80 -3.75
C ALA A 24 -6.35 4.24 -4.30
N GLY A 25 -5.58 5.08 -4.99
CA GLY A 25 -4.33 4.65 -5.57
C GLY A 25 -3.36 4.14 -4.49
N ILE A 26 -3.33 4.83 -3.35
CA ILE A 26 -2.45 4.43 -2.25
C ILE A 26 -2.76 3.01 -1.76
N LEU A 27 -4.05 2.69 -1.63
CA LEU A 27 -4.45 1.38 -1.16
C LEU A 27 -3.95 0.28 -2.11
N PHE A 28 -4.17 0.48 -3.40
CA PHE A 28 -3.74 -0.46 -4.42
C PHE A 28 -2.22 -0.47 -4.58
N ILE A 29 -1.60 0.69 -4.45
CA ILE A 29 -0.15 0.80 -4.57
C ILE A 29 0.50 0.08 -3.41
N LEU A 30 -0.06 0.29 -2.23
CA LEU A 30 0.39 -0.39 -1.04
C LEU A 30 0.07 -1.83 -1.27
N GLY A 31 -1.05 -2.00 -1.98
CA GLY A 31 -1.57 -3.33 -2.31
C GLY A 31 -0.56 -4.14 -3.13
N ILE A 32 -0.07 -3.55 -4.22
CA ILE A 32 0.89 -4.24 -5.08
C ILE A 32 2.22 -4.44 -4.36
N LEU A 33 2.70 -3.38 -3.71
CA LEU A 33 3.96 -3.48 -2.98
C LEU A 33 3.86 -4.59 -1.95
N ILE A 34 2.76 -4.58 -1.20
CA ILE A 34 2.55 -5.59 -0.17
C ILE A 34 2.52 -7.00 -0.76
N VAL A 35 1.85 -7.16 -1.89
CA VAL A 35 1.74 -8.49 -2.52
C VAL A 35 3.12 -9.08 -2.80
N LEU A 36 3.97 -8.32 -3.49
CA LEU A 36 5.31 -8.81 -3.81
C LEU A 36 6.13 -8.96 -2.53
N SER A 37 5.89 -8.07 -1.57
CA SER A 37 6.61 -8.12 -0.30
C SER A 37 6.39 -9.43 0.42
N ARG A 38 5.18 -9.98 0.31
CA ARG A 38 4.85 -11.23 0.97
C ARG A 38 5.81 -12.34 0.52
N ARG A 39 6.24 -12.29 -0.73
CA ARG A 39 7.15 -13.28 -1.26
C ARG A 39 8.51 -13.20 -0.55
N CYS A 40 8.87 -12.00 -0.12
CA CYS A 40 10.15 -11.79 0.57
C CYS A 40 10.25 -12.68 1.81
N ARG A 41 9.16 -12.79 2.55
CA ARG A 41 9.15 -13.59 3.77
C ARG A 41 9.44 -15.05 3.45
N CYS A 42 8.80 -15.56 2.39
CA CYS A 42 8.98 -16.95 2.00
C CYS A 42 10.30 -17.14 1.24
N LYS A 43 10.70 -16.10 0.50
CA LYS A 43 11.93 -16.16 -0.27
C LYS A 43 13.16 -15.97 0.63
N PHE A 44 12.99 -15.21 1.70
CA PHE A 44 14.10 -14.95 2.62
C PHE A 44 14.55 -16.22 3.33
N ASN A 45 13.59 -16.97 3.86
CA ASN A 45 13.91 -18.21 4.57
C ASN A 45 14.07 -19.36 3.60
N GLN A 46 15.31 -19.79 3.39
CA GLN A 46 15.60 -20.89 2.49
C GLN A 46 15.17 -22.21 3.11
N GLN A 47 15.12 -22.24 4.44
CA GLN A 47 14.73 -23.45 5.16
C GLN A 47 13.35 -23.93 4.71
N GLN A 48 12.47 -22.98 4.43
CA GLN A 48 11.11 -23.32 4.01
C GLN A 48 11.13 -24.04 2.66
N ARG A 49 11.90 -23.52 1.72
CA ARG A 49 11.99 -24.12 0.40
C ARG A 49 13.08 -23.46 -0.44
N THR A 50 14.32 -23.58 0.00
CA THR A 50 15.45 -23.00 -0.72
C THR A 50 15.26 -21.49 -0.92
N GLY A 51 16.37 -20.78 -1.11
CA GLY A 51 16.32 -19.34 -1.31
C GLY A 51 17.15 -18.94 -2.52
N GLU A 52 16.61 -18.01 -3.32
CA GLU A 52 17.30 -17.55 -4.52
C GLU A 52 17.76 -16.10 -4.35
N PRO A 53 18.75 -15.66 -5.09
CA PRO A 53 19.27 -14.27 -5.00
C PRO A 53 18.13 -13.24 -4.95
N ASP A 54 18.50 -11.97 -4.77
CA ASP A 54 17.53 -10.89 -4.70
C ASP A 54 16.65 -11.03 -3.46
N GLU A 55 17.15 -10.51 -2.34
CA GLU A 55 16.42 -10.57 -1.09
C GLU A 55 16.70 -9.33 -0.25
N GLU A 56 16.07 -8.23 -0.61
CA GLU A 56 16.25 -6.98 0.12
C GLU A 56 15.66 -7.06 1.52
N GLU A 57 14.44 -7.58 1.62
CA GLU A 57 13.76 -7.70 2.91
C GLU A 57 13.53 -9.17 3.25
N GLY A 58 13.32 -9.45 4.52
CA GLY A 58 13.08 -10.82 4.97
C GLY A 58 12.49 -10.83 6.37
N THR A 59 13.27 -11.31 7.33
CA THR A 59 12.82 -11.36 8.72
C THR A 59 12.71 -9.95 9.30
N PHE A 60 12.91 -8.95 8.44
CA PHE A 60 12.82 -7.56 8.89
C PHE A 60 11.38 -7.25 9.21
N ARG A 61 10.50 -7.67 8.32
CA ARG A 61 9.07 -7.47 8.47
C ARG A 61 8.61 -8.13 9.77
N SER A 62 9.27 -9.23 10.13
CA SER A 62 8.93 -9.96 11.34
C SER A 62 9.22 -9.11 12.57
N SER A 63 10.25 -8.28 12.49
CA SER A 63 10.60 -7.43 13.62
C SER A 63 9.47 -6.44 13.91
N ILE A 64 8.78 -6.03 12.84
CA ILE A 64 7.67 -5.12 12.98
C ILE A 64 6.57 -5.77 13.81
N ARG A 65 6.46 -7.10 13.66
CA ARG A 65 5.45 -7.85 14.41
C ARG A 65 5.65 -7.64 15.90
N ARG A 66 6.91 -7.44 16.30
CA ARG A 66 7.22 -7.22 17.70
C ARG A 66 6.42 -6.02 18.19
N LEU A 67 6.21 -5.07 17.30
CA LEU A 67 5.46 -3.86 17.62
C LEU A 67 4.07 -4.21 18.17
N SER A 68 3.57 -5.39 17.85
CA SER A 68 2.24 -5.81 18.31
C SER A 68 2.24 -6.13 19.81
N THR A 69 3.20 -6.93 20.25
CA THR A 69 3.27 -7.33 21.66
C THR A 69 4.35 -6.54 22.40
N ARG A 70 5.29 -5.99 21.65
CA ARG A 70 6.40 -5.22 22.23
C ARG A 70 5.97 -4.44 23.47
N ARG A 71 5.01 -3.53 23.30
CA ARG A 71 4.55 -2.72 24.42
C ARG A 71 3.03 -2.54 24.38
N ARG A 72 2.49 -2.03 25.47
CA ARG A 72 1.05 -1.80 25.57
C ARG A 72 0.50 -1.25 24.26
N GLU A 1 -16.21 26.68 -28.66
CA GLU A 1 -14.97 26.99 -27.88
C GLU A 1 -15.37 27.54 -26.51
N SER A 2 -15.94 28.74 -26.51
CA SER A 2 -16.35 29.36 -25.26
C SER A 2 -17.18 28.41 -24.39
N PRO A 3 -18.19 27.79 -24.94
CA PRO A 3 -19.06 26.86 -24.16
C PRO A 3 -18.44 25.47 -24.03
N LYS A 4 -17.41 25.21 -24.83
CA LYS A 4 -16.73 23.92 -24.79
C LYS A 4 -15.85 23.81 -23.56
N GLU A 5 -15.64 24.95 -22.89
CA GLU A 5 -14.81 24.98 -21.69
C GLU A 5 -15.68 25.05 -20.44
N HIS A 6 -15.16 24.52 -19.34
CA HIS A 6 -15.88 24.54 -18.07
C HIS A 6 -15.02 25.13 -16.96
N ASP A 7 -15.65 25.84 -16.02
CA ASP A 7 -14.93 26.46 -14.91
C ASP A 7 -15.17 25.66 -13.62
N PRO A 8 -14.30 25.80 -12.65
CA PRO A 8 -14.44 25.07 -11.35
C PRO A 8 -15.59 25.61 -10.52
N PHE A 9 -15.87 26.90 -10.65
CA PHE A 9 -16.95 27.53 -9.89
C PHE A 9 -18.27 26.82 -10.16
N THR A 10 -18.43 26.29 -11.36
CA THR A 10 -19.66 25.59 -11.72
C THR A 10 -19.92 24.42 -10.77
N TYR A 11 -18.84 23.78 -10.33
CA TYR A 11 -18.96 22.64 -9.42
C TYR A 11 -18.31 22.96 -8.07
N ASP A 12 -19.00 22.59 -6.99
CA ASP A 12 -18.48 22.83 -5.65
C ASP A 12 -17.70 21.62 -5.16
N TYR A 13 -17.64 20.58 -5.99
CA TYR A 13 -16.93 19.37 -5.66
C TYR A 13 -15.42 19.56 -5.86
N GLN A 14 -14.97 20.80 -5.66
CA GLN A 14 -13.55 21.13 -5.84
C GLN A 14 -12.66 20.21 -5.00
N SER A 15 -13.02 20.01 -3.73
CA SER A 15 -12.23 19.17 -2.84
C SER A 15 -12.60 17.70 -3.00
N LEU A 16 -13.89 17.44 -3.23
CA LEU A 16 -14.36 16.06 -3.37
C LEU A 16 -14.00 15.49 -4.75
N GLN A 17 -13.63 16.35 -5.68
CA GLN A 17 -13.29 15.90 -7.03
C GLN A 17 -12.10 14.94 -7.01
N ILE A 18 -11.05 15.32 -6.26
CA ILE A 18 -9.86 14.48 -6.16
C ILE A 18 -9.78 13.77 -4.81
N GLY A 19 -10.85 13.87 -4.04
CA GLY A 19 -10.88 13.23 -2.73
C GLY A 19 -10.93 11.71 -2.86
N GLY A 20 -12.02 11.20 -3.43
CA GLY A 20 -12.19 9.76 -3.58
C GLY A 20 -11.09 9.13 -4.43
N LEU A 21 -10.62 9.86 -5.43
CA LEU A 21 -9.58 9.34 -6.32
C LEU A 21 -8.26 9.09 -5.61
N VAL A 22 -7.81 10.08 -4.82
CA VAL A 22 -6.54 9.95 -4.12
C VAL A 22 -6.55 8.86 -3.06
N ILE A 23 -7.62 8.82 -2.27
CA ILE A 23 -7.71 7.81 -1.20
C ILE A 23 -7.88 6.40 -1.75
N ALA A 24 -8.79 6.23 -2.70
CA ALA A 24 -9.02 4.90 -3.27
C ALA A 24 -7.73 4.36 -3.87
N GLY A 25 -6.99 5.22 -4.54
CA GLY A 25 -5.73 4.83 -5.15
C GLY A 25 -4.73 4.35 -4.11
N ILE A 26 -4.65 5.05 -2.98
CA ILE A 26 -3.71 4.69 -1.94
C ILE A 26 -4.00 3.29 -1.38
N LEU A 27 -5.27 2.93 -1.27
CA LEU A 27 -5.63 1.61 -0.75
C LEU A 27 -5.13 0.51 -1.70
N PHE A 28 -5.41 0.72 -2.99
CA PHE A 28 -5.01 -0.22 -4.04
C PHE A 28 -3.49 -0.24 -4.21
N ILE A 29 -2.84 0.91 -4.07
CA ILE A 29 -1.39 0.96 -4.21
C ILE A 29 -0.77 0.17 -3.08
N LEU A 30 -1.34 0.33 -1.90
CA LEU A 30 -0.94 -0.45 -0.77
C LEU A 30 -1.30 -1.86 -1.13
N GLY A 31 -2.40 -1.96 -1.87
CA GLY A 31 -2.91 -3.25 -2.32
C GLY A 31 -1.86 -4.01 -3.13
N ILE A 32 -1.28 -3.35 -4.12
CA ILE A 32 -0.28 -3.97 -4.99
C ILE A 32 1.03 -4.20 -4.23
N LEU A 33 1.47 -3.21 -3.48
CA LEU A 33 2.71 -3.33 -2.73
C LEU A 33 2.59 -4.43 -1.68
N ILE A 34 1.48 -4.43 -0.95
CA ILE A 34 1.26 -5.43 0.09
C ILE A 34 1.24 -6.84 -0.49
N VAL A 35 0.57 -7.01 -1.62
CA VAL A 35 0.48 -8.33 -2.24
C VAL A 35 1.87 -8.89 -2.54
N LEU A 36 2.70 -8.10 -3.20
CA LEU A 36 4.05 -8.53 -3.52
C LEU A 36 4.89 -8.71 -2.25
N SER A 37 4.60 -7.87 -1.26
CA SER A 37 5.33 -7.93 0.02
C SER A 37 5.12 -9.27 0.71
N ARG A 38 3.92 -9.83 0.58
CA ARG A 38 3.60 -11.11 1.21
C ARG A 38 4.60 -12.18 0.77
N ARG A 39 5.02 -12.11 -0.50
CA ARG A 39 5.96 -13.09 -1.02
C ARG A 39 7.31 -12.97 -0.31
N CYS A 40 7.63 -11.78 0.16
CA CYS A 40 8.89 -11.55 0.85
C CYS A 40 9.00 -12.39 2.11
N ARG A 41 7.91 -12.50 2.86
CA ARG A 41 7.90 -13.29 4.08
C ARG A 41 8.18 -14.76 3.79
N CYS A 42 7.45 -15.31 2.83
CA CYS A 42 7.62 -16.71 2.47
C CYS A 42 8.93 -16.94 1.73
N LYS A 43 9.35 -15.96 0.94
CA LYS A 43 10.60 -16.06 0.18
C LYS A 43 11.82 -15.80 1.06
N PHE A 44 11.63 -15.03 2.12
CA PHE A 44 12.74 -14.70 3.02
C PHE A 44 13.21 -15.92 3.79
N ASN A 45 12.33 -16.87 4.00
CA ASN A 45 12.69 -18.08 4.74
C ASN A 45 13.10 -19.18 3.77
N GLN A 46 14.38 -19.56 3.82
CA GLN A 46 14.89 -20.61 2.95
C GLN A 46 14.12 -21.90 3.18
N GLN A 47 13.76 -22.15 4.44
CA GLN A 47 13.01 -23.35 4.78
C GLN A 47 11.65 -23.35 4.09
N GLN A 48 11.02 -22.19 4.02
CA GLN A 48 9.71 -22.07 3.38
C GLN A 48 9.84 -22.22 1.86
N ARG A 49 10.82 -21.53 1.29
CA ARG A 49 11.04 -21.59 -0.15
C ARG A 49 12.49 -21.24 -0.48
N THR A 50 12.98 -21.77 -1.59
CA THR A 50 14.35 -21.51 -2.02
C THR A 50 14.43 -20.18 -2.77
N GLY A 51 15.45 -19.40 -2.47
CA GLY A 51 15.62 -18.10 -3.14
C GLY A 51 16.99 -17.50 -2.80
N GLU A 52 17.05 -16.17 -2.76
CA GLU A 52 18.29 -15.49 -2.44
C GLU A 52 18.25 -14.91 -1.02
N PRO A 53 18.88 -15.52 -0.04
CA PRO A 53 18.87 -14.99 1.36
C PRO A 53 19.34 -13.54 1.43
N ASP A 54 19.91 -13.05 0.33
CA ASP A 54 20.40 -11.68 0.28
C ASP A 54 19.34 -10.72 0.80
N GLU A 55 18.07 -11.05 0.58
CA GLU A 55 16.97 -10.21 1.02
C GLU A 55 16.85 -10.26 2.54
N GLU A 56 17.36 -9.23 3.22
CA GLU A 56 17.29 -9.17 4.67
C GLU A 56 15.84 -9.02 5.12
N GLU A 57 15.03 -8.41 4.26
CA GLU A 57 13.62 -8.19 4.58
C GLU A 57 12.93 -9.52 4.86
N GLY A 58 11.94 -9.50 5.74
CA GLY A 58 11.21 -10.70 6.11
C GLY A 58 11.01 -10.75 7.61
N THR A 59 11.97 -11.34 8.32
CA THR A 59 11.88 -11.43 9.77
C THR A 59 11.73 -10.03 10.36
N PHE A 60 11.86 -9.03 9.50
CA PHE A 60 11.72 -7.63 9.93
C PHE A 60 10.28 -7.38 10.37
N ARG A 61 9.34 -7.90 9.58
CA ARG A 61 7.93 -7.74 9.89
C ARG A 61 7.63 -8.35 11.25
N SER A 62 8.35 -9.42 11.58
CA SER A 62 8.17 -10.10 12.86
C SER A 62 8.49 -9.16 14.02
N SER A 63 9.45 -8.27 13.81
CA SER A 63 9.85 -7.32 14.85
C SER A 63 8.70 -6.36 15.14
N ILE A 64 7.90 -6.08 14.10
CA ILE A 64 6.77 -5.17 14.23
C ILE A 64 5.63 -5.81 15.03
N ARG A 65 5.49 -7.13 14.90
CA ARG A 65 4.43 -7.85 15.61
C ARG A 65 4.54 -7.63 17.11
N ARG A 66 5.76 -7.44 17.61
CA ARG A 66 5.97 -7.21 19.02
C ARG A 66 5.13 -6.02 19.46
N LEU A 67 4.95 -5.07 18.56
CA LEU A 67 4.17 -3.88 18.87
C LEU A 67 2.78 -4.25 19.37
N SER A 68 2.32 -5.46 19.04
CA SER A 68 1.00 -5.91 19.48
C SER A 68 0.94 -6.07 21.00
N THR A 69 1.93 -6.78 21.56
CA THR A 69 1.98 -6.99 23.01
C THR A 69 3.06 -6.14 23.65
N ARG A 70 4.20 -6.03 22.95
CA ARG A 70 5.35 -5.24 23.42
C ARG A 70 5.45 -5.22 24.93
N ARG A 71 5.35 -6.38 25.57
CA ARG A 71 5.44 -6.46 27.02
C ARG A 71 6.16 -7.74 27.45
N ARG A 72 5.49 -8.88 27.28
CA ARG A 72 6.08 -10.15 27.66
C ARG A 72 5.21 -11.31 27.18
N GLU A 1 -29.94 30.81 -14.32
CA GLU A 1 -28.63 31.47 -14.61
C GLU A 1 -28.74 32.97 -14.29
N SER A 2 -28.71 33.30 -13.01
CA SER A 2 -28.80 34.69 -12.59
C SER A 2 -27.52 35.45 -12.95
N PRO A 3 -27.58 36.76 -12.98
CA PRO A 3 -26.40 37.60 -13.32
C PRO A 3 -25.32 37.55 -12.23
N LYS A 4 -25.75 37.27 -11.00
CA LYS A 4 -24.80 37.19 -9.89
C LYS A 4 -24.00 35.90 -9.95
N GLU A 5 -24.36 35.02 -10.88
CA GLU A 5 -23.64 33.76 -11.03
C GLU A 5 -22.37 33.96 -11.84
N HIS A 6 -21.34 33.16 -11.51
CA HIS A 6 -20.06 33.26 -12.21
C HIS A 6 -19.91 32.10 -13.20
N ASP A 7 -19.07 32.31 -14.21
CA ASP A 7 -18.83 31.29 -15.22
C ASP A 7 -18.27 29.99 -14.61
N PRO A 8 -17.23 30.07 -13.80
CA PRO A 8 -16.62 28.85 -13.19
C PRO A 8 -17.44 28.30 -12.02
N PHE A 9 -18.42 29.08 -11.57
CA PHE A 9 -19.27 28.63 -10.47
C PHE A 9 -19.91 27.29 -10.78
N THR A 10 -20.17 27.06 -12.06
CA THR A 10 -20.80 25.81 -12.50
C THR A 10 -20.06 24.61 -11.91
N TYR A 11 -18.74 24.73 -11.78
CA TYR A 11 -17.93 23.65 -11.24
C TYR A 11 -17.36 24.02 -9.88
N ASP A 12 -17.46 23.09 -8.93
CA ASP A 12 -16.95 23.33 -7.58
C ASP A 12 -16.17 22.11 -7.09
N TYR A 13 -16.06 21.11 -7.96
CA TYR A 13 -15.34 19.88 -7.62
C TYR A 13 -13.84 20.09 -7.81
N GLN A 14 -13.39 21.32 -7.65
CA GLN A 14 -11.98 21.65 -7.81
C GLN A 14 -11.09 20.73 -7.00
N SER A 15 -11.40 20.58 -5.71
CA SER A 15 -10.60 19.72 -4.83
C SER A 15 -11.02 18.26 -4.96
N LEU A 16 -12.31 18.03 -5.21
CA LEU A 16 -12.82 16.67 -5.33
C LEU A 16 -12.53 16.10 -6.71
N GLN A 17 -12.01 16.92 -7.61
CA GLN A 17 -11.71 16.48 -8.97
C GLN A 17 -10.54 15.50 -8.99
N ILE A 18 -9.44 15.88 -8.34
CA ILE A 18 -8.25 15.02 -8.31
C ILE A 18 -8.19 14.19 -7.03
N GLY A 19 -9.12 14.43 -6.12
CA GLY A 19 -9.15 13.70 -4.85
C GLY A 19 -9.21 12.18 -5.08
N GLY A 20 -10.40 11.68 -5.34
CA GLY A 20 -10.62 10.25 -5.54
C GLY A 20 -9.55 9.65 -6.45
N LEU A 21 -9.06 10.43 -7.41
CA LEU A 21 -8.05 9.94 -8.34
C LEU A 21 -6.70 9.70 -7.66
N VAL A 22 -6.26 10.65 -6.86
CA VAL A 22 -4.97 10.52 -6.19
C VAL A 22 -4.96 9.42 -5.13
N ILE A 23 -5.97 9.42 -4.26
CA ILE A 23 -6.04 8.42 -3.21
C ILE A 23 -6.20 7.01 -3.78
N ALA A 24 -7.04 6.88 -4.80
CA ALA A 24 -7.27 5.58 -5.41
C ALA A 24 -5.98 5.00 -5.98
N GLY A 25 -5.21 5.85 -6.65
CA GLY A 25 -3.95 5.42 -7.24
C GLY A 25 -2.98 4.94 -6.16
N ILE A 26 -2.99 5.61 -5.01
CA ILE A 26 -2.10 5.23 -3.92
C ILE A 26 -2.40 3.81 -3.43
N LEU A 27 -3.68 3.47 -3.28
CA LEU A 27 -4.07 2.15 -2.82
C LEU A 27 -3.57 1.06 -3.78
N PHE A 28 -3.79 1.28 -5.07
CA PHE A 28 -3.37 0.32 -6.10
C PHE A 28 -1.85 0.31 -6.24
N ILE A 29 -1.24 1.48 -6.15
CA ILE A 29 0.22 1.60 -6.26
C ILE A 29 0.84 0.77 -5.16
N LEU A 30 0.29 0.93 -3.96
CA LEU A 30 0.68 0.15 -2.84
C LEU A 30 0.31 -1.26 -3.21
N GLY A 31 -0.79 -1.34 -3.96
CA GLY A 31 -1.29 -2.64 -4.40
C GLY A 31 -0.23 -3.44 -5.16
N ILE A 32 0.38 -2.82 -6.18
CA ILE A 32 1.40 -3.52 -6.97
C ILE A 32 2.69 -3.73 -6.17
N LEU A 33 3.12 -2.69 -5.47
CA LEU A 33 4.35 -2.79 -4.68
C LEU A 33 4.20 -3.88 -3.63
N ILE A 34 3.07 -3.85 -2.92
CA ILE A 34 2.81 -4.84 -1.87
C ILE A 34 2.79 -6.26 -2.43
N VAL A 35 2.09 -6.47 -3.54
CA VAL A 35 2.00 -7.80 -4.14
C VAL A 35 3.39 -8.36 -4.44
N LEU A 36 4.21 -7.57 -5.14
CA LEU A 36 5.56 -8.01 -5.49
C LEU A 36 6.41 -8.16 -4.22
N SER A 37 6.14 -7.31 -3.24
CA SER A 37 6.89 -7.34 -1.98
C SER A 37 6.71 -8.67 -1.27
N ARG A 38 5.51 -9.24 -1.37
CA ARG A 38 5.23 -10.50 -0.71
C ARG A 38 6.19 -11.58 -1.17
N ARG A 39 6.57 -11.52 -2.45
CA ARG A 39 7.49 -12.51 -3.00
C ARG A 39 8.85 -12.46 -2.31
N CYS A 40 9.21 -11.27 -1.83
CA CYS A 40 10.49 -11.09 -1.15
C CYS A 40 10.59 -11.99 0.08
N ARG A 41 9.52 -12.04 0.88
CA ARG A 41 9.52 -12.86 2.08
C ARG A 41 9.78 -14.32 1.74
N CYS A 42 9.14 -14.79 0.67
CA CYS A 42 9.31 -16.18 0.24
C CYS A 42 10.66 -16.37 -0.44
N LYS A 43 11.10 -15.35 -1.17
CA LYS A 43 12.37 -15.42 -1.89
C LYS A 43 13.56 -15.21 -0.95
N PHE A 44 13.35 -14.46 0.12
CA PHE A 44 14.43 -14.18 1.08
C PHE A 44 14.89 -15.44 1.80
N ASN A 45 13.92 -16.22 2.30
CA ASN A 45 14.25 -17.44 3.01
C ASN A 45 14.11 -18.65 2.10
N GLN A 46 14.70 -19.76 2.51
CA GLN A 46 14.64 -20.99 1.72
C GLN A 46 13.19 -21.38 1.48
N GLN A 47 12.30 -20.81 2.27
CA GLN A 47 10.87 -21.11 2.13
C GLN A 47 10.41 -20.89 0.70
N GLN A 48 11.30 -20.33 -0.13
CA GLN A 48 10.97 -20.08 -1.53
C GLN A 48 10.50 -21.37 -2.19
N ARG A 49 11.06 -22.49 -1.73
CA ARG A 49 10.70 -23.80 -2.26
C ARG A 49 10.41 -24.77 -1.13
N THR A 50 9.46 -25.66 -1.35
CA THR A 50 9.09 -26.63 -0.33
C THR A 50 10.20 -27.65 -0.16
N GLY A 51 10.41 -28.08 1.08
CA GLY A 51 11.45 -29.06 1.38
C GLY A 51 11.44 -29.41 2.86
N GLU A 52 12.63 -29.35 3.48
CA GLU A 52 12.75 -29.67 4.90
C GLU A 52 12.24 -28.51 5.76
N PRO A 53 11.87 -28.78 7.00
CA PRO A 53 11.36 -27.74 7.93
C PRO A 53 12.11 -26.41 7.78
N ASP A 54 11.50 -25.33 8.26
CA ASP A 54 12.12 -24.01 8.17
C ASP A 54 13.33 -23.93 9.11
N GLU A 55 14.41 -23.32 8.63
CA GLU A 55 15.62 -23.19 9.44
C GLU A 55 15.75 -21.77 9.97
N GLU A 56 16.12 -20.84 9.10
CA GLU A 56 16.29 -19.45 9.50
C GLU A 56 14.94 -18.82 9.88
N GLU A 57 14.15 -18.49 8.87
CA GLU A 57 12.85 -17.87 9.12
C GLU A 57 12.99 -16.63 9.98
N GLY A 58 13.03 -15.47 9.33
CA GLY A 58 13.16 -14.20 10.05
C GLY A 58 13.85 -13.16 9.16
N THR A 59 13.09 -12.61 8.22
CA THR A 59 13.62 -11.62 7.31
C THR A 59 13.50 -10.22 7.91
N PHE A 60 13.69 -9.19 7.08
CA PHE A 60 13.60 -7.81 7.57
C PHE A 60 12.17 -7.45 7.91
N ARG A 61 11.24 -7.82 7.03
CA ARG A 61 9.83 -7.54 7.24
C ARG A 61 9.37 -8.23 8.52
N SER A 62 9.96 -9.37 8.83
CA SER A 62 9.60 -10.12 10.03
C SER A 62 9.84 -9.31 11.30
N SER A 63 10.84 -8.45 11.30
CA SER A 63 11.16 -7.65 12.48
C SER A 63 10.00 -6.71 12.83
N ILE A 64 9.28 -6.26 11.81
CA ILE A 64 8.14 -5.37 12.03
C ILE A 64 7.06 -6.08 12.83
N ARG A 65 6.96 -7.39 12.66
CA ARG A 65 5.96 -8.18 13.37
C ARG A 65 6.12 -7.99 14.87
N ARG A 66 7.35 -7.75 15.31
CA ARG A 66 7.60 -7.52 16.73
C ARG A 66 6.77 -6.32 17.18
N LEU A 67 6.61 -5.35 16.29
CA LEU A 67 5.86 -4.15 16.60
C LEU A 67 4.43 -4.49 17.06
N SER A 68 3.94 -5.67 16.67
CA SER A 68 2.60 -6.10 17.06
C SER A 68 2.49 -6.30 18.56
N THR A 69 3.44 -7.04 19.13
CA THR A 69 3.43 -7.31 20.58
C THR A 69 4.49 -6.47 21.28
N ARG A 70 5.61 -6.26 20.60
CA ARG A 70 6.71 -5.46 21.12
C ARG A 70 7.42 -6.14 22.30
N ARG A 71 6.83 -6.05 23.49
CA ARG A 71 7.44 -6.65 24.68
C ARG A 71 6.44 -7.52 25.43
N ARG A 72 6.98 -8.48 26.17
CA ARG A 72 6.15 -9.40 26.96
C ARG A 72 5.48 -8.66 28.10
N GLU A 1 -33.03 30.02 -21.57
CA GLU A 1 -33.15 30.13 -20.08
C GLU A 1 -32.00 30.98 -19.55
N SER A 2 -31.16 30.38 -18.72
CA SER A 2 -30.02 31.09 -18.14
C SER A 2 -28.75 30.24 -18.25
N PRO A 3 -28.38 29.88 -19.45
CA PRO A 3 -27.16 29.05 -19.69
C PRO A 3 -25.88 29.84 -19.44
N LYS A 4 -26.01 31.15 -19.28
CA LYS A 4 -24.86 32.01 -19.05
C LYS A 4 -24.35 31.84 -17.62
N GLU A 5 -25.07 31.06 -16.82
CA GLU A 5 -24.68 30.83 -15.44
C GLU A 5 -23.89 29.53 -15.30
N HIS A 6 -23.06 29.45 -14.27
CA HIS A 6 -22.26 28.27 -14.03
C HIS A 6 -22.82 27.46 -12.88
N ASP A 7 -22.89 26.14 -13.06
CA ASP A 7 -23.42 25.27 -12.01
C ASP A 7 -22.29 24.66 -11.19
N PRO A 8 -22.58 24.16 -10.02
CA PRO A 8 -21.55 23.54 -9.13
C PRO A 8 -21.07 22.20 -9.67
N PHE A 9 -22.00 21.43 -10.25
CA PHE A 9 -21.64 20.13 -10.80
C PHE A 9 -20.48 20.24 -11.78
N THR A 10 -20.50 21.29 -12.60
CA THR A 10 -19.44 21.50 -13.58
C THR A 10 -18.11 21.80 -12.88
N TYR A 11 -18.17 22.58 -11.81
CA TYR A 11 -16.97 22.94 -11.07
C TYR A 11 -17.22 22.90 -9.57
N ASP A 12 -16.32 22.23 -8.83
CA ASP A 12 -16.44 22.11 -7.38
C ASP A 12 -15.65 20.90 -6.88
N TYR A 13 -15.57 19.87 -7.71
CA TYR A 13 -14.84 18.65 -7.36
C TYR A 13 -13.35 18.86 -7.54
N GLN A 14 -12.90 20.09 -7.34
CA GLN A 14 -11.48 20.42 -7.49
C GLN A 14 -10.60 19.46 -6.69
N SER A 15 -10.90 19.30 -5.41
CA SER A 15 -10.11 18.44 -4.55
C SER A 15 -10.52 16.98 -4.68
N LEU A 16 -11.81 16.76 -4.92
CA LEU A 16 -12.34 15.41 -5.04
C LEU A 16 -12.06 14.82 -6.42
N GLN A 17 -11.54 15.65 -7.33
CA GLN A 17 -11.24 15.18 -8.68
C GLN A 17 -10.06 14.21 -8.67
N ILE A 18 -8.96 14.62 -8.07
CA ILE A 18 -7.76 13.77 -8.01
C ILE A 18 -7.73 12.95 -6.72
N GLY A 19 -8.71 13.17 -5.86
CA GLY A 19 -8.78 12.47 -4.59
C GLY A 19 -8.70 10.95 -4.77
N GLY A 20 -9.87 10.31 -4.73
CA GLY A 20 -9.94 8.85 -4.87
C GLY A 20 -8.94 8.32 -5.91
N LEU A 21 -8.72 9.10 -6.98
CA LEU A 21 -7.80 8.66 -8.02
C LEU A 21 -6.41 8.39 -7.45
N VAL A 22 -5.89 9.36 -6.71
CA VAL A 22 -4.55 9.20 -6.12
C VAL A 22 -4.54 8.12 -5.04
N ILE A 23 -5.50 8.18 -4.12
CA ILE A 23 -5.57 7.20 -3.05
C ILE A 23 -5.67 5.78 -3.61
N ALA A 24 -6.53 5.59 -4.59
CA ALA A 24 -6.68 4.27 -5.20
C ALA A 24 -5.34 3.80 -5.75
N GLY A 25 -4.59 4.75 -6.32
CA GLY A 25 -3.29 4.43 -6.88
C GLY A 25 -2.36 3.83 -5.83
N ILE A 26 -2.36 4.39 -4.63
CA ILE A 26 -1.48 3.90 -3.57
C ILE A 26 -1.85 2.47 -3.17
N LEU A 27 -3.14 2.20 -3.00
CA LEU A 27 -3.57 0.86 -2.60
C LEU A 27 -3.08 -0.21 -3.58
N PHE A 28 -3.25 0.05 -4.87
CA PHE A 28 -2.84 -0.88 -5.90
C PHE A 28 -1.31 -0.92 -6.04
N ILE A 29 -0.67 0.23 -5.88
CA ILE A 29 0.79 0.30 -5.97
C ILE A 29 1.39 -0.51 -4.84
N LEU A 30 0.86 -0.30 -3.64
CA LEU A 30 1.27 -1.05 -2.49
C LEU A 30 0.87 -2.46 -2.79
N GLY A 31 -0.26 -2.55 -3.48
CA GLY A 31 -0.81 -3.84 -3.87
C GLY A 31 0.21 -4.66 -4.68
N ILE A 32 0.79 -4.04 -5.70
CA ILE A 32 1.76 -4.71 -6.56
C ILE A 32 3.07 -4.97 -5.81
N LEU A 33 3.55 -3.95 -5.10
CA LEU A 33 4.79 -4.09 -4.35
C LEU A 33 4.66 -5.19 -3.31
N ILE A 34 3.55 -5.14 -2.59
CA ILE A 34 3.28 -6.14 -1.55
C ILE A 34 3.23 -7.55 -2.12
N VAL A 35 2.52 -7.72 -3.23
CA VAL A 35 2.40 -9.03 -3.85
C VAL A 35 3.77 -9.61 -4.17
N LEU A 36 4.59 -8.84 -4.87
CA LEU A 36 5.93 -9.29 -5.24
C LEU A 36 6.79 -9.45 -3.99
N SER A 37 6.57 -8.59 -3.00
CA SER A 37 7.33 -8.64 -1.75
C SER A 37 7.12 -9.96 -1.03
N ARG A 38 5.92 -10.51 -1.12
CA ARG A 38 5.62 -11.77 -0.44
C ARG A 38 6.58 -12.86 -0.90
N ARG A 39 7.01 -12.78 -2.14
CA ARG A 39 7.93 -13.77 -2.69
C ARG A 39 9.29 -13.67 -2.00
N CYS A 40 9.65 -12.47 -1.59
CA CYS A 40 10.94 -12.25 -0.92
C CYS A 40 11.06 -13.12 0.34
N ARG A 41 9.97 -13.27 1.07
CA ARG A 41 9.98 -14.06 2.29
C ARG A 41 10.30 -15.52 2.00
N CYS A 42 9.67 -16.07 0.97
CA CYS A 42 9.89 -17.46 0.61
C CYS A 42 11.24 -17.67 -0.07
N LYS A 43 11.62 -16.71 -0.91
CA LYS A 43 12.89 -16.79 -1.63
C LYS A 43 14.08 -16.55 -0.71
N PHE A 44 13.86 -15.85 0.41
CA PHE A 44 14.95 -15.55 1.32
C PHE A 44 15.50 -16.79 2.00
N ASN A 45 14.60 -17.63 2.55
CA ASN A 45 14.99 -18.86 3.25
C ASN A 45 13.92 -19.28 4.25
N GLN A 46 12.90 -18.42 4.41
CA GLN A 46 11.83 -18.70 5.36
C GLN A 46 11.15 -20.04 5.04
N GLN A 47 11.12 -20.40 3.77
CA GLN A 47 10.50 -21.65 3.36
C GLN A 47 11.21 -22.84 4.02
N GLN A 48 12.46 -22.62 4.43
CA GLN A 48 13.23 -23.68 5.08
C GLN A 48 12.52 -24.18 6.33
N ARG A 49 12.02 -23.25 7.14
CA ARG A 49 11.32 -23.61 8.37
C ARG A 49 10.26 -22.57 8.72
N THR A 50 10.64 -21.63 9.58
CA THR A 50 9.71 -20.57 9.99
C THR A 50 10.45 -19.48 10.76
N GLY A 51 11.70 -19.74 11.11
CA GLY A 51 12.50 -18.78 11.85
C GLY A 51 12.65 -19.20 13.31
N GLU A 52 13.88 -19.47 13.72
CA GLU A 52 14.14 -19.88 15.09
C GLU A 52 14.13 -18.66 16.02
N PRO A 53 13.79 -18.83 17.30
CA PRO A 53 13.78 -17.68 18.26
C PRO A 53 15.04 -16.82 18.19
N ASP A 54 15.13 -15.83 19.06
CA ASP A 54 16.29 -14.95 19.11
C ASP A 54 16.49 -14.24 17.77
N GLU A 55 17.11 -14.93 16.83
CA GLU A 55 17.35 -14.35 15.51
C GLU A 55 16.05 -13.86 14.89
N GLU A 56 15.11 -14.77 14.70
CA GLU A 56 13.82 -14.42 14.11
C GLU A 56 13.99 -13.45 12.94
N GLU A 57 15.20 -13.40 12.39
CA GLU A 57 15.47 -12.51 11.26
C GLU A 57 15.08 -13.18 9.95
N GLY A 58 13.90 -12.81 9.43
CA GLY A 58 13.42 -13.38 8.19
C GLY A 58 13.75 -12.47 7.00
N THR A 59 12.90 -11.48 6.76
CA THR A 59 13.11 -10.55 5.66
C THR A 59 12.98 -9.10 6.16
N PHE A 60 13.17 -8.15 5.25
CA PHE A 60 13.07 -6.75 5.62
C PHE A 60 11.63 -6.39 5.95
N ARG A 61 10.73 -6.87 5.10
CA ARG A 61 9.31 -6.64 5.28
C ARG A 61 8.84 -7.31 6.57
N SER A 62 9.47 -8.43 6.91
CA SER A 62 9.12 -9.18 8.10
C SER A 62 9.32 -8.32 9.34
N SER A 63 10.31 -7.43 9.30
CA SER A 63 10.58 -6.57 10.44
C SER A 63 9.39 -5.64 10.69
N ILE A 64 8.62 -5.37 9.64
CA ILE A 64 7.44 -4.51 9.77
C ILE A 64 6.40 -5.17 10.67
N ARG A 65 6.34 -6.51 10.63
CA ARG A 65 5.38 -7.23 11.45
C ARG A 65 5.62 -6.94 12.92
N ARG A 66 6.88 -6.70 13.27
CA ARG A 66 7.21 -6.41 14.66
C ARG A 66 6.38 -5.23 15.13
N LEU A 67 6.16 -4.27 14.25
CA LEU A 67 5.37 -3.10 14.60
C LEU A 67 3.98 -3.51 15.10
N SER A 68 3.51 -4.67 14.62
CA SER A 68 2.18 -5.15 15.01
C SER A 68 2.12 -5.45 16.51
N THR A 69 3.10 -6.18 17.02
CA THR A 69 3.14 -6.52 18.45
C THR A 69 4.13 -5.64 19.20
N ARG A 70 5.26 -5.37 18.56
CA ARG A 70 6.29 -4.54 19.18
C ARG A 70 5.77 -3.13 19.43
N ARG A 71 5.53 -2.38 18.35
CA ARG A 71 5.05 -1.01 18.47
C ARG A 71 4.15 -0.65 17.28
N ARG A 72 2.94 -0.19 17.58
CA ARG A 72 2.00 0.20 16.53
C ARG A 72 2.72 0.96 15.42
N GLU A 1 -12.08 38.74 -14.52
CA GLU A 1 -13.06 38.48 -15.61
C GLU A 1 -14.38 38.02 -14.99
N SER A 2 -14.69 36.74 -15.18
CA SER A 2 -15.92 36.18 -14.63
C SER A 2 -15.67 34.80 -14.02
N PRO A 3 -16.57 34.33 -13.19
CA PRO A 3 -16.43 33.00 -12.53
C PRO A 3 -16.61 31.85 -13.51
N LYS A 4 -17.26 32.12 -14.63
CA LYS A 4 -17.50 31.09 -15.64
C LYS A 4 -16.21 30.78 -16.41
N GLU A 5 -15.26 31.71 -16.36
CA GLU A 5 -13.99 31.52 -17.05
C GLU A 5 -13.26 30.31 -16.50
N HIS A 6 -13.53 29.96 -15.26
CA HIS A 6 -12.89 28.82 -14.62
C HIS A 6 -13.53 27.51 -15.08
N ASP A 7 -12.73 26.44 -15.10
CA ASP A 7 -13.22 25.14 -15.53
C ASP A 7 -13.86 24.37 -14.38
N PRO A 8 -13.20 24.27 -13.24
CA PRO A 8 -13.74 23.52 -12.08
C PRO A 8 -14.78 24.32 -11.30
N PHE A 9 -14.78 25.63 -11.48
CA PHE A 9 -15.75 26.49 -10.79
C PHE A 9 -17.17 26.06 -11.12
N THR A 10 -17.38 25.64 -12.36
CA THR A 10 -18.71 25.21 -12.80
C THR A 10 -19.22 24.06 -11.93
N TYR A 11 -18.30 23.20 -11.50
CA TYR A 11 -18.65 22.05 -10.65
C TYR A 11 -18.19 22.28 -9.22
N ASP A 12 -19.08 21.99 -8.28
CA ASP A 12 -18.77 22.16 -6.86
C ASP A 12 -17.94 20.98 -6.35
N TYR A 13 -17.95 19.88 -7.10
CA TYR A 13 -17.20 18.70 -6.72
C TYR A 13 -15.70 18.91 -6.95
N GLN A 14 -15.25 20.14 -6.73
CA GLN A 14 -13.84 20.46 -6.92
C GLN A 14 -12.96 19.48 -6.16
N SER A 15 -13.23 19.31 -4.88
CA SER A 15 -12.44 18.38 -4.06
C SER A 15 -12.94 16.94 -4.22
N LEU A 16 -14.25 16.79 -4.44
CA LEU A 16 -14.85 15.47 -4.60
C LEU A 16 -14.62 14.94 -6.02
N GLN A 17 -13.99 15.75 -6.86
CA GLN A 17 -13.73 15.34 -8.24
C GLN A 17 -12.55 14.36 -8.31
N ILE A 18 -11.50 14.64 -7.57
CA ILE A 18 -10.31 13.79 -7.58
C ILE A 18 -10.25 12.89 -6.34
N GLY A 19 -11.02 13.25 -5.32
CA GLY A 19 -11.05 12.49 -4.07
C GLY A 19 -11.04 10.99 -4.33
N GLY A 20 -12.23 10.39 -4.27
CA GLY A 20 -12.38 8.96 -4.48
C GLY A 20 -11.41 8.41 -5.51
N LEU A 21 -10.99 9.26 -6.45
CA LEU A 21 -10.05 8.82 -7.48
C LEU A 21 -8.68 8.53 -6.90
N VAL A 22 -8.13 9.48 -6.15
CA VAL A 22 -6.82 9.28 -5.55
C VAL A 22 -6.85 8.20 -4.48
N ILE A 23 -7.80 8.30 -3.56
CA ILE A 23 -7.92 7.32 -2.47
C ILE A 23 -8.02 5.92 -3.05
N ALA A 24 -8.86 5.77 -4.06
CA ALA A 24 -9.04 4.47 -4.69
C ALA A 24 -7.70 3.96 -5.22
N GLY A 25 -6.91 4.89 -5.75
CA GLY A 25 -5.60 4.54 -6.30
C GLY A 25 -4.65 3.99 -5.23
N ILE A 26 -4.72 4.56 -4.02
CA ILE A 26 -3.82 4.11 -2.96
C ILE A 26 -4.14 2.68 -2.53
N LEU A 27 -5.42 2.38 -2.35
CA LEU A 27 -5.83 1.05 -1.91
C LEU A 27 -5.39 -0.03 -2.90
N PHE A 28 -5.66 0.20 -4.18
CA PHE A 28 -5.29 -0.73 -5.24
C PHE A 28 -3.78 -0.78 -5.42
N ILE A 29 -3.14 0.38 -5.31
CA ILE A 29 -1.69 0.45 -5.44
C ILE A 29 -1.08 -0.40 -4.37
N LEU A 30 -1.62 -0.27 -3.17
CA LEU A 30 -1.21 -1.10 -2.08
C LEU A 30 -1.57 -2.50 -2.48
N GLY A 31 -2.67 -2.58 -3.21
CA GLY A 31 -3.16 -3.88 -3.68
C GLY A 31 -2.09 -4.62 -4.48
N ILE A 32 -1.50 -3.96 -5.46
CA ILE A 32 -0.48 -4.60 -6.29
C ILE A 32 0.81 -4.83 -5.51
N LEU A 33 1.24 -3.84 -4.74
CA LEU A 33 2.47 -3.98 -3.97
C LEU A 33 2.33 -5.07 -2.92
N ILE A 34 1.22 -5.03 -2.19
CA ILE A 34 0.97 -6.02 -1.14
C ILE A 34 0.92 -7.44 -1.70
N VAL A 35 0.22 -7.62 -2.82
CA VAL A 35 0.10 -8.94 -3.42
C VAL A 35 1.47 -9.52 -3.71
N LEU A 36 2.30 -8.75 -4.40
CA LEU A 36 3.65 -9.20 -4.73
C LEU A 36 4.49 -9.33 -3.47
N SER A 37 4.20 -8.48 -2.48
CA SER A 37 4.93 -8.49 -1.22
C SER A 37 4.77 -9.83 -0.50
N ARG A 38 3.58 -10.41 -0.59
CA ARG A 38 3.31 -11.69 0.07
C ARG A 38 4.29 -12.75 -0.42
N ARG A 39 4.57 -12.74 -1.71
CA ARG A 39 5.50 -13.72 -2.29
C ARG A 39 6.86 -13.65 -1.60
N CYS A 40 7.20 -12.47 -1.09
CA CYS A 40 8.48 -12.28 -0.42
C CYS A 40 8.59 -13.19 0.81
N ARG A 41 7.56 -13.17 1.64
CA ARG A 41 7.57 -13.99 2.86
C ARG A 41 7.83 -15.45 2.51
N CYS A 42 7.24 -15.91 1.41
CA CYS A 42 7.42 -17.30 0.99
C CYS A 42 8.79 -17.50 0.35
N LYS A 43 9.23 -16.49 -0.43
CA LYS A 43 10.52 -16.58 -1.10
C LYS A 43 11.67 -16.35 -0.13
N PHE A 44 11.42 -15.59 0.94
CA PHE A 44 12.46 -15.28 1.90
C PHE A 44 12.94 -16.54 2.63
N ASN A 45 12.00 -17.34 3.13
CA ASN A 45 12.36 -18.55 3.84
C ASN A 45 12.47 -19.73 2.88
N GLN A 46 13.70 -20.18 2.65
CA GLN A 46 13.94 -21.30 1.75
C GLN A 46 13.30 -22.57 2.29
N GLN A 47 13.23 -22.69 3.60
CA GLN A 47 12.64 -23.87 4.22
C GLN A 47 11.21 -24.08 3.72
N GLN A 48 10.49 -22.98 3.53
CA GLN A 48 9.11 -23.07 3.06
C GLN A 48 9.06 -23.60 1.62
N ARG A 49 9.99 -23.13 0.79
CA ARG A 49 10.04 -23.58 -0.60
C ARG A 49 11.48 -23.74 -1.07
N THR A 50 11.85 -23.00 -2.11
CA THR A 50 13.20 -23.07 -2.64
C THR A 50 13.66 -21.70 -3.13
N GLY A 51 14.87 -21.31 -2.76
CA GLY A 51 15.40 -20.01 -3.18
C GLY A 51 16.90 -19.92 -2.90
N GLU A 52 17.48 -18.76 -3.19
CA GLU A 52 18.90 -18.54 -2.97
C GLU A 52 19.15 -18.12 -1.51
N PRO A 53 20.34 -18.32 -1.00
CA PRO A 53 20.69 -17.95 0.40
C PRO A 53 20.06 -16.62 0.81
N ASP A 54 19.94 -16.40 2.11
CA ASP A 54 19.36 -15.17 2.63
C ASP A 54 20.41 -14.07 2.70
N GLU A 55 20.06 -12.88 2.21
CA GLU A 55 20.97 -11.75 2.22
C GLU A 55 20.36 -10.58 2.98
N GLU A 56 19.20 -10.12 2.51
CA GLU A 56 18.53 -8.99 3.16
C GLU A 56 17.99 -9.40 4.52
N GLU A 57 16.82 -10.06 4.53
CA GLU A 57 16.23 -10.48 5.80
C GLU A 57 15.07 -11.45 5.56
N GLY A 58 13.84 -10.93 5.71
CA GLY A 58 12.65 -11.75 5.54
C GLY A 58 11.85 -11.78 6.84
N THR A 59 12.54 -12.07 7.93
CA THR A 59 11.90 -12.12 9.25
C THR A 59 11.74 -10.69 9.78
N PHE A 60 11.88 -9.72 8.89
CA PHE A 60 11.75 -8.32 9.27
C PHE A 60 10.30 -8.03 9.63
N ARG A 61 9.40 -8.52 8.79
CA ARG A 61 7.97 -8.33 9.00
C ARG A 61 7.56 -8.99 10.32
N SER A 62 8.23 -10.09 10.65
CA SER A 62 7.94 -10.83 11.88
C SER A 62 8.18 -9.95 13.10
N SER A 63 9.15 -9.06 13.02
CA SER A 63 9.46 -8.19 14.15
C SER A 63 8.27 -7.28 14.42
N ILE A 64 7.55 -6.93 13.36
CA ILE A 64 6.38 -6.07 13.48
C ILE A 64 5.30 -6.75 14.34
N ARG A 65 5.22 -8.07 14.27
CA ARG A 65 4.22 -8.79 15.07
C ARG A 65 4.43 -8.47 16.54
N ARG A 66 5.68 -8.18 16.89
CA ARG A 66 6.02 -7.85 18.27
C ARG A 66 5.15 -6.69 18.76
N LEU A 67 4.84 -5.75 17.87
CA LEU A 67 4.02 -4.60 18.25
C LEU A 67 2.63 -5.04 18.71
N SER A 68 2.21 -6.23 18.29
CA SER A 68 0.88 -6.72 18.65
C SER A 68 0.77 -6.95 20.15
N THR A 69 1.75 -7.66 20.72
CA THR A 69 1.76 -7.93 22.15
C THR A 69 2.83 -7.08 22.83
N ARG A 70 3.96 -6.96 22.16
CA ARG A 70 5.11 -6.19 22.65
C ARG A 70 5.21 -6.22 24.17
N ARG A 71 5.97 -7.18 24.68
CA ARG A 71 6.16 -7.30 26.11
C ARG A 71 7.47 -8.02 26.43
N ARG A 72 8.00 -7.76 27.62
CA ARG A 72 9.24 -8.38 28.04
C ARG A 72 9.06 -9.89 28.22
N GLU A 1 -27.42 24.23 -15.29
CA GLU A 1 -28.78 24.34 -15.89
C GLU A 1 -28.69 25.18 -17.18
N SER A 2 -27.52 25.73 -17.44
CA SER A 2 -27.31 26.54 -18.63
C SER A 2 -26.03 26.14 -19.34
N PRO A 3 -25.93 24.90 -19.74
CA PRO A 3 -24.72 24.38 -20.45
C PRO A 3 -24.61 24.90 -21.88
N LYS A 4 -25.68 25.53 -22.35
CA LYS A 4 -25.70 26.09 -23.69
C LYS A 4 -24.87 27.37 -23.76
N GLU A 5 -24.45 27.85 -22.59
CA GLU A 5 -23.65 29.07 -22.53
C GLU A 5 -22.26 28.84 -23.12
N HIS A 6 -21.71 29.87 -23.74
CA HIS A 6 -20.38 29.76 -24.34
C HIS A 6 -19.30 29.98 -23.31
N ASP A 7 -19.69 30.50 -22.15
CA ASP A 7 -18.74 30.76 -21.07
C ASP A 7 -18.22 29.44 -20.48
N PRO A 8 -17.11 29.48 -19.80
CA PRO A 8 -16.51 28.26 -19.17
C PRO A 8 -17.35 27.75 -18.00
N PHE A 9 -17.46 26.43 -17.88
CA PHE A 9 -18.23 25.83 -16.80
C PHE A 9 -17.29 25.30 -15.71
N THR A 10 -17.61 25.63 -14.46
CA THR A 10 -16.79 25.19 -13.33
C THR A 10 -17.50 24.08 -12.56
N TYR A 11 -16.70 23.21 -11.94
CA TYR A 11 -17.26 22.10 -11.17
C TYR A 11 -16.93 22.27 -9.69
N ASP A 12 -17.90 21.97 -8.83
CA ASP A 12 -17.70 22.09 -7.39
C ASP A 12 -16.94 20.86 -6.86
N TYR A 13 -16.76 19.87 -7.72
CA TYR A 13 -16.07 18.65 -7.35
C TYR A 13 -14.56 18.81 -7.52
N GLN A 14 -14.07 20.03 -7.34
CA GLN A 14 -12.64 20.29 -7.51
C GLN A 14 -11.79 19.31 -6.72
N SER A 15 -12.14 19.09 -5.46
CA SER A 15 -11.37 18.19 -4.60
C SER A 15 -11.77 16.72 -4.80
N LEU A 16 -13.04 16.49 -5.11
CA LEU A 16 -13.52 15.11 -5.30
C LEU A 16 -13.16 14.55 -6.67
N GLN A 17 -12.70 15.42 -7.58
CA GLN A 17 -12.33 14.97 -8.93
C GLN A 17 -11.15 14.00 -8.88
N ILE A 18 -10.08 14.41 -8.23
CA ILE A 18 -8.89 13.57 -8.13
C ILE A 18 -8.91 12.72 -6.86
N GLY A 19 -9.83 13.05 -5.95
CA GLY A 19 -9.95 12.33 -4.69
C GLY A 19 -9.84 10.82 -4.87
N GLY A 20 -11.00 10.16 -4.94
CA GLY A 20 -11.06 8.71 -5.10
C GLY A 20 -9.99 8.17 -6.05
N LEU A 21 -9.71 8.91 -7.12
CA LEU A 21 -8.72 8.47 -8.09
C LEU A 21 -7.38 8.16 -7.41
N VAL A 22 -6.91 9.12 -6.62
CA VAL A 22 -5.63 8.96 -5.93
C VAL A 22 -5.72 7.85 -4.87
N ILE A 23 -6.75 7.91 -4.03
CA ILE A 23 -6.91 6.92 -2.96
C ILE A 23 -6.95 5.51 -3.54
N ALA A 24 -7.73 5.33 -4.60
CA ALA A 24 -7.85 4.02 -5.24
C ALA A 24 -6.49 3.58 -5.77
N GLY A 25 -5.71 4.54 -6.23
CA GLY A 25 -4.39 4.25 -6.77
C GLY A 25 -3.45 3.69 -5.72
N ILE A 26 -3.46 4.26 -4.51
CA ILE A 26 -2.55 3.79 -3.47
C ILE A 26 -2.91 2.39 -2.97
N LEU A 27 -4.20 2.09 -2.84
CA LEU A 27 -4.62 0.76 -2.37
C LEU A 27 -4.21 -0.34 -3.35
N PHE A 28 -4.49 -0.11 -4.63
CA PHE A 28 -4.17 -1.07 -5.68
C PHE A 28 -2.67 -1.11 -5.94
N ILE A 29 -2.01 0.04 -5.85
CA ILE A 29 -0.56 0.10 -6.06
C ILE A 29 0.07 -0.76 -4.99
N LEU A 30 -0.39 -0.55 -3.77
CA LEU A 30 0.04 -1.35 -2.67
C LEU A 30 -0.35 -2.75 -3.03
N GLY A 31 -1.47 -2.84 -3.74
CA GLY A 31 -1.98 -4.13 -4.16
C GLY A 31 -0.93 -4.90 -4.98
N ILE A 32 -0.34 -4.24 -5.97
CA ILE A 32 0.67 -4.87 -6.82
C ILE A 32 1.97 -5.13 -6.06
N LEU A 33 2.42 -4.14 -5.30
CA LEU A 33 3.66 -4.27 -4.54
C LEU A 33 3.52 -5.36 -3.49
N ILE A 34 2.39 -5.34 -2.80
CA ILE A 34 2.13 -6.33 -1.75
C ILE A 34 2.11 -7.75 -2.30
N VAL A 35 1.43 -7.95 -3.43
CA VAL A 35 1.34 -9.27 -4.03
C VAL A 35 2.73 -9.83 -4.32
N LEU A 36 3.55 -9.05 -5.01
CA LEU A 36 4.91 -9.47 -5.34
C LEU A 36 5.75 -9.60 -4.07
N SER A 37 5.47 -8.75 -3.08
CA SER A 37 6.22 -8.78 -1.82
C SER A 37 5.99 -10.09 -1.08
N ARG A 38 4.78 -10.62 -1.18
CA ARG A 38 4.46 -11.87 -0.49
C ARG A 38 5.39 -12.99 -0.94
N ARG A 39 5.82 -12.93 -2.19
CA ARG A 39 6.72 -13.94 -2.74
C ARG A 39 8.08 -13.89 -2.02
N CYS A 40 8.44 -12.70 -1.55
CA CYS A 40 9.72 -12.52 -0.87
C CYS A 40 9.83 -13.41 0.37
N ARG A 41 8.79 -13.40 1.20
CA ARG A 41 8.79 -14.21 2.42
C ARG A 41 9.05 -15.68 2.10
N CYS A 42 8.41 -16.17 1.05
CA CYS A 42 8.58 -17.58 0.66
C CYS A 42 9.88 -17.78 -0.09
N LYS A 43 10.31 -16.77 -0.84
CA LYS A 43 11.54 -16.86 -1.62
C LYS A 43 12.79 -16.67 -0.74
N PHE A 44 12.65 -15.92 0.35
CA PHE A 44 13.79 -15.65 1.21
C PHE A 44 14.31 -16.92 1.89
N ASN A 45 13.40 -17.68 2.51
CA ASN A 45 13.74 -18.94 3.21
C ASN A 45 12.77 -19.19 4.36
N GLN A 46 12.37 -20.44 4.55
CA GLN A 46 11.46 -20.78 5.64
C GLN A 46 12.22 -20.90 6.96
N GLN A 47 13.51 -21.19 6.87
CA GLN A 47 14.36 -21.34 8.05
C GLN A 47 14.49 -20.02 8.81
N GLN A 48 14.18 -18.91 8.16
CA GLN A 48 14.27 -17.61 8.80
C GLN A 48 13.45 -17.58 10.09
N ARG A 49 12.43 -18.42 10.15
CA ARG A 49 11.58 -18.46 11.34
C ARG A 49 12.32 -19.12 12.50
N THR A 50 12.74 -18.31 13.46
CA THR A 50 13.46 -18.82 14.62
C THR A 50 14.47 -19.89 14.20
N GLY A 51 15.48 -19.48 13.44
CA GLY A 51 16.50 -20.41 12.96
C GLY A 51 17.91 -19.86 13.24
N GLU A 52 18.79 -20.00 12.26
CA GLU A 52 20.16 -19.53 12.39
C GLU A 52 20.24 -18.02 12.14
N PRO A 53 21.24 -17.35 12.65
CA PRO A 53 21.40 -15.89 12.46
C PRO A 53 21.01 -15.44 11.05
N ASP A 54 20.45 -14.24 10.95
CA ASP A 54 20.03 -13.69 9.66
C ASP A 54 20.86 -12.46 9.31
N GLU A 55 20.66 -11.96 8.09
CA GLU A 55 21.39 -10.78 7.63
C GLU A 55 20.55 -9.52 7.85
N GLU A 56 21.00 -8.41 7.28
CA GLU A 56 20.28 -7.14 7.41
C GLU A 56 18.85 -7.29 6.90
N GLU A 57 18.69 -8.11 5.87
CA GLU A 57 17.36 -8.33 5.29
C GLU A 57 16.80 -9.66 5.77
N GLY A 58 15.50 -9.86 5.56
CA GLY A 58 14.86 -11.09 5.99
C GLY A 58 14.60 -11.06 7.50
N THR A 59 13.47 -11.65 7.90
CA THR A 59 13.11 -11.69 9.32
C THR A 59 12.95 -10.26 9.85
N PHE A 60 13.12 -9.28 8.97
CA PHE A 60 12.98 -7.89 9.37
C PHE A 60 11.52 -7.59 9.67
N ARG A 61 10.65 -8.08 8.80
CA ARG A 61 9.22 -7.90 8.96
C ARG A 61 8.75 -8.63 10.22
N SER A 62 9.42 -9.72 10.54
CA SER A 62 9.06 -10.52 11.71
C SER A 62 9.32 -9.74 13.00
N SER A 63 10.35 -8.91 13.01
CA SER A 63 10.69 -8.12 14.19
C SER A 63 9.57 -7.13 14.51
N ILE A 64 8.85 -6.71 13.49
CA ILE A 64 7.74 -5.76 13.65
C ILE A 64 6.64 -6.36 14.53
N ARG A 65 6.47 -7.68 14.45
CA ARG A 65 5.44 -8.34 15.25
C ARG A 65 5.66 -8.02 16.73
N ARG A 66 6.91 -7.80 17.11
CA ARG A 66 7.22 -7.47 18.48
C ARG A 66 6.36 -6.29 18.91
N LEU A 67 6.13 -5.37 17.98
CA LEU A 67 5.33 -4.20 18.24
C LEU A 67 3.94 -4.59 18.74
N SER A 68 3.49 -5.79 18.35
CA SER A 68 2.17 -6.27 18.75
C SER A 68 2.13 -6.64 20.24
N THR A 69 3.11 -7.40 20.69
CA THR A 69 3.16 -7.82 22.08
C THR A 69 4.09 -6.94 22.92
N ARG A 70 5.20 -6.52 22.31
CA ARG A 70 6.17 -5.69 23.03
C ARG A 70 5.52 -4.41 23.55
N ARG A 71 4.89 -3.65 22.64
CA ARG A 71 4.23 -2.40 23.00
C ARG A 71 2.75 -2.44 22.64
N ARG A 72 1.93 -1.88 23.53
CA ARG A 72 0.48 -1.86 23.30
C ARG A 72 0.00 -3.20 22.74
#